data_3S9K
# 
_entry.id   3S9K 
# 
_audit_conform.dict_name       mmcif_pdbx.dic 
_audit_conform.dict_version    5.387 
_audit_conform.dict_location   http://mmcif.pdb.org/dictionaries/ascii/mmcif_pdbx.dic 
# 
loop_
_database_2.database_id 
_database_2.database_code 
_database_2.pdbx_database_accession 
_database_2.pdbx_DOI 
PDB   3S9K         pdb_00003s9k 10.2210/pdb3s9k/pdb 
RCSB  RCSB065932   ?            ?                   
WWPDB D_1000065932 ?            ?                   
# 
loop_
_pdbx_audit_revision_history.ordinal 
_pdbx_audit_revision_history.data_content_type 
_pdbx_audit_revision_history.major_revision 
_pdbx_audit_revision_history.minor_revision 
_pdbx_audit_revision_history.revision_date 
1 'Structure model' 1 0 2012-02-08 
2 'Structure model' 1 1 2012-02-15 
3 'Structure model' 1 2 2024-02-28 
# 
_pdbx_audit_revision_details.ordinal             1 
_pdbx_audit_revision_details.revision_ordinal    1 
_pdbx_audit_revision_details.data_content_type   'Structure model' 
_pdbx_audit_revision_details.provider            repository 
_pdbx_audit_revision_details.type                'Initial release' 
_pdbx_audit_revision_details.description         ? 
_pdbx_audit_revision_details.details             ? 
# 
loop_
_pdbx_audit_revision_group.ordinal 
_pdbx_audit_revision_group.revision_ordinal 
_pdbx_audit_revision_group.data_content_type 
_pdbx_audit_revision_group.group 
1 2 'Structure model' 'Database references'  
2 3 'Structure model' 'Data collection'      
3 3 'Structure model' 'Database references'  
4 3 'Structure model' 'Derived calculations' 
# 
loop_
_pdbx_audit_revision_category.ordinal 
_pdbx_audit_revision_category.revision_ordinal 
_pdbx_audit_revision_category.data_content_type 
_pdbx_audit_revision_category.category 
1 3 'Structure model' chem_comp_atom     
2 3 'Structure model' chem_comp_bond     
3 3 'Structure model' database_2         
4 3 'Structure model' struct_ref_seq_dif 
5 3 'Structure model' struct_site        
# 
loop_
_pdbx_audit_revision_item.ordinal 
_pdbx_audit_revision_item.revision_ordinal 
_pdbx_audit_revision_item.data_content_type 
_pdbx_audit_revision_item.item 
1 3 'Structure model' '_database_2.pdbx_DOI'                
2 3 'Structure model' '_database_2.pdbx_database_accession' 
3 3 'Structure model' '_struct_ref_seq_dif.details'         
4 3 'Structure model' '_struct_site.pdbx_auth_asym_id'      
5 3 'Structure model' '_struct_site.pdbx_auth_comp_id'      
6 3 'Structure model' '_struct_site.pdbx_auth_seq_id'       
# 
_pdbx_database_status.entry_id                        3S9K 
_pdbx_database_status.status_code                     REL 
_pdbx_database_status.deposit_site                    RCSB 
_pdbx_database_status.process_site                    RCSB 
_pdbx_database_status.recvd_initial_deposition_date   2011-06-01 
_pdbx_database_status.status_code_sf                  REL 
_pdbx_database_status.status_code_mr                  ? 
_pdbx_database_status.SG_entry                        ? 
_pdbx_database_status.status_code_cs                  ? 
_pdbx_database_status.methods_development_category    ? 
_pdbx_database_status.pdb_format_compatible           Y 
_pdbx_database_status.status_code_nmr_data            ? 
# 
loop_
_pdbx_database_related.db_name 
_pdbx_database_related.db_id 
_pdbx_database_related.details 
_pdbx_database_related.content_type 
PDB 1LUK 'NMR Structure of the Itk SH2 domain, Pro287cis, Energy minimized average structure'                       unspecified 
PDB 1LUN 'NMR Structure of the Itk SH2 domain, Pro287trans, energy minimized average structure'                     unspecified 
PDB 2ETZ 'The NMR minimized average structure of the Itk SH2 domain bound to a phosphopeptide'                      unspecified 
PDB 2K79 'Solution Structure of the binary complex between the SH3 and SH2 domain of interleukin-2 tyrosine kinase' unspecified 
# 
loop_
_audit_author.name 
_audit_author.pdbx_ordinal 
'Joseph, R.E.'    1 
'Ginder, N.D.'    2 
'Hoy, J.A.'       3 
'Nix, J.C.'       4 
'Fulton, B.D.'    5 
'Honzatko, R.B.'  6 
'Andreotti, A.H.' 7 
# 
loop_
_citation.id 
_citation.title 
_citation.journal_abbrev 
_citation.journal_volume 
_citation.page_first 
_citation.page_last 
_citation.year 
_citation.journal_id_ASTM 
_citation.country 
_citation.journal_id_ISSN 
_citation.journal_id_CSD 
_citation.book_publisher 
_citation.pdbx_database_id_PubMed 
_citation.pdbx_database_id_DOI 
primary 
'Structure of the interleukin-2 tyrosine kinase Src homology 2 domain; comparison between X-ray and NMR-derived structures.' 
'Acta Crystallogr.,Sect.F' 68 145 153 2012 ? DK 1744-3091 ? ? 22297986 10.1107/S1744309111049761 
1       
'Purification, crystallization and preliminary crystallographic analysis of the SH2 domain of IL-2-inducible T-cell kinase.' 
'Acta Crystallogr.,Sect.F' 67 269 273 2011 ? DK 1744-3091 ? ? 21301103 10.1107/S1744309110052346 
# 
loop_
_citation_author.citation_id 
_citation_author.name 
_citation_author.ordinal 
_citation_author.identifier_ORCID 
primary 'Joseph, R.E.'    1  ? 
primary 'Ginder, N.D.'    2  ? 
primary 'Hoy, J.A.'       3  ? 
primary 'Nix, J.C.'       4  ? 
primary 'Fulton, D.B.'    5  ? 
primary 'Honzatko, R.B.'  6  ? 
primary 'Andreotti, A.H.' 7  ? 
1       'Joseph, R.E.'    8  ? 
1       'Ginder, N.D.'    9  ? 
1       'Hoy, J.A.'       10 ? 
1       'Nix, J.C.'       11 ? 
1       'Honzatko, R.B.'  12 ? 
1       'Andreotti, A.H.' 13 ? 
# 
loop_
_entity.id 
_entity.type 
_entity.src_method 
_entity.pdbx_description 
_entity.formula_weight 
_entity.pdbx_number_of_molecules 
_entity.pdbx_ec 
_entity.pdbx_mutation 
_entity.pdbx_fragment 
_entity.details 
1 polymer     man 'Tyrosine-protein kinase ITK/TSK' 13540.280 1  2.7.10.2 ? 'SH2 domain (UNP Residues 236-344)' ? 
2 non-polymer syn 'CITRIC ACID'                     192.124   1  ?        ? ?                                   ? 
3 water       nat water                             18.015    17 ?        ? ?                                   ? 
# 
_entity_name_com.entity_id   1 
_entity_name_com.name        'IL-2-inducible T-cell kinase, Kinase EMT, Kinase TLK, T-cell-specific kinase' 
# 
_entity_poly.entity_id                      1 
_entity_poly.type                           'polypeptide(L)' 
_entity_poly.nstd_linkage                   no 
_entity_poly.nstd_monomer                   no 
_entity_poly.pdbx_seq_one_letter_code       
;GSPNNLETYEWYNKSISRDKAEKLLLDTGKEGAFMVRDSRTPGTYTVSVFTKAIISENPCIKHYHIKETNDSPKRYYVAE
KYVFDSIPLLIQYHQYNGGGLVTRLRYPVCGSPGIHRD
;
_entity_poly.pdbx_seq_one_letter_code_can   
;GSPNNLETYEWYNKSISRDKAEKLLLDTGKEGAFMVRDSRTPGTYTVSVFTKAIISENPCIKHYHIKETNDSPKRYYVAE
KYVFDSIPLLIQYHQYNGGGLVTRLRYPVCGSPGIHRD
;
_entity_poly.pdbx_strand_id                 A 
_entity_poly.pdbx_target_identifier         ? 
# 
loop_
_pdbx_entity_nonpoly.entity_id 
_pdbx_entity_nonpoly.name 
_pdbx_entity_nonpoly.comp_id 
2 'CITRIC ACID' CIT 
3 water         HOH 
# 
loop_
_entity_poly_seq.entity_id 
_entity_poly_seq.num 
_entity_poly_seq.mon_id 
_entity_poly_seq.hetero 
1 1   GLY n 
1 2   SER n 
1 3   PRO n 
1 4   ASN n 
1 5   ASN n 
1 6   LEU n 
1 7   GLU n 
1 8   THR n 
1 9   TYR n 
1 10  GLU n 
1 11  TRP n 
1 12  TYR n 
1 13  ASN n 
1 14  LYS n 
1 15  SER n 
1 16  ILE n 
1 17  SER n 
1 18  ARG n 
1 19  ASP n 
1 20  LYS n 
1 21  ALA n 
1 22  GLU n 
1 23  LYS n 
1 24  LEU n 
1 25  LEU n 
1 26  LEU n 
1 27  ASP n 
1 28  THR n 
1 29  GLY n 
1 30  LYS n 
1 31  GLU n 
1 32  GLY n 
1 33  ALA n 
1 34  PHE n 
1 35  MET n 
1 36  VAL n 
1 37  ARG n 
1 38  ASP n 
1 39  SER n 
1 40  ARG n 
1 41  THR n 
1 42  PRO n 
1 43  GLY n 
1 44  THR n 
1 45  TYR n 
1 46  THR n 
1 47  VAL n 
1 48  SER n 
1 49  VAL n 
1 50  PHE n 
1 51  THR n 
1 52  LYS n 
1 53  ALA n 
1 54  ILE n 
1 55  ILE n 
1 56  SER n 
1 57  GLU n 
1 58  ASN n 
1 59  PRO n 
1 60  CYS n 
1 61  ILE n 
1 62  LYS n 
1 63  HIS n 
1 64  TYR n 
1 65  HIS n 
1 66  ILE n 
1 67  LYS n 
1 68  GLU n 
1 69  THR n 
1 70  ASN n 
1 71  ASP n 
1 72  SER n 
1 73  PRO n 
1 74  LYS n 
1 75  ARG n 
1 76  TYR n 
1 77  TYR n 
1 78  VAL n 
1 79  ALA n 
1 80  GLU n 
1 81  LYS n 
1 82  TYR n 
1 83  VAL n 
1 84  PHE n 
1 85  ASP n 
1 86  SER n 
1 87  ILE n 
1 88  PRO n 
1 89  LEU n 
1 90  LEU n 
1 91  ILE n 
1 92  GLN n 
1 93  TYR n 
1 94  HIS n 
1 95  GLN n 
1 96  TYR n 
1 97  ASN n 
1 98  GLY n 
1 99  GLY n 
1 100 GLY n 
1 101 LEU n 
1 102 VAL n 
1 103 THR n 
1 104 ARG n 
1 105 LEU n 
1 106 ARG n 
1 107 TYR n 
1 108 PRO n 
1 109 VAL n 
1 110 CYS n 
1 111 GLY n 
1 112 SER n 
1 113 PRO n 
1 114 GLY n 
1 115 ILE n 
1 116 HIS n 
1 117 ARG n 
1 118 ASP n 
# 
_entity_src_gen.entity_id                          1 
_entity_src_gen.pdbx_src_id                        1 
_entity_src_gen.pdbx_alt_source_flag               sample 
_entity_src_gen.pdbx_seq_type                      ? 
_entity_src_gen.pdbx_beg_seq_num                   ? 
_entity_src_gen.pdbx_end_seq_num                   ? 
_entity_src_gen.gene_src_common_name               mouse 
_entity_src_gen.gene_src_genus                     ? 
_entity_src_gen.pdbx_gene_src_gene                 'Emt, IL-2 inducible T cell kinase, Itk, Tlk, Tsk' 
_entity_src_gen.gene_src_species                   ? 
_entity_src_gen.gene_src_strain                    ? 
_entity_src_gen.gene_src_tissue                    ? 
_entity_src_gen.gene_src_tissue_fraction           ? 
_entity_src_gen.gene_src_details                   ? 
_entity_src_gen.pdbx_gene_src_fragment             ? 
_entity_src_gen.pdbx_gene_src_scientific_name      'Mus musculus' 
_entity_src_gen.pdbx_gene_src_ncbi_taxonomy_id     10090 
_entity_src_gen.pdbx_gene_src_variant              ? 
_entity_src_gen.pdbx_gene_src_cell_line            ? 
_entity_src_gen.pdbx_gene_src_atcc                 ? 
_entity_src_gen.pdbx_gene_src_organ                ? 
_entity_src_gen.pdbx_gene_src_organelle            ? 
_entity_src_gen.pdbx_gene_src_cell                 ? 
_entity_src_gen.pdbx_gene_src_cellular_location    ? 
_entity_src_gen.host_org_common_name               ? 
_entity_src_gen.pdbx_host_org_scientific_name      'Escherichia coli' 
_entity_src_gen.pdbx_host_org_ncbi_taxonomy_id     469008 
_entity_src_gen.host_org_genus                     ? 
_entity_src_gen.pdbx_host_org_gene                 ? 
_entity_src_gen.pdbx_host_org_organ                ? 
_entity_src_gen.host_org_species                   ? 
_entity_src_gen.pdbx_host_org_tissue               ? 
_entity_src_gen.pdbx_host_org_tissue_fraction      ? 
_entity_src_gen.pdbx_host_org_strain               'BL21(DE3)' 
_entity_src_gen.pdbx_host_org_variant              ? 
_entity_src_gen.pdbx_host_org_cell_line            ? 
_entity_src_gen.pdbx_host_org_atcc                 ? 
_entity_src_gen.pdbx_host_org_culture_collection   ? 
_entity_src_gen.pdbx_host_org_cell                 ? 
_entity_src_gen.pdbx_host_org_organelle            ? 
_entity_src_gen.pdbx_host_org_cellular_location    ? 
_entity_src_gen.pdbx_host_org_vector_type          plasmid 
_entity_src_gen.pdbx_host_org_vector               ? 
_entity_src_gen.host_org_details                   ? 
_entity_src_gen.expression_system_id               ? 
_entity_src_gen.plasmid_name                       pGEX-2T 
_entity_src_gen.plasmid_details                    ? 
_entity_src_gen.pdbx_description                   ? 
# 
loop_
_chem_comp.id 
_chem_comp.type 
_chem_comp.mon_nstd_flag 
_chem_comp.name 
_chem_comp.pdbx_synonyms 
_chem_comp.formula 
_chem_comp.formula_weight 
ALA 'L-peptide linking' y ALANINE         ? 'C3 H7 N O2'     89.093  
ARG 'L-peptide linking' y ARGININE        ? 'C6 H15 N4 O2 1' 175.209 
ASN 'L-peptide linking' y ASPARAGINE      ? 'C4 H8 N2 O3'    132.118 
ASP 'L-peptide linking' y 'ASPARTIC ACID' ? 'C4 H7 N O4'     133.103 
CIT non-polymer         . 'CITRIC ACID'   ? 'C6 H8 O7'       192.124 
CYS 'L-peptide linking' y CYSTEINE        ? 'C3 H7 N O2 S'   121.158 
GLN 'L-peptide linking' y GLUTAMINE       ? 'C5 H10 N2 O3'   146.144 
GLU 'L-peptide linking' y 'GLUTAMIC ACID' ? 'C5 H9 N O4'     147.129 
GLY 'peptide linking'   y GLYCINE         ? 'C2 H5 N O2'     75.067  
HIS 'L-peptide linking' y HISTIDINE       ? 'C6 H10 N3 O2 1' 156.162 
HOH non-polymer         . WATER           ? 'H2 O'           18.015  
ILE 'L-peptide linking' y ISOLEUCINE      ? 'C6 H13 N O2'    131.173 
LEU 'L-peptide linking' y LEUCINE         ? 'C6 H13 N O2'    131.173 
LYS 'L-peptide linking' y LYSINE          ? 'C6 H15 N2 O2 1' 147.195 
MET 'L-peptide linking' y METHIONINE      ? 'C5 H11 N O2 S'  149.211 
PHE 'L-peptide linking' y PHENYLALANINE   ? 'C9 H11 N O2'    165.189 
PRO 'L-peptide linking' y PROLINE         ? 'C5 H9 N O2'     115.130 
SER 'L-peptide linking' y SERINE          ? 'C3 H7 N O3'     105.093 
THR 'L-peptide linking' y THREONINE       ? 'C4 H9 N O3'     119.119 
TRP 'L-peptide linking' y TRYPTOPHAN      ? 'C11 H12 N2 O2'  204.225 
TYR 'L-peptide linking' y TYROSINE        ? 'C9 H11 N O3'    181.189 
VAL 'L-peptide linking' y VALINE          ? 'C5 H11 N O2'    117.146 
# 
loop_
_pdbx_poly_seq_scheme.asym_id 
_pdbx_poly_seq_scheme.entity_id 
_pdbx_poly_seq_scheme.seq_id 
_pdbx_poly_seq_scheme.mon_id 
_pdbx_poly_seq_scheme.ndb_seq_num 
_pdbx_poly_seq_scheme.pdb_seq_num 
_pdbx_poly_seq_scheme.auth_seq_num 
_pdbx_poly_seq_scheme.pdb_mon_id 
_pdbx_poly_seq_scheme.auth_mon_id 
_pdbx_poly_seq_scheme.pdb_strand_id 
_pdbx_poly_seq_scheme.pdb_ins_code 
_pdbx_poly_seq_scheme.hetero 
A 1 1   GLY 1   1   ?   ?   ?   A . n 
A 1 2   SER 2   2   ?   ?   ?   A . n 
A 1 3   PRO 3   3   ?   ?   ?   A . n 
A 1 4   ASN 4   4   ?   ?   ?   A . n 
A 1 5   ASN 5   5   5   ASN ASN A . n 
A 1 6   LEU 6   6   6   LEU LEU A . n 
A 1 7   GLU 7   7   7   GLU GLU A . n 
A 1 8   THR 8   8   8   THR THR A . n 
A 1 9   TYR 9   9   9   TYR TYR A . n 
A 1 10  GLU 10  10  10  GLU GLU A . n 
A 1 11  TRP 11  11  11  TRP TRP A . n 
A 1 12  TYR 12  12  12  TYR TYR A . n 
A 1 13  ASN 13  13  13  ASN ASN A . n 
A 1 14  LYS 14  14  14  LYS LYS A . n 
A 1 15  SER 15  15  15  SER SER A . n 
A 1 16  ILE 16  16  16  ILE ILE A . n 
A 1 17  SER 17  17  17  SER SER A . n 
A 1 18  ARG 18  18  18  ARG ARG A . n 
A 1 19  ASP 19  19  19  ASP ASP A . n 
A 1 20  LYS 20  20  20  LYS LYS A . n 
A 1 21  ALA 21  21  21  ALA ALA A . n 
A 1 22  GLU 22  22  22  GLU GLU A . n 
A 1 23  LYS 23  23  23  LYS LYS A . n 
A 1 24  LEU 24  24  24  LEU LEU A . n 
A 1 25  LEU 25  25  25  LEU LEU A . n 
A 1 26  LEU 26  26  26  LEU LEU A . n 
A 1 27  ASP 27  27  27  ASP ASP A . n 
A 1 28  THR 28  28  28  THR THR A . n 
A 1 29  GLY 29  29  29  GLY GLY A . n 
A 1 30  LYS 30  30  30  LYS LYS A . n 
A 1 31  GLU 31  31  31  GLU GLU A . n 
A 1 32  GLY 32  32  32  GLY GLY A . n 
A 1 33  ALA 33  33  33  ALA ALA A . n 
A 1 34  PHE 34  34  34  PHE PHE A . n 
A 1 35  MET 35  35  35  MET MET A . n 
A 1 36  VAL 36  36  36  VAL VAL A . n 
A 1 37  ARG 37  37  37  ARG ARG A . n 
A 1 38  ASP 38  38  38  ASP ASP A . n 
A 1 39  SER 39  39  39  SER SER A . n 
A 1 40  ARG 40  40  40  ARG ARG A . n 
A 1 41  THR 41  41  41  THR THR A . n 
A 1 42  PRO 42  42  42  PRO PRO A . n 
A 1 43  GLY 43  43  43  GLY GLY A . n 
A 1 44  THR 44  44  44  THR THR A . n 
A 1 45  TYR 45  45  45  TYR TYR A . n 
A 1 46  THR 46  46  46  THR THR A . n 
A 1 47  VAL 47  47  47  VAL VAL A . n 
A 1 48  SER 48  48  48  SER SER A . n 
A 1 49  VAL 49  49  49  VAL VAL A . n 
A 1 50  PHE 50  50  50  PHE PHE A . n 
A 1 51  THR 51  51  51  THR THR A . n 
A 1 52  LYS 52  52  52  LYS LYS A . n 
A 1 53  ALA 53  53  53  ALA ALA A . n 
A 1 54  ILE 54  54  54  ILE ILE A . n 
A 1 55  ILE 55  55  55  ILE ILE A . n 
A 1 56  SER 56  56  56  SER SER A . n 
A 1 57  GLU 57  57  57  GLU GLU A . n 
A 1 58  ASN 58  58  58  ASN ASN A . n 
A 1 59  PRO 59  59  59  PRO PRO A . n 
A 1 60  CYS 60  60  60  CYS CYS A . n 
A 1 61  ILE 61  61  61  ILE ILE A . n 
A 1 62  LYS 62  62  62  LYS LYS A . n 
A 1 63  HIS 63  63  63  HIS HIS A . n 
A 1 64  TYR 64  64  64  TYR TYR A . n 
A 1 65  HIS 65  65  65  HIS HIS A . n 
A 1 66  ILE 66  66  66  ILE ILE A . n 
A 1 67  LYS 67  67  67  LYS LYS A . n 
A 1 68  GLU 68  68  68  GLU GLU A . n 
A 1 69  THR 69  69  69  THR THR A . n 
A 1 70  ASN 70  70  70  ASN ASN A . n 
A 1 71  ASP 71  71  71  ASP ASP A . n 
A 1 72  SER 72  72  72  SER SER A . n 
A 1 73  PRO 73  73  73  PRO PRO A . n 
A 1 74  LYS 74  74  74  LYS LYS A . n 
A 1 75  ARG 75  75  75  ARG ARG A . n 
A 1 76  TYR 76  76  76  TYR TYR A . n 
A 1 77  TYR 77  77  77  TYR TYR A . n 
A 1 78  VAL 78  78  78  VAL VAL A . n 
A 1 79  ALA 79  79  79  ALA ALA A . n 
A 1 80  GLU 80  80  80  GLU GLU A . n 
A 1 81  LYS 81  81  81  LYS LYS A . n 
A 1 82  TYR 82  82  82  TYR TYR A . n 
A 1 83  VAL 83  83  83  VAL VAL A . n 
A 1 84  PHE 84  84  84  PHE PHE A . n 
A 1 85  ASP 85  85  85  ASP ASP A . n 
A 1 86  SER 86  86  86  SER SER A . n 
A 1 87  ILE 87  87  87  ILE ILE A . n 
A 1 88  PRO 88  88  88  PRO PRO A . n 
A 1 89  LEU 89  89  89  LEU LEU A . n 
A 1 90  LEU 90  90  90  LEU LEU A . n 
A 1 91  ILE 91  91  91  ILE ILE A . n 
A 1 92  GLN 92  92  92  GLN GLN A . n 
A 1 93  TYR 93  93  93  TYR TYR A . n 
A 1 94  HIS 94  94  94  HIS HIS A . n 
A 1 95  GLN 95  95  95  GLN GLN A . n 
A 1 96  TYR 96  96  96  TYR TYR A . n 
A 1 97  ASN 97  97  97  ASN ASN A . n 
A 1 98  GLY 98  98  98  GLY GLY A . n 
A 1 99  GLY 99  99  99  GLY GLY A . n 
A 1 100 GLY 100 100 100 GLY GLY A . n 
A 1 101 LEU 101 101 101 LEU LEU A . n 
A 1 102 VAL 102 102 102 VAL VAL A . n 
A 1 103 THR 103 103 103 THR THR A . n 
A 1 104 ARG 104 104 104 ARG ARG A . n 
A 1 105 LEU 105 105 105 LEU LEU A . n 
A 1 106 ARG 106 106 106 ARG ARG A . n 
A 1 107 TYR 107 107 107 TYR TYR A . n 
A 1 108 PRO 108 108 108 PRO PRO A . n 
A 1 109 VAL 109 109 109 VAL VAL A . n 
A 1 110 CYS 110 110 110 CYS CYS A . n 
A 1 111 GLY 111 111 111 GLY GLY A . n 
A 1 112 SER 112 112 112 SER SER A . n 
A 1 113 PRO 113 113 113 PRO PRO A . n 
A 1 114 GLY 114 114 114 GLY GLY A . n 
A 1 115 ILE 115 115 115 ILE ILE A . n 
A 1 116 HIS 116 116 116 HIS HIS A . n 
A 1 117 ARG 117 117 117 ARG ARG A . n 
A 1 118 ASP 118 118 118 ASP ASP A . n 
# 
loop_
_pdbx_nonpoly_scheme.asym_id 
_pdbx_nonpoly_scheme.entity_id 
_pdbx_nonpoly_scheme.mon_id 
_pdbx_nonpoly_scheme.ndb_seq_num 
_pdbx_nonpoly_scheme.pdb_seq_num 
_pdbx_nonpoly_scheme.auth_seq_num 
_pdbx_nonpoly_scheme.pdb_mon_id 
_pdbx_nonpoly_scheme.auth_mon_id 
_pdbx_nonpoly_scheme.pdb_strand_id 
_pdbx_nonpoly_scheme.pdb_ins_code 
B 2 CIT 1  335 335 CIT CIT A . 
C 3 HOH 1  119 1   HOH HOH A . 
C 3 HOH 2  120 2   HOH HOH A . 
C 3 HOH 3  121 3   HOH HOH A . 
C 3 HOH 4  122 4   HOH HOH A . 
C 3 HOH 5  123 5   HOH HOH A . 
C 3 HOH 6  124 6   HOH HOH A . 
C 3 HOH 7  125 7   HOH HOH A . 
C 3 HOH 8  126 8   HOH HOH A . 
C 3 HOH 9  127 9   HOH HOH A . 
C 3 HOH 10 128 10  HOH HOH A . 
C 3 HOH 11 129 11  HOH HOH A . 
C 3 HOH 12 130 12  HOH HOH A . 
C 3 HOH 13 131 13  HOH HOH A . 
C 3 HOH 14 132 14  HOH HOH A . 
C 3 HOH 15 133 15  HOH HOH A . 
C 3 HOH 16 134 16  HOH HOH A . 
C 3 HOH 17 135 17  HOH HOH A . 
# 
loop_
_software.pdbx_ordinal 
_software.name 
_software.version 
_software.date 
_software.type 
_software.contact_author 
_software.contact_author_email 
_software.classification 
_software.location 
_software.language 
_software.citation_id 
1 d*TREK       9.4LDz    'Apr 24 2005'             package 'Jim W. Pflugrath' Jim.Pflugrath@Rigaku.com    'data scaling'    
http://www.rigaku.com/software/dtrek.html   ?   ? 
2 d*TREK       9.4LDz    'Apr 24 2005'             package 'Jim W. Pflugrath' Jim.Pflugrath@Rigaku.com    'data reduction'  
http://www.rigaku.com/software/dtrek.html   ?   ? 
3 PHASER       1.3.2     'Fri May 5 14:40:40 2006' program 'Randy J. Read'    cimr-phaser@lists.cam.ac.uk phasing           
http://www-structmed.cimr.cam.ac.uk/phaser/ ?   ? 
4 PHENIX       1.7.2_869 ?                         package 'Paul D. Adams'    PDAdams@lbl.gov             refinement        
http://www.phenix-online.org/               C++ ? 
5 PDB_EXTRACT  3.10      'June 10, 2010'           package PDB                deposit@deposit.rcsb.org    'data extraction' 
http://sw-tools.pdb.org/apps/PDB_EXTRACT/   C++ ? 
6 CrystalClear .         ?                         ?       ?                  ?                           'data collection' ? ?   
? 
7 SOLVE        .         ?                         ?       ?                  ?                           phasing           ? ?   
? 
# 
_cell.length_a           53.640 
_cell.length_b           57.360 
_cell.length_c           83.190 
_cell.angle_alpha        90.000 
_cell.angle_beta         90.000 
_cell.angle_gamma        90.000 
_cell.entry_id           3S9K 
_cell.pdbx_unique_axis   ? 
_cell.Z_PDB              8 
_cell.length_a_esd       ? 
_cell.length_b_esd       ? 
_cell.length_c_esd       ? 
_cell.angle_alpha_esd    ? 
_cell.angle_beta_esd     ? 
_cell.angle_gamma_esd    ? 
# 
_symmetry.space_group_name_H-M             'I 2 2 2' 
_symmetry.entry_id                         3S9K 
_symmetry.Int_Tables_number                23 
_symmetry.pdbx_full_space_group_name_H-M   ? 
_symmetry.cell_setting                     ? 
_symmetry.space_group_name_Hall            ? 
# 
_exptl.crystals_number   1 
_exptl.entry_id          3S9K 
_exptl.method            'X-RAY DIFFRACTION' 
# 
_exptl_crystal.id                    1 
_exptl_crystal.density_Matthews      2.36 
_exptl_crystal.density_meas          ? 
_exptl_crystal.density_percent_sol   47.95 
_exptl_crystal.description           ? 
_exptl_crystal.F_000                 ? 
_exptl_crystal.preparation           ? 
# 
_exptl_crystal_grow.crystal_id      1 
_exptl_crystal_grow.method          'VAPOR DIFFUSION, HANGING DROP' 
_exptl_crystal_grow.pH              5.3 
_exptl_crystal_grow.temp            298 
_exptl_crystal_grow.pdbx_details    
;0.1 M Sodium citrate, 10 % iso-propanol, 20 % w/v PEG 4000, 2 mM DTT with 12.5 mM Glycyl-glycyl-glycine as an additive, pH 5.3, VAPOR DIFFUSION, HANGING DROP, temperature 298K
;
_exptl_crystal_grow.temp_details    ? 
_exptl_crystal_grow.pdbx_pH_range   ? 
# 
loop_
_diffrn.id 
_diffrn.ambient_temp 
_diffrn.ambient_temp_details 
_diffrn.crystal_id 
1 100 ? 1 
2 100 ? 1 
# 
loop_
_diffrn_detector.diffrn_id 
_diffrn_detector.detector 
_diffrn_detector.type 
_diffrn_detector.pdbx_collection_date 
_diffrn_detector.details 
1 CCD NOIR-1 2005-05-24 ? 
2 CCD NOIR-1 2008-05-16 ? 
# 
loop_
_diffrn_radiation.diffrn_id 
_diffrn_radiation.pdbx_diffrn_protocol 
_diffrn_radiation.monochromator 
_diffrn_radiation.wavelength_id 
_diffrn_radiation.pdbx_monochromatic_or_laue_m_l 
_diffrn_radiation.pdbx_scattering_type 
1 'SINGLE WAVELENGTH' 'SAGITALLY FOCUSED Si(111)' 1 M x-ray 
2 MAD                 'SAGITALLY FOCUSED Si(111)' 1 M x-ray 
# 
loop_
_diffrn_radiation_wavelength.id 
_diffrn_radiation_wavelength.wavelength 
_diffrn_radiation_wavelength.wt 
1 1.2398 1.0 
2 0.979  1.0 
3 0.9793 1.0 
4 0.9640 1.0 
# 
loop_
_diffrn_source.diffrn_id 
_diffrn_source.source 
_diffrn_source.type 
_diffrn_source.pdbx_wavelength_list 
_diffrn_source.pdbx_wavelength 
_diffrn_source.pdbx_synchrotron_site 
_diffrn_source.pdbx_synchrotron_beamline 
1 SYNCHROTRON 'ALS BEAMLINE 4.2.2' 1.2398                  ? ALS 4.2.2 
2 SYNCHROTRON 'ALS BEAMLINE 4.2.2' '0.979, 0.9793, 0.9640' ? ALS 4.2.2 
# 
_reflns.entry_id                     3S9K 
_reflns.d_resolution_high            2.350 
_reflns.d_resolution_low             47.246 
_reflns.number_obs                   5487 
_reflns.pdbx_scaling_rejects         598 
_reflns.pdbx_Rmerge_I_obs            0.094 
_reflns.pdbx_netI_over_sigmaI        10.300 
_reflns.pdbx_chi_squared             0.960 
_reflns.pdbx_redundancy              5.340 
_reflns.percent_possible_obs         97.800 
_reflns.observed_criterion_sigma_F   ? 
_reflns.observed_criterion_sigma_I   ? 
_reflns.number_all                   ? 
_reflns.pdbx_Rsym_value              ? 
_reflns.B_iso_Wilson_estimate        ? 
_reflns.R_free_details               ? 
_reflns.limit_h_max                  ? 
_reflns.limit_h_min                  ? 
_reflns.limit_k_max                  ? 
_reflns.limit_k_min                  ? 
_reflns.limit_l_max                  ? 
_reflns.limit_l_min                  ? 
_reflns.observed_criterion_F_max     ? 
_reflns.observed_criterion_F_min     ? 
_reflns.pdbx_ordinal                 1 
_reflns.pdbx_diffrn_id               1,2 
# 
loop_
_reflns_shell.d_res_high 
_reflns_shell.d_res_low 
_reflns_shell.number_measured_obs 
_reflns_shell.number_measured_all 
_reflns_shell.number_unique_obs 
_reflns_shell.Rmerge_I_obs 
_reflns_shell.meanI_over_sigI_obs 
_reflns_shell.pdbx_Rsym_value 
_reflns_shell.pdbx_chi_squared 
_reflns_shell.pdbx_redundancy 
_reflns_shell.percent_possible_obs 
_reflns_shell.number_unique_all 
_reflns_shell.percent_possible_all 
_reflns_shell.pdbx_ordinal 
_reflns_shell.pdbx_diffrn_id 
2.350 2.430  ? 2342 ? 0.347 4.100  ? 1.160 4.420 ? 512 93.100 1  1,2 
2.430 2.530  ? 2962 ? 0.313 4.400  ? 0.920 5.300 ? 545 99.600 2  1,2 
2.530 2.650  ? 3047 ? 0.215 6.100  ? 0.980 5.540 ? 544 99.600 3  1,2 
2.650 2.790  ? 3058 ? 0.187 6.600  ? 0.990 5.530 ? 548 99.600 4  1,2 
2.790 2.960  ? 3111 ? 0.147 7.500  ? 0.850 5.580 ? 553 99.600 5  1,2 
2.960 3.190  ? 3149 ? 0.121 8.700  ? 0.870 5.540 ? 564 99.500 6  1,2 
3.190 3.510  ? 3025 ? 0.107 11.300 ? 0.810 5.570 ? 537 99.100 7  1,2 
3.510 4.020  ? 2935 ? 0.110 12.700 ? 0.970 5.230 ? 546 96.800 8  1,2 
4.020 5.060  ? 3130 ? 0.071 19.800 ? 1.020 5.340 ? 565 97.600 9  1,2 
5.060 47.220 ? 3113 ? 0.070 20.500 ? 1.080 5.250 ? 573 93.500 10 1,2 
# 
_refine.entry_id                                 3S9K 
_refine.pdbx_refine_id                           'X-RAY DIFFRACTION' 
_refine.ls_d_res_high                            2.3540 
_refine.ls_d_res_low                             47.2230 
_refine.pdbx_ls_sigma_F                          1.390 
_refine.pdbx_data_cutoff_high_absF               ? 
_refine.pdbx_data_cutoff_low_absF                ? 
_refine.ls_percent_reflns_obs                    85.4100 
_refine.ls_number_reflns_obs                     4777 
_refine.ls_number_reflns_all                     ? 
_refine.pdbx_ls_cross_valid_method               ? 
_refine.ls_matrix_type                           ? 
_refine.pdbx_R_Free_selection_details            ? 
_refine.details                                  ? 
_refine.ls_R_factor_all                          ? 
_refine.ls_R_factor_obs                          0.2375 
_refine.ls_R_factor_R_work                       0.2326 
_refine.ls_wR_factor_R_work                      ? 
_refine.ls_R_factor_R_free                       0.2827 
_refine.ls_wR_factor_R_free                      ? 
_refine.ls_percent_reflns_R_free                 9.5700 
_refine.ls_number_reflns_R_free                  457 
_refine.ls_number_reflns_R_work                  4320 
_refine.ls_R_factor_R_free_error                 ? 
_refine.B_iso_mean                               50.4871 
_refine.solvent_model_param_bsol                 39.2260 
_refine.solvent_model_param_ksol                 0.3520 
_refine.pdbx_isotropic_thermal_model             ? 
_refine.aniso_B[1][1]                            8.9612 
_refine.aniso_B[2][2]                            4.8007 
_refine.aniso_B[3][3]                            9.4175 
_refine.aniso_B[1][2]                            0.0000 
_refine.aniso_B[1][3]                            -0.0000 
_refine.aniso_B[2][3]                            -0.0000 
_refine.correlation_coeff_Fo_to_Fc               ? 
_refine.correlation_coeff_Fo_to_Fc_free          ? 
_refine.overall_SU_R_Cruickshank_DPI             ? 
_refine.pdbx_overall_SU_R_free_Cruickshank_DPI   ? 
_refine.pdbx_overall_SU_R_Blow_DPI               ? 
_refine.pdbx_overall_SU_R_free_Blow_DPI          ? 
_refine.overall_SU_R_free                        ? 
_refine.pdbx_overall_ESU_R_Free                  ? 
_refine.overall_SU_ML                            0.7500 
_refine.overall_SU_B                             ? 
_refine.solvent_model_details                    'FLAT BULK SOLVENT MODEL' 
_refine.pdbx_solvent_vdw_probe_radii             0.9000 
_refine.pdbx_solvent_ion_probe_radii             ? 
_refine.pdbx_solvent_shrinkage_radii             0.6000 
_refine.ls_number_parameters                     ? 
_refine.ls_number_restraints                     ? 
_refine.pdbx_starting_model                      ? 
_refine.pdbx_method_to_determine_struct          ? 
_refine.pdbx_stereochemistry_target_values       ML 
_refine.pdbx_stereochem_target_val_spec_case     ? 
_refine.overall_FOM_work_R_set                   0.7163 
_refine.B_iso_max                                137.680 
_refine.B_iso_min                                2.000 
_refine.pdbx_overall_phase_error                 33.2800 
_refine.occupancy_max                            1.000 
_refine.occupancy_min                            1.000 
_refine.pdbx_diffrn_id                           1,2 
_refine.pdbx_ls_sigma_I                          ? 
_refine.ls_redundancy_reflns_obs                 ? 
_refine.ls_R_factor_R_free_error_details         ? 
_refine.pdbx_overall_ESU_R                       ? 
_refine.pdbx_data_cutoff_high_rms_absF           ? 
_refine.overall_FOM_free_R_set                   ? 
_refine.pdbx_TLS_residual_ADP_flag               ? 
# 
_refine_hist.pdbx_refine_id                   'X-RAY DIFFRACTION' 
_refine_hist.cycle_id                         LAST 
_refine_hist.pdbx_number_atoms_protein        930 
_refine_hist.pdbx_number_atoms_nucleic_acid   0 
_refine_hist.pdbx_number_atoms_ligand         13 
_refine_hist.number_atoms_solvent             17 
_refine_hist.number_atoms_total               960 
_refine_hist.d_res_high                       2.3540 
_refine_hist.d_res_low                        47.2230 
# 
loop_
_refine_ls_restr.pdbx_refine_id 
_refine_ls_restr.type 
_refine_ls_restr.number 
_refine_ls_restr.dev_ideal 
_refine_ls_restr.dev_ideal_target 
_refine_ls_restr.weight 
_refine_ls_restr.pdbx_restraint_function 
'X-RAY DIFFRACTION' f_bond_d           966  0.009  ? ? ? 
'X-RAY DIFFRACTION' f_angle_d          1309 1.263  ? ? ? 
'X-RAY DIFFRACTION' f_chiral_restr     137  0.082  ? ? ? 
'X-RAY DIFFRACTION' f_plane_restr      168  0.007  ? ? ? 
'X-RAY DIFFRACTION' f_dihedral_angle_d 363  19.259 ? ? ? 
# 
loop_
_refine_ls_shell.d_res_high 
_refine_ls_shell.d_res_low 
_refine_ls_shell.pdbx_total_number_of_bins_used 
_refine_ls_shell.percent_reflns_obs 
_refine_ls_shell.number_reflns_R_work 
_refine_ls_shell.R_factor_all 
_refine_ls_shell.R_factor_R_work 
_refine_ls_shell.R_factor_R_free 
_refine_ls_shell.percent_reflns_R_free 
_refine_ls_shell.number_reflns_R_free 
_refine_ls_shell.R_factor_R_free_error 
_refine_ls_shell.number_reflns_all 
_refine_ls_shell.number_reflns_obs 
_refine_ls_shell.pdbx_refine_id 
_refine_ls_shell.redundancy_reflns_obs 
2.3540 2.6947  3 60.0000  996  . 0.3533 0.4298 . 103 . 1099 . 'X-RAY DIFFRACTION' . 
2.6947 3.3948  3 100.0000 1649 . 0.2551 0.3206 . 177 . 1826 . 'X-RAY DIFFRACTION' . 
3.3948 47.2323 3 96.0000  1675 . 0.2051 0.2464 . 177 . 1852 . 'X-RAY DIFFRACTION' . 
# 
_struct.entry_id                  3S9K 
_struct.title                     'Crystal structure of the Itk SH2 domain.' 
_struct.pdbx_model_details        ? 
_struct.pdbx_CASP_flag            ? 
_struct.pdbx_model_type_details   ? 
# 
_struct_keywords.entry_id        3S9K 
_struct_keywords.text            'proline isomerization, cis proline, domain swapped dimer, SH2 domain, TRANSFERASE' 
_struct_keywords.pdbx_keywords   TRANSFERASE 
# 
loop_
_struct_asym.id 
_struct_asym.pdbx_blank_PDB_chainid_flag 
_struct_asym.pdbx_modified 
_struct_asym.entity_id 
_struct_asym.details 
A N N 1 ? 
B N N 2 ? 
C N N 3 ? 
# 
_struct_ref.id                         1 
_struct_ref.db_name                    UNP 
_struct_ref.db_code                    ITK_MOUSE 
_struct_ref.pdbx_db_accession          Q03526 
_struct_ref.entity_id                  1 
_struct_ref.pdbx_seq_one_letter_code   
;SPNNLETYEWYNKSISRDKAEKLLLDTGKEGAFMVRDSRTPGTYTVSVFTKAIISENPCIKHYHIKETNDSPKRYYVAEK
YVFDSIPLLIQYHQYNGGGLVTRLRYPVC
;
_struct_ref.pdbx_align_begin           236 
_struct_ref.pdbx_db_isoform            ? 
# 
_struct_ref_seq.align_id                      1 
_struct_ref_seq.ref_id                        1 
_struct_ref_seq.pdbx_PDB_id_code              3S9K 
_struct_ref_seq.pdbx_strand_id                A 
_struct_ref_seq.seq_align_beg                 2 
_struct_ref_seq.pdbx_seq_align_beg_ins_code   ? 
_struct_ref_seq.seq_align_end                 110 
_struct_ref_seq.pdbx_seq_align_end_ins_code   ? 
_struct_ref_seq.pdbx_db_accession             Q03526 
_struct_ref_seq.db_align_beg                  236 
_struct_ref_seq.pdbx_db_align_beg_ins_code    ? 
_struct_ref_seq.db_align_end                  344 
_struct_ref_seq.pdbx_db_align_end_ins_code    ? 
_struct_ref_seq.pdbx_auth_seq_align_beg       2 
_struct_ref_seq.pdbx_auth_seq_align_end       110 
# 
loop_
_struct_ref_seq_dif.align_id 
_struct_ref_seq_dif.pdbx_pdb_id_code 
_struct_ref_seq_dif.mon_id 
_struct_ref_seq_dif.pdbx_pdb_strand_id 
_struct_ref_seq_dif.seq_num 
_struct_ref_seq_dif.pdbx_pdb_ins_code 
_struct_ref_seq_dif.pdbx_seq_db_name 
_struct_ref_seq_dif.pdbx_seq_db_accession_code 
_struct_ref_seq_dif.db_mon_id 
_struct_ref_seq_dif.pdbx_seq_db_seq_num 
_struct_ref_seq_dif.details 
_struct_ref_seq_dif.pdbx_auth_seq_num 
_struct_ref_seq_dif.pdbx_ordinal 
1 3S9K GLY A 1   ? UNP Q03526 ? ? 'expression tag' 1   1 
1 3S9K GLY A 111 ? UNP Q03526 ? ? 'expression tag' 111 2 
1 3S9K SER A 112 ? UNP Q03526 ? ? 'expression tag' 112 3 
1 3S9K PRO A 113 ? UNP Q03526 ? ? 'expression tag' 113 4 
1 3S9K GLY A 114 ? UNP Q03526 ? ? 'expression tag' 114 5 
1 3S9K ILE A 115 ? UNP Q03526 ? ? 'expression tag' 115 6 
1 3S9K HIS A 116 ? UNP Q03526 ? ? 'expression tag' 116 7 
1 3S9K ARG A 117 ? UNP Q03526 ? ? 'expression tag' 117 8 
1 3S9K ASP A 118 ? UNP Q03526 ? ? 'expression tag' 118 9 
# 
loop_
_pdbx_struct_assembly.id 
_pdbx_struct_assembly.details 
_pdbx_struct_assembly.method_details 
_pdbx_struct_assembly.oligomeric_details 
_pdbx_struct_assembly.oligomeric_count 
1 author_defined_assembly   ?    monomeric 1 
2 software_defined_assembly PISA dimeric   2 
# 
loop_
_pdbx_struct_assembly_prop.biol_id 
_pdbx_struct_assembly_prop.type 
_pdbx_struct_assembly_prop.value 
_pdbx_struct_assembly_prop.details 
2 'ABSA (A^2)' 5860  ? 
2 MORE         -45   ? 
2 'SSA (A^2)'  12900 ? 
# 
loop_
_pdbx_struct_assembly_gen.assembly_id 
_pdbx_struct_assembly_gen.oper_expression 
_pdbx_struct_assembly_gen.asym_id_list 
1 1   A,B,C 
2 1,2 A,B,C 
# 
loop_
_pdbx_struct_oper_list.id 
_pdbx_struct_oper_list.type 
_pdbx_struct_oper_list.name 
_pdbx_struct_oper_list.symmetry_operation 
_pdbx_struct_oper_list.matrix[1][1] 
_pdbx_struct_oper_list.matrix[1][2] 
_pdbx_struct_oper_list.matrix[1][3] 
_pdbx_struct_oper_list.vector[1] 
_pdbx_struct_oper_list.matrix[2][1] 
_pdbx_struct_oper_list.matrix[2][2] 
_pdbx_struct_oper_list.matrix[2][3] 
_pdbx_struct_oper_list.vector[2] 
_pdbx_struct_oper_list.matrix[3][1] 
_pdbx_struct_oper_list.matrix[3][2] 
_pdbx_struct_oper_list.matrix[3][3] 
_pdbx_struct_oper_list.vector[3] 
1 'identity operation'         1_555 x,y,z     1.0000000000 0.0000000000 0.0000000000 0.0000000000  0.0000000000 1.0000000000  0.0000000000 0.0000000000 0.0000000000 0.0000000000 1.0000000000  0.0000000000 
2 'crystal symmetry operation' 2_545 -x,-y-1,z 0.6619476107 0.7468958471 0.0630234423 -4.1753760370 0.7468958471 -0.6643375502 0.0283233641 9.1767719360 0.0630234423 0.0283233641 -0.9976100605 1.3512968490 
# 
_struct_biol.id        1 
_struct_biol.details   ? 
# 
loop_
_struct_conf.conf_type_id 
_struct_conf.id 
_struct_conf.pdbx_PDB_helix_id 
_struct_conf.beg_label_comp_id 
_struct_conf.beg_label_asym_id 
_struct_conf.beg_label_seq_id 
_struct_conf.pdbx_beg_PDB_ins_code 
_struct_conf.end_label_comp_id 
_struct_conf.end_label_asym_id 
_struct_conf.end_label_seq_id 
_struct_conf.pdbx_end_PDB_ins_code 
_struct_conf.beg_auth_comp_id 
_struct_conf.beg_auth_asym_id 
_struct_conf.beg_auth_seq_id 
_struct_conf.end_auth_comp_id 
_struct_conf.end_auth_asym_id 
_struct_conf.end_auth_seq_id 
_struct_conf.pdbx_PDB_helix_class 
_struct_conf.details 
_struct_conf.pdbx_PDB_helix_length 
HELX_P HELX_P1 1 ASN A 5  ? TYR A 9  ? ASN A 5  TYR A 9  5 ? 5  
HELX_P HELX_P2 2 SER A 17 ? GLY A 29 ? SER A 17 GLY A 29 1 ? 13 
HELX_P HELX_P3 3 SER A 86 ? ASN A 97 ? SER A 86 ASN A 97 1 ? 12 
# 
_struct_conf_type.id          HELX_P 
_struct_conf_type.criteria    ? 
_struct_conf_type.reference   ? 
# 
loop_
_struct_mon_prot_cis.pdbx_id 
_struct_mon_prot_cis.label_comp_id 
_struct_mon_prot_cis.label_seq_id 
_struct_mon_prot_cis.label_asym_id 
_struct_mon_prot_cis.label_alt_id 
_struct_mon_prot_cis.pdbx_PDB_ins_code 
_struct_mon_prot_cis.auth_comp_id 
_struct_mon_prot_cis.auth_seq_id 
_struct_mon_prot_cis.auth_asym_id 
_struct_mon_prot_cis.pdbx_label_comp_id_2 
_struct_mon_prot_cis.pdbx_label_seq_id_2 
_struct_mon_prot_cis.pdbx_label_asym_id_2 
_struct_mon_prot_cis.pdbx_PDB_ins_code_2 
_struct_mon_prot_cis.pdbx_auth_comp_id_2 
_struct_mon_prot_cis.pdbx_auth_seq_id_2 
_struct_mon_prot_cis.pdbx_auth_asym_id_2 
_struct_mon_prot_cis.pdbx_PDB_model_num 
_struct_mon_prot_cis.pdbx_omega_angle 
1 ASN 58 A . ? ASN 58 A PRO 59 A ? PRO 59 A 1 -12.66 
2 SER 72 A . ? SER 72 A PRO 73 A ? PRO 73 A 1 -1.74  
# 
_struct_sheet.id               A 
_struct_sheet.type             ? 
_struct_sheet.number_strands   4 
_struct_sheet.details          ? 
# 
loop_
_struct_sheet_order.sheet_id 
_struct_sheet_order.range_id_1 
_struct_sheet_order.range_id_2 
_struct_sheet_order.offset 
_struct_sheet_order.sense 
A 1 2 ? anti-parallel 
A 2 3 ? anti-parallel 
A 3 4 ? anti-parallel 
# 
loop_
_struct_sheet_range.sheet_id 
_struct_sheet_range.id 
_struct_sheet_range.beg_label_comp_id 
_struct_sheet_range.beg_label_asym_id 
_struct_sheet_range.beg_label_seq_id 
_struct_sheet_range.pdbx_beg_PDB_ins_code 
_struct_sheet_range.end_label_comp_id 
_struct_sheet_range.end_label_asym_id 
_struct_sheet_range.end_label_seq_id 
_struct_sheet_range.pdbx_end_PDB_ins_code 
_struct_sheet_range.beg_auth_comp_id 
_struct_sheet_range.beg_auth_asym_id 
_struct_sheet_range.beg_auth_seq_id 
_struct_sheet_range.end_auth_comp_id 
_struct_sheet_range.end_auth_asym_id 
_struct_sheet_range.end_auth_seq_id 
A 1 PHE A 34 ? ASP A 38 ? PHE A 34 ASP A 38 
A 2 TYR A 45 ? THR A 51 ? TYR A 45 THR A 51 
A 3 CYS A 60 ? GLU A 68 ? CYS A 60 GLU A 68 
A 4 TYR A 76 ? ALA A 79 ? TYR A 76 ALA A 79 
# 
loop_
_pdbx_struct_sheet_hbond.sheet_id 
_pdbx_struct_sheet_hbond.range_id_1 
_pdbx_struct_sheet_hbond.range_id_2 
_pdbx_struct_sheet_hbond.range_1_label_atom_id 
_pdbx_struct_sheet_hbond.range_1_label_comp_id 
_pdbx_struct_sheet_hbond.range_1_label_asym_id 
_pdbx_struct_sheet_hbond.range_1_label_seq_id 
_pdbx_struct_sheet_hbond.range_1_PDB_ins_code 
_pdbx_struct_sheet_hbond.range_1_auth_atom_id 
_pdbx_struct_sheet_hbond.range_1_auth_comp_id 
_pdbx_struct_sheet_hbond.range_1_auth_asym_id 
_pdbx_struct_sheet_hbond.range_1_auth_seq_id 
_pdbx_struct_sheet_hbond.range_2_label_atom_id 
_pdbx_struct_sheet_hbond.range_2_label_comp_id 
_pdbx_struct_sheet_hbond.range_2_label_asym_id 
_pdbx_struct_sheet_hbond.range_2_label_seq_id 
_pdbx_struct_sheet_hbond.range_2_PDB_ins_code 
_pdbx_struct_sheet_hbond.range_2_auth_atom_id 
_pdbx_struct_sheet_hbond.range_2_auth_comp_id 
_pdbx_struct_sheet_hbond.range_2_auth_asym_id 
_pdbx_struct_sheet_hbond.range_2_auth_seq_id 
A 1 2 N ARG A 37 ? N ARG A 37 O THR A 46 ? O THR A 46 
A 2 3 N VAL A 47 ? N VAL A 47 O TYR A 64 ? O TYR A 64 
A 3 4 N LYS A 67 ? N LYS A 67 O TYR A 77 ? O TYR A 77 
# 
_struct_site.id                   AC1 
_struct_site.pdbx_evidence_code   Software 
_struct_site.pdbx_auth_asym_id    A 
_struct_site.pdbx_auth_comp_id    CIT 
_struct_site.pdbx_auth_seq_id     335 
_struct_site.pdbx_auth_ins_code   ? 
_struct_site.pdbx_num_residues    5 
_struct_site.details              'BINDING SITE FOR RESIDUE CIT A 335' 
# 
loop_
_struct_site_gen.id 
_struct_site_gen.site_id 
_struct_site_gen.pdbx_num_res 
_struct_site_gen.label_comp_id 
_struct_site_gen.label_asym_id 
_struct_site_gen.label_seq_id 
_struct_site_gen.pdbx_auth_ins_code 
_struct_site_gen.auth_comp_id 
_struct_site_gen.auth_asym_id 
_struct_site_gen.auth_seq_id 
_struct_site_gen.label_atom_id 
_struct_site_gen.label_alt_id 
_struct_site_gen.symmetry 
_struct_site_gen.details 
1 AC1 5 TYR A 9  ? TYR A 9  . ? 8_444 ? 
2 AC1 5 GLU A 10 ? GLU A 10 . ? 8_444 ? 
3 AC1 5 ARG A 18 ? ARG A 18 . ? 1_555 ? 
4 AC1 5 ARG A 37 ? ARG A 37 . ? 1_555 ? 
5 AC1 5 ARG A 40 ? ARG A 40 . ? 1_555 ? 
# 
loop_
_pdbx_validate_close_contact.id 
_pdbx_validate_close_contact.PDB_model_num 
_pdbx_validate_close_contact.auth_atom_id_1 
_pdbx_validate_close_contact.auth_asym_id_1 
_pdbx_validate_close_contact.auth_comp_id_1 
_pdbx_validate_close_contact.auth_seq_id_1 
_pdbx_validate_close_contact.PDB_ins_code_1 
_pdbx_validate_close_contact.label_alt_id_1 
_pdbx_validate_close_contact.auth_atom_id_2 
_pdbx_validate_close_contact.auth_asym_id_2 
_pdbx_validate_close_contact.auth_comp_id_2 
_pdbx_validate_close_contact.auth_seq_id_2 
_pdbx_validate_close_contact.PDB_ins_code_2 
_pdbx_validate_close_contact.label_alt_id_2 
_pdbx_validate_close_contact.dist 
1 1 O A HOH 126 ? ? O A HOH 130 ? ? 2.03 
2 1 O A ALA 53  ? ? O A HOH 133 ? ? 2.17 
# 
loop_
_pdbx_validate_torsion.id 
_pdbx_validate_torsion.PDB_model_num 
_pdbx_validate_torsion.auth_comp_id 
_pdbx_validate_torsion.auth_asym_id 
_pdbx_validate_torsion.auth_seq_id 
_pdbx_validate_torsion.PDB_ins_code 
_pdbx_validate_torsion.label_alt_id 
_pdbx_validate_torsion.phi 
_pdbx_validate_torsion.psi 
1  1 LYS A 14  ? ? 35.63   -87.94 
2  1 LYS A 52  ? ? -116.41 68.01  
3  1 ALA A 53  ? ? -101.61 -76.84 
4  1 ILE A 54  ? ? -68.15  88.29  
5  1 SER A 56  ? ? -142.90 50.25  
6  1 GLU A 57  ? ? 65.98   81.28  
7  1 ASN A 70  ? ? -106.39 62.32  
8  1 LYS A 74  ? ? 174.73  138.83 
9  1 THR A 103 ? ? -144.68 -17.15 
10 1 ARG A 104 ? ? 68.03   144.39 
# 
_diffrn_reflns.diffrn_id                   1 
_diffrn_reflns.pdbx_d_res_high             2.500 
_diffrn_reflns.pdbx_d_res_low              43.390 
_diffrn_reflns.pdbx_number_obs             4137 
_diffrn_reflns.pdbx_Rmerge_I_obs           0.093 
_diffrn_reflns.pdbx_Rsym_value             ? 
_diffrn_reflns.pdbx_chi_squared            0.97 
_diffrn_reflns.av_sigmaI_over_netI         ? 
_diffrn_reflns.pdbx_redundancy             6.98 
_diffrn_reflns.pdbx_percent_possible_obs   100.00 
_diffrn_reflns.number                      29187 
_diffrn_reflns.pdbx_observed_criterion     ? 
_diffrn_reflns.limit_h_max                 ? 
_diffrn_reflns.limit_h_min                 ? 
_diffrn_reflns.limit_k_max                 ? 
_diffrn_reflns.limit_k_min                 ? 
_diffrn_reflns.limit_l_max                 ? 
_diffrn_reflns.limit_l_min                 ? 
# 
loop_
_pdbx_diffrn_reflns_shell.diffrn_id 
_pdbx_diffrn_reflns_shell.d_res_high 
_pdbx_diffrn_reflns_shell.d_res_low 
_pdbx_diffrn_reflns_shell.number_obs 
_pdbx_diffrn_reflns_shell.rejects 
_pdbx_diffrn_reflns_shell.Rmerge_I_obs 
_pdbx_diffrn_reflns_shell.Rsym_value 
_pdbx_diffrn_reflns_shell.chi_squared 
_pdbx_diffrn_reflns_shell.redundancy 
_pdbx_diffrn_reflns_shell.percent_possible_obs 
1 5.38 43.39 ? 24 0.069 ? 0.940 6.36 100.00 
1 4.27 5.38  ? 26 0.064 ? 0.880 6.89 100.00 
1 3.73 4.27  ? 34 0.067 ? 0.940 6.97 100.00 
1 3.39 3.73  ? 10 0.098 ? 0.920 7.12 100.00 
1 3.15 3.39  ? 32 0.115 ? 0.960 7.00 100.00 
1 2.96 3.15  ? 45 0.187 ? 0.990 7.06 100.00 
1 2.82 2.96  ? 45 0.264 ? 0.950 7.05 100.00 
1 2.69 2.82  ? 42 0.349 ? 1.020 7.15 100.00 
1 2.59 2.69  ? 27 0.378 ? 1.130 7.08 100.00 
1 2.50 2.59  ? 7  0.504 ? 0.970 7.26 100.00 
# 
_pdbx_phasing_MR.entry_id                     3S9K 
_pdbx_phasing_MR.method_rotation              ? 
_pdbx_phasing_MR.method_translation           ? 
_pdbx_phasing_MR.model_details                'Phaser MODE: MR_AUTO' 
_pdbx_phasing_MR.R_factor                     41.700 
_pdbx_phasing_MR.R_rigid_body                 ? 
_pdbx_phasing_MR.correlation_coeff_Fo_to_Fc   ? 
_pdbx_phasing_MR.correlation_coeff_Io_to_Ic   ? 
_pdbx_phasing_MR.d_res_high_rotation          4.000 
_pdbx_phasing_MR.d_res_low_rotation           8.000 
_pdbx_phasing_MR.d_res_high_translation       4.000 
_pdbx_phasing_MR.d_res_low_translation        8.000 
_pdbx_phasing_MR.packing                      ? 
_pdbx_phasing_MR.reflns_percent_rotation      ? 
_pdbx_phasing_MR.reflns_percent_translation   ? 
_pdbx_phasing_MR.sigma_F_rotation             ? 
_pdbx_phasing_MR.sigma_F_translation          ? 
_pdbx_phasing_MR.sigma_I_rotation             ? 
_pdbx_phasing_MR.sigma_I_translation          ? 
# 
_phasing.method   MR 
# 
loop_
_pdbx_unobs_or_zero_occ_residues.id 
_pdbx_unobs_or_zero_occ_residues.PDB_model_num 
_pdbx_unobs_or_zero_occ_residues.polymer_flag 
_pdbx_unobs_or_zero_occ_residues.occupancy_flag 
_pdbx_unobs_or_zero_occ_residues.auth_asym_id 
_pdbx_unobs_or_zero_occ_residues.auth_comp_id 
_pdbx_unobs_or_zero_occ_residues.auth_seq_id 
_pdbx_unobs_or_zero_occ_residues.PDB_ins_code 
_pdbx_unobs_or_zero_occ_residues.label_asym_id 
_pdbx_unobs_or_zero_occ_residues.label_comp_id 
_pdbx_unobs_or_zero_occ_residues.label_seq_id 
1 1 Y 1 A GLY 1 ? A GLY 1 
2 1 Y 1 A SER 2 ? A SER 2 
3 1 Y 1 A PRO 3 ? A PRO 3 
4 1 Y 1 A ASN 4 ? A ASN 4 
# 
loop_
_chem_comp_atom.comp_id 
_chem_comp_atom.atom_id 
_chem_comp_atom.type_symbol 
_chem_comp_atom.pdbx_aromatic_flag 
_chem_comp_atom.pdbx_stereo_config 
_chem_comp_atom.pdbx_ordinal 
ALA N    N N N 1   
ALA CA   C N S 2   
ALA C    C N N 3   
ALA O    O N N 4   
ALA CB   C N N 5   
ALA OXT  O N N 6   
ALA H    H N N 7   
ALA H2   H N N 8   
ALA HA   H N N 9   
ALA HB1  H N N 10  
ALA HB2  H N N 11  
ALA HB3  H N N 12  
ALA HXT  H N N 13  
ARG N    N N N 14  
ARG CA   C N S 15  
ARG C    C N N 16  
ARG O    O N N 17  
ARG CB   C N N 18  
ARG CG   C N N 19  
ARG CD   C N N 20  
ARG NE   N N N 21  
ARG CZ   C N N 22  
ARG NH1  N N N 23  
ARG NH2  N N N 24  
ARG OXT  O N N 25  
ARG H    H N N 26  
ARG H2   H N N 27  
ARG HA   H N N 28  
ARG HB2  H N N 29  
ARG HB3  H N N 30  
ARG HG2  H N N 31  
ARG HG3  H N N 32  
ARG HD2  H N N 33  
ARG HD3  H N N 34  
ARG HE   H N N 35  
ARG HH11 H N N 36  
ARG HH12 H N N 37  
ARG HH21 H N N 38  
ARG HH22 H N N 39  
ARG HXT  H N N 40  
ASN N    N N N 41  
ASN CA   C N S 42  
ASN C    C N N 43  
ASN O    O N N 44  
ASN CB   C N N 45  
ASN CG   C N N 46  
ASN OD1  O N N 47  
ASN ND2  N N N 48  
ASN OXT  O N N 49  
ASN H    H N N 50  
ASN H2   H N N 51  
ASN HA   H N N 52  
ASN HB2  H N N 53  
ASN HB3  H N N 54  
ASN HD21 H N N 55  
ASN HD22 H N N 56  
ASN HXT  H N N 57  
ASP N    N N N 58  
ASP CA   C N S 59  
ASP C    C N N 60  
ASP O    O N N 61  
ASP CB   C N N 62  
ASP CG   C N N 63  
ASP OD1  O N N 64  
ASP OD2  O N N 65  
ASP OXT  O N N 66  
ASP H    H N N 67  
ASP H2   H N N 68  
ASP HA   H N N 69  
ASP HB2  H N N 70  
ASP HB3  H N N 71  
ASP HD2  H N N 72  
ASP HXT  H N N 73  
CIT C1   C N N 74  
CIT O1   O N N 75  
CIT O2   O N N 76  
CIT C2   C N N 77  
CIT C3   C N N 78  
CIT O7   O N N 79  
CIT C4   C N N 80  
CIT C5   C N N 81  
CIT O3   O N N 82  
CIT O4   O N N 83  
CIT C6   C N N 84  
CIT O5   O N N 85  
CIT O6   O N N 86  
CIT HO2  H N N 87  
CIT H21  H N N 88  
CIT H22  H N N 89  
CIT HO7  H N N 90  
CIT H41  H N N 91  
CIT H42  H N N 92  
CIT HO4  H N N 93  
CIT HO6  H N N 94  
CYS N    N N N 95  
CYS CA   C N R 96  
CYS C    C N N 97  
CYS O    O N N 98  
CYS CB   C N N 99  
CYS SG   S N N 100 
CYS OXT  O N N 101 
CYS H    H N N 102 
CYS H2   H N N 103 
CYS HA   H N N 104 
CYS HB2  H N N 105 
CYS HB3  H N N 106 
CYS HG   H N N 107 
CYS HXT  H N N 108 
GLN N    N N N 109 
GLN CA   C N S 110 
GLN C    C N N 111 
GLN O    O N N 112 
GLN CB   C N N 113 
GLN CG   C N N 114 
GLN CD   C N N 115 
GLN OE1  O N N 116 
GLN NE2  N N N 117 
GLN OXT  O N N 118 
GLN H    H N N 119 
GLN H2   H N N 120 
GLN HA   H N N 121 
GLN HB2  H N N 122 
GLN HB3  H N N 123 
GLN HG2  H N N 124 
GLN HG3  H N N 125 
GLN HE21 H N N 126 
GLN HE22 H N N 127 
GLN HXT  H N N 128 
GLU N    N N N 129 
GLU CA   C N S 130 
GLU C    C N N 131 
GLU O    O N N 132 
GLU CB   C N N 133 
GLU CG   C N N 134 
GLU CD   C N N 135 
GLU OE1  O N N 136 
GLU OE2  O N N 137 
GLU OXT  O N N 138 
GLU H    H N N 139 
GLU H2   H N N 140 
GLU HA   H N N 141 
GLU HB2  H N N 142 
GLU HB3  H N N 143 
GLU HG2  H N N 144 
GLU HG3  H N N 145 
GLU HE2  H N N 146 
GLU HXT  H N N 147 
GLY N    N N N 148 
GLY CA   C N N 149 
GLY C    C N N 150 
GLY O    O N N 151 
GLY OXT  O N N 152 
GLY H    H N N 153 
GLY H2   H N N 154 
GLY HA2  H N N 155 
GLY HA3  H N N 156 
GLY HXT  H N N 157 
HIS N    N N N 158 
HIS CA   C N S 159 
HIS C    C N N 160 
HIS O    O N N 161 
HIS CB   C N N 162 
HIS CG   C Y N 163 
HIS ND1  N Y N 164 
HIS CD2  C Y N 165 
HIS CE1  C Y N 166 
HIS NE2  N Y N 167 
HIS OXT  O N N 168 
HIS H    H N N 169 
HIS H2   H N N 170 
HIS HA   H N N 171 
HIS HB2  H N N 172 
HIS HB3  H N N 173 
HIS HD1  H N N 174 
HIS HD2  H N N 175 
HIS HE1  H N N 176 
HIS HE2  H N N 177 
HIS HXT  H N N 178 
HOH O    O N N 179 
HOH H1   H N N 180 
HOH H2   H N N 181 
ILE N    N N N 182 
ILE CA   C N S 183 
ILE C    C N N 184 
ILE O    O N N 185 
ILE CB   C N S 186 
ILE CG1  C N N 187 
ILE CG2  C N N 188 
ILE CD1  C N N 189 
ILE OXT  O N N 190 
ILE H    H N N 191 
ILE H2   H N N 192 
ILE HA   H N N 193 
ILE HB   H N N 194 
ILE HG12 H N N 195 
ILE HG13 H N N 196 
ILE HG21 H N N 197 
ILE HG22 H N N 198 
ILE HG23 H N N 199 
ILE HD11 H N N 200 
ILE HD12 H N N 201 
ILE HD13 H N N 202 
ILE HXT  H N N 203 
LEU N    N N N 204 
LEU CA   C N S 205 
LEU C    C N N 206 
LEU O    O N N 207 
LEU CB   C N N 208 
LEU CG   C N N 209 
LEU CD1  C N N 210 
LEU CD2  C N N 211 
LEU OXT  O N N 212 
LEU H    H N N 213 
LEU H2   H N N 214 
LEU HA   H N N 215 
LEU HB2  H N N 216 
LEU HB3  H N N 217 
LEU HG   H N N 218 
LEU HD11 H N N 219 
LEU HD12 H N N 220 
LEU HD13 H N N 221 
LEU HD21 H N N 222 
LEU HD22 H N N 223 
LEU HD23 H N N 224 
LEU HXT  H N N 225 
LYS N    N N N 226 
LYS CA   C N S 227 
LYS C    C N N 228 
LYS O    O N N 229 
LYS CB   C N N 230 
LYS CG   C N N 231 
LYS CD   C N N 232 
LYS CE   C N N 233 
LYS NZ   N N N 234 
LYS OXT  O N N 235 
LYS H    H N N 236 
LYS H2   H N N 237 
LYS HA   H N N 238 
LYS HB2  H N N 239 
LYS HB3  H N N 240 
LYS HG2  H N N 241 
LYS HG3  H N N 242 
LYS HD2  H N N 243 
LYS HD3  H N N 244 
LYS HE2  H N N 245 
LYS HE3  H N N 246 
LYS HZ1  H N N 247 
LYS HZ2  H N N 248 
LYS HZ3  H N N 249 
LYS HXT  H N N 250 
MET N    N N N 251 
MET CA   C N S 252 
MET C    C N N 253 
MET O    O N N 254 
MET CB   C N N 255 
MET CG   C N N 256 
MET SD   S N N 257 
MET CE   C N N 258 
MET OXT  O N N 259 
MET H    H N N 260 
MET H2   H N N 261 
MET HA   H N N 262 
MET HB2  H N N 263 
MET HB3  H N N 264 
MET HG2  H N N 265 
MET HG3  H N N 266 
MET HE1  H N N 267 
MET HE2  H N N 268 
MET HE3  H N N 269 
MET HXT  H N N 270 
PHE N    N N N 271 
PHE CA   C N S 272 
PHE C    C N N 273 
PHE O    O N N 274 
PHE CB   C N N 275 
PHE CG   C Y N 276 
PHE CD1  C Y N 277 
PHE CD2  C Y N 278 
PHE CE1  C Y N 279 
PHE CE2  C Y N 280 
PHE CZ   C Y N 281 
PHE OXT  O N N 282 
PHE H    H N N 283 
PHE H2   H N N 284 
PHE HA   H N N 285 
PHE HB2  H N N 286 
PHE HB3  H N N 287 
PHE HD1  H N N 288 
PHE HD2  H N N 289 
PHE HE1  H N N 290 
PHE HE2  H N N 291 
PHE HZ   H N N 292 
PHE HXT  H N N 293 
PRO N    N N N 294 
PRO CA   C N S 295 
PRO C    C N N 296 
PRO O    O N N 297 
PRO CB   C N N 298 
PRO CG   C N N 299 
PRO CD   C N N 300 
PRO OXT  O N N 301 
PRO H    H N N 302 
PRO HA   H N N 303 
PRO HB2  H N N 304 
PRO HB3  H N N 305 
PRO HG2  H N N 306 
PRO HG3  H N N 307 
PRO HD2  H N N 308 
PRO HD3  H N N 309 
PRO HXT  H N N 310 
SER N    N N N 311 
SER CA   C N S 312 
SER C    C N N 313 
SER O    O N N 314 
SER CB   C N N 315 
SER OG   O N N 316 
SER OXT  O N N 317 
SER H    H N N 318 
SER H2   H N N 319 
SER HA   H N N 320 
SER HB2  H N N 321 
SER HB3  H N N 322 
SER HG   H N N 323 
SER HXT  H N N 324 
THR N    N N N 325 
THR CA   C N S 326 
THR C    C N N 327 
THR O    O N N 328 
THR CB   C N R 329 
THR OG1  O N N 330 
THR CG2  C N N 331 
THR OXT  O N N 332 
THR H    H N N 333 
THR H2   H N N 334 
THR HA   H N N 335 
THR HB   H N N 336 
THR HG1  H N N 337 
THR HG21 H N N 338 
THR HG22 H N N 339 
THR HG23 H N N 340 
THR HXT  H N N 341 
TRP N    N N N 342 
TRP CA   C N S 343 
TRP C    C N N 344 
TRP O    O N N 345 
TRP CB   C N N 346 
TRP CG   C Y N 347 
TRP CD1  C Y N 348 
TRP CD2  C Y N 349 
TRP NE1  N Y N 350 
TRP CE2  C Y N 351 
TRP CE3  C Y N 352 
TRP CZ2  C Y N 353 
TRP CZ3  C Y N 354 
TRP CH2  C Y N 355 
TRP OXT  O N N 356 
TRP H    H N N 357 
TRP H2   H N N 358 
TRP HA   H N N 359 
TRP HB2  H N N 360 
TRP HB3  H N N 361 
TRP HD1  H N N 362 
TRP HE1  H N N 363 
TRP HE3  H N N 364 
TRP HZ2  H N N 365 
TRP HZ3  H N N 366 
TRP HH2  H N N 367 
TRP HXT  H N N 368 
TYR N    N N N 369 
TYR CA   C N S 370 
TYR C    C N N 371 
TYR O    O N N 372 
TYR CB   C N N 373 
TYR CG   C Y N 374 
TYR CD1  C Y N 375 
TYR CD2  C Y N 376 
TYR CE1  C Y N 377 
TYR CE2  C Y N 378 
TYR CZ   C Y N 379 
TYR OH   O N N 380 
TYR OXT  O N N 381 
TYR H    H N N 382 
TYR H2   H N N 383 
TYR HA   H N N 384 
TYR HB2  H N N 385 
TYR HB3  H N N 386 
TYR HD1  H N N 387 
TYR HD2  H N N 388 
TYR HE1  H N N 389 
TYR HE2  H N N 390 
TYR HH   H N N 391 
TYR HXT  H N N 392 
VAL N    N N N 393 
VAL CA   C N S 394 
VAL C    C N N 395 
VAL O    O N N 396 
VAL CB   C N N 397 
VAL CG1  C N N 398 
VAL CG2  C N N 399 
VAL OXT  O N N 400 
VAL H    H N N 401 
VAL H2   H N N 402 
VAL HA   H N N 403 
VAL HB   H N N 404 
VAL HG11 H N N 405 
VAL HG12 H N N 406 
VAL HG13 H N N 407 
VAL HG21 H N N 408 
VAL HG22 H N N 409 
VAL HG23 H N N 410 
VAL HXT  H N N 411 
# 
loop_
_chem_comp_bond.comp_id 
_chem_comp_bond.atom_id_1 
_chem_comp_bond.atom_id_2 
_chem_comp_bond.value_order 
_chem_comp_bond.pdbx_aromatic_flag 
_chem_comp_bond.pdbx_stereo_config 
_chem_comp_bond.pdbx_ordinal 
ALA N   CA   sing N N 1   
ALA N   H    sing N N 2   
ALA N   H2   sing N N 3   
ALA CA  C    sing N N 4   
ALA CA  CB   sing N N 5   
ALA CA  HA   sing N N 6   
ALA C   O    doub N N 7   
ALA C   OXT  sing N N 8   
ALA CB  HB1  sing N N 9   
ALA CB  HB2  sing N N 10  
ALA CB  HB3  sing N N 11  
ALA OXT HXT  sing N N 12  
ARG N   CA   sing N N 13  
ARG N   H    sing N N 14  
ARG N   H2   sing N N 15  
ARG CA  C    sing N N 16  
ARG CA  CB   sing N N 17  
ARG CA  HA   sing N N 18  
ARG C   O    doub N N 19  
ARG C   OXT  sing N N 20  
ARG CB  CG   sing N N 21  
ARG CB  HB2  sing N N 22  
ARG CB  HB3  sing N N 23  
ARG CG  CD   sing N N 24  
ARG CG  HG2  sing N N 25  
ARG CG  HG3  sing N N 26  
ARG CD  NE   sing N N 27  
ARG CD  HD2  sing N N 28  
ARG CD  HD3  sing N N 29  
ARG NE  CZ   sing N N 30  
ARG NE  HE   sing N N 31  
ARG CZ  NH1  sing N N 32  
ARG CZ  NH2  doub N N 33  
ARG NH1 HH11 sing N N 34  
ARG NH1 HH12 sing N N 35  
ARG NH2 HH21 sing N N 36  
ARG NH2 HH22 sing N N 37  
ARG OXT HXT  sing N N 38  
ASN N   CA   sing N N 39  
ASN N   H    sing N N 40  
ASN N   H2   sing N N 41  
ASN CA  C    sing N N 42  
ASN CA  CB   sing N N 43  
ASN CA  HA   sing N N 44  
ASN C   O    doub N N 45  
ASN C   OXT  sing N N 46  
ASN CB  CG   sing N N 47  
ASN CB  HB2  sing N N 48  
ASN CB  HB3  sing N N 49  
ASN CG  OD1  doub N N 50  
ASN CG  ND2  sing N N 51  
ASN ND2 HD21 sing N N 52  
ASN ND2 HD22 sing N N 53  
ASN OXT HXT  sing N N 54  
ASP N   CA   sing N N 55  
ASP N   H    sing N N 56  
ASP N   H2   sing N N 57  
ASP CA  C    sing N N 58  
ASP CA  CB   sing N N 59  
ASP CA  HA   sing N N 60  
ASP C   O    doub N N 61  
ASP C   OXT  sing N N 62  
ASP CB  CG   sing N N 63  
ASP CB  HB2  sing N N 64  
ASP CB  HB3  sing N N 65  
ASP CG  OD1  doub N N 66  
ASP CG  OD2  sing N N 67  
ASP OD2 HD2  sing N N 68  
ASP OXT HXT  sing N N 69  
CIT C1  O1   doub N N 70  
CIT C1  O2   sing N N 71  
CIT C1  C2   sing N N 72  
CIT O2  HO2  sing N N 73  
CIT C2  C3   sing N N 74  
CIT C2  H21  sing N N 75  
CIT C2  H22  sing N N 76  
CIT C3  O7   sing N N 77  
CIT C3  C4   sing N N 78  
CIT C3  C6   sing N N 79  
CIT O7  HO7  sing N N 80  
CIT C4  C5   sing N N 81  
CIT C4  H41  sing N N 82  
CIT C4  H42  sing N N 83  
CIT C5  O3   doub N N 84  
CIT C5  O4   sing N N 85  
CIT O4  HO4  sing N N 86  
CIT C6  O5   doub N N 87  
CIT C6  O6   sing N N 88  
CIT O6  HO6  sing N N 89  
CYS N   CA   sing N N 90  
CYS N   H    sing N N 91  
CYS N   H2   sing N N 92  
CYS CA  C    sing N N 93  
CYS CA  CB   sing N N 94  
CYS CA  HA   sing N N 95  
CYS C   O    doub N N 96  
CYS C   OXT  sing N N 97  
CYS CB  SG   sing N N 98  
CYS CB  HB2  sing N N 99  
CYS CB  HB3  sing N N 100 
CYS SG  HG   sing N N 101 
CYS OXT HXT  sing N N 102 
GLN N   CA   sing N N 103 
GLN N   H    sing N N 104 
GLN N   H2   sing N N 105 
GLN CA  C    sing N N 106 
GLN CA  CB   sing N N 107 
GLN CA  HA   sing N N 108 
GLN C   O    doub N N 109 
GLN C   OXT  sing N N 110 
GLN CB  CG   sing N N 111 
GLN CB  HB2  sing N N 112 
GLN CB  HB3  sing N N 113 
GLN CG  CD   sing N N 114 
GLN CG  HG2  sing N N 115 
GLN CG  HG3  sing N N 116 
GLN CD  OE1  doub N N 117 
GLN CD  NE2  sing N N 118 
GLN NE2 HE21 sing N N 119 
GLN NE2 HE22 sing N N 120 
GLN OXT HXT  sing N N 121 
GLU N   CA   sing N N 122 
GLU N   H    sing N N 123 
GLU N   H2   sing N N 124 
GLU CA  C    sing N N 125 
GLU CA  CB   sing N N 126 
GLU CA  HA   sing N N 127 
GLU C   O    doub N N 128 
GLU C   OXT  sing N N 129 
GLU CB  CG   sing N N 130 
GLU CB  HB2  sing N N 131 
GLU CB  HB3  sing N N 132 
GLU CG  CD   sing N N 133 
GLU CG  HG2  sing N N 134 
GLU CG  HG3  sing N N 135 
GLU CD  OE1  doub N N 136 
GLU CD  OE2  sing N N 137 
GLU OE2 HE2  sing N N 138 
GLU OXT HXT  sing N N 139 
GLY N   CA   sing N N 140 
GLY N   H    sing N N 141 
GLY N   H2   sing N N 142 
GLY CA  C    sing N N 143 
GLY CA  HA2  sing N N 144 
GLY CA  HA3  sing N N 145 
GLY C   O    doub N N 146 
GLY C   OXT  sing N N 147 
GLY OXT HXT  sing N N 148 
HIS N   CA   sing N N 149 
HIS N   H    sing N N 150 
HIS N   H2   sing N N 151 
HIS CA  C    sing N N 152 
HIS CA  CB   sing N N 153 
HIS CA  HA   sing N N 154 
HIS C   O    doub N N 155 
HIS C   OXT  sing N N 156 
HIS CB  CG   sing N N 157 
HIS CB  HB2  sing N N 158 
HIS CB  HB3  sing N N 159 
HIS CG  ND1  sing Y N 160 
HIS CG  CD2  doub Y N 161 
HIS ND1 CE1  doub Y N 162 
HIS ND1 HD1  sing N N 163 
HIS CD2 NE2  sing Y N 164 
HIS CD2 HD2  sing N N 165 
HIS CE1 NE2  sing Y N 166 
HIS CE1 HE1  sing N N 167 
HIS NE2 HE2  sing N N 168 
HIS OXT HXT  sing N N 169 
HOH O   H1   sing N N 170 
HOH O   H2   sing N N 171 
ILE N   CA   sing N N 172 
ILE N   H    sing N N 173 
ILE N   H2   sing N N 174 
ILE CA  C    sing N N 175 
ILE CA  CB   sing N N 176 
ILE CA  HA   sing N N 177 
ILE C   O    doub N N 178 
ILE C   OXT  sing N N 179 
ILE CB  CG1  sing N N 180 
ILE CB  CG2  sing N N 181 
ILE CB  HB   sing N N 182 
ILE CG1 CD1  sing N N 183 
ILE CG1 HG12 sing N N 184 
ILE CG1 HG13 sing N N 185 
ILE CG2 HG21 sing N N 186 
ILE CG2 HG22 sing N N 187 
ILE CG2 HG23 sing N N 188 
ILE CD1 HD11 sing N N 189 
ILE CD1 HD12 sing N N 190 
ILE CD1 HD13 sing N N 191 
ILE OXT HXT  sing N N 192 
LEU N   CA   sing N N 193 
LEU N   H    sing N N 194 
LEU N   H2   sing N N 195 
LEU CA  C    sing N N 196 
LEU CA  CB   sing N N 197 
LEU CA  HA   sing N N 198 
LEU C   O    doub N N 199 
LEU C   OXT  sing N N 200 
LEU CB  CG   sing N N 201 
LEU CB  HB2  sing N N 202 
LEU CB  HB3  sing N N 203 
LEU CG  CD1  sing N N 204 
LEU CG  CD2  sing N N 205 
LEU CG  HG   sing N N 206 
LEU CD1 HD11 sing N N 207 
LEU CD1 HD12 sing N N 208 
LEU CD1 HD13 sing N N 209 
LEU CD2 HD21 sing N N 210 
LEU CD2 HD22 sing N N 211 
LEU CD2 HD23 sing N N 212 
LEU OXT HXT  sing N N 213 
LYS N   CA   sing N N 214 
LYS N   H    sing N N 215 
LYS N   H2   sing N N 216 
LYS CA  C    sing N N 217 
LYS CA  CB   sing N N 218 
LYS CA  HA   sing N N 219 
LYS C   O    doub N N 220 
LYS C   OXT  sing N N 221 
LYS CB  CG   sing N N 222 
LYS CB  HB2  sing N N 223 
LYS CB  HB3  sing N N 224 
LYS CG  CD   sing N N 225 
LYS CG  HG2  sing N N 226 
LYS CG  HG3  sing N N 227 
LYS CD  CE   sing N N 228 
LYS CD  HD2  sing N N 229 
LYS CD  HD3  sing N N 230 
LYS CE  NZ   sing N N 231 
LYS CE  HE2  sing N N 232 
LYS CE  HE3  sing N N 233 
LYS NZ  HZ1  sing N N 234 
LYS NZ  HZ2  sing N N 235 
LYS NZ  HZ3  sing N N 236 
LYS OXT HXT  sing N N 237 
MET N   CA   sing N N 238 
MET N   H    sing N N 239 
MET N   H2   sing N N 240 
MET CA  C    sing N N 241 
MET CA  CB   sing N N 242 
MET CA  HA   sing N N 243 
MET C   O    doub N N 244 
MET C   OXT  sing N N 245 
MET CB  CG   sing N N 246 
MET CB  HB2  sing N N 247 
MET CB  HB3  sing N N 248 
MET CG  SD   sing N N 249 
MET CG  HG2  sing N N 250 
MET CG  HG3  sing N N 251 
MET SD  CE   sing N N 252 
MET CE  HE1  sing N N 253 
MET CE  HE2  sing N N 254 
MET CE  HE3  sing N N 255 
MET OXT HXT  sing N N 256 
PHE N   CA   sing N N 257 
PHE N   H    sing N N 258 
PHE N   H2   sing N N 259 
PHE CA  C    sing N N 260 
PHE CA  CB   sing N N 261 
PHE CA  HA   sing N N 262 
PHE C   O    doub N N 263 
PHE C   OXT  sing N N 264 
PHE CB  CG   sing N N 265 
PHE CB  HB2  sing N N 266 
PHE CB  HB3  sing N N 267 
PHE CG  CD1  doub Y N 268 
PHE CG  CD2  sing Y N 269 
PHE CD1 CE1  sing Y N 270 
PHE CD1 HD1  sing N N 271 
PHE CD2 CE2  doub Y N 272 
PHE CD2 HD2  sing N N 273 
PHE CE1 CZ   doub Y N 274 
PHE CE1 HE1  sing N N 275 
PHE CE2 CZ   sing Y N 276 
PHE CE2 HE2  sing N N 277 
PHE CZ  HZ   sing N N 278 
PHE OXT HXT  sing N N 279 
PRO N   CA   sing N N 280 
PRO N   CD   sing N N 281 
PRO N   H    sing N N 282 
PRO CA  C    sing N N 283 
PRO CA  CB   sing N N 284 
PRO CA  HA   sing N N 285 
PRO C   O    doub N N 286 
PRO C   OXT  sing N N 287 
PRO CB  CG   sing N N 288 
PRO CB  HB2  sing N N 289 
PRO CB  HB3  sing N N 290 
PRO CG  CD   sing N N 291 
PRO CG  HG2  sing N N 292 
PRO CG  HG3  sing N N 293 
PRO CD  HD2  sing N N 294 
PRO CD  HD3  sing N N 295 
PRO OXT HXT  sing N N 296 
SER N   CA   sing N N 297 
SER N   H    sing N N 298 
SER N   H2   sing N N 299 
SER CA  C    sing N N 300 
SER CA  CB   sing N N 301 
SER CA  HA   sing N N 302 
SER C   O    doub N N 303 
SER C   OXT  sing N N 304 
SER CB  OG   sing N N 305 
SER CB  HB2  sing N N 306 
SER CB  HB3  sing N N 307 
SER OG  HG   sing N N 308 
SER OXT HXT  sing N N 309 
THR N   CA   sing N N 310 
THR N   H    sing N N 311 
THR N   H2   sing N N 312 
THR CA  C    sing N N 313 
THR CA  CB   sing N N 314 
THR CA  HA   sing N N 315 
THR C   O    doub N N 316 
THR C   OXT  sing N N 317 
THR CB  OG1  sing N N 318 
THR CB  CG2  sing N N 319 
THR CB  HB   sing N N 320 
THR OG1 HG1  sing N N 321 
THR CG2 HG21 sing N N 322 
THR CG2 HG22 sing N N 323 
THR CG2 HG23 sing N N 324 
THR OXT HXT  sing N N 325 
TRP N   CA   sing N N 326 
TRP N   H    sing N N 327 
TRP N   H2   sing N N 328 
TRP CA  C    sing N N 329 
TRP CA  CB   sing N N 330 
TRP CA  HA   sing N N 331 
TRP C   O    doub N N 332 
TRP C   OXT  sing N N 333 
TRP CB  CG   sing N N 334 
TRP CB  HB2  sing N N 335 
TRP CB  HB3  sing N N 336 
TRP CG  CD1  doub Y N 337 
TRP CG  CD2  sing Y N 338 
TRP CD1 NE1  sing Y N 339 
TRP CD1 HD1  sing N N 340 
TRP CD2 CE2  doub Y N 341 
TRP CD2 CE3  sing Y N 342 
TRP NE1 CE2  sing Y N 343 
TRP NE1 HE1  sing N N 344 
TRP CE2 CZ2  sing Y N 345 
TRP CE3 CZ3  doub Y N 346 
TRP CE3 HE3  sing N N 347 
TRP CZ2 CH2  doub Y N 348 
TRP CZ2 HZ2  sing N N 349 
TRP CZ3 CH2  sing Y N 350 
TRP CZ3 HZ3  sing N N 351 
TRP CH2 HH2  sing N N 352 
TRP OXT HXT  sing N N 353 
TYR N   CA   sing N N 354 
TYR N   H    sing N N 355 
TYR N   H2   sing N N 356 
TYR CA  C    sing N N 357 
TYR CA  CB   sing N N 358 
TYR CA  HA   sing N N 359 
TYR C   O    doub N N 360 
TYR C   OXT  sing N N 361 
TYR CB  CG   sing N N 362 
TYR CB  HB2  sing N N 363 
TYR CB  HB3  sing N N 364 
TYR CG  CD1  doub Y N 365 
TYR CG  CD2  sing Y N 366 
TYR CD1 CE1  sing Y N 367 
TYR CD1 HD1  sing N N 368 
TYR CD2 CE2  doub Y N 369 
TYR CD2 HD2  sing N N 370 
TYR CE1 CZ   doub Y N 371 
TYR CE1 HE1  sing N N 372 
TYR CE2 CZ   sing Y N 373 
TYR CE2 HE2  sing N N 374 
TYR CZ  OH   sing N N 375 
TYR OH  HH   sing N N 376 
TYR OXT HXT  sing N N 377 
VAL N   CA   sing N N 378 
VAL N   H    sing N N 379 
VAL N   H2   sing N N 380 
VAL CA  C    sing N N 381 
VAL CA  CB   sing N N 382 
VAL CA  HA   sing N N 383 
VAL C   O    doub N N 384 
VAL C   OXT  sing N N 385 
VAL CB  CG1  sing N N 386 
VAL CB  CG2  sing N N 387 
VAL CB  HB   sing N N 388 
VAL CG1 HG11 sing N N 389 
VAL CG1 HG12 sing N N 390 
VAL CG1 HG13 sing N N 391 
VAL CG2 HG21 sing N N 392 
VAL CG2 HG22 sing N N 393 
VAL CG2 HG23 sing N N 394 
VAL OXT HXT  sing N N 395 
# 
_atom_sites.entry_id                    3S9K 
_atom_sites.fract_transf_matrix[1][1]   -0.00263402 
_atom_sites.fract_transf_matrix[1][2]   0.00729170 
_atom_sites.fract_transf_matrix[1][3]   -0.01695448 
_atom_sites.fract_transf_matrix[2][1]   0.00673106 
_atom_sites.fract_transf_matrix[2][2]   -0.01436790 
_atom_sites.fract_transf_matrix[2][3]   -0.00722500 
_atom_sites.fract_transf_matrix[3][1]   -0.01095807 
_atom_sites.fract_transf_matrix[3][2]   -0.00492467 
_atom_sites.fract_transf_matrix[3][3]   -0.00041555 
_atom_sites.fract_transf_vector[1]      -0.027501 
_atom_sites.fract_transf_vector[2]      -0.415148 
_atom_sites.fract_transf_vector[3]      -0.266813 
# 
loop_
_atom_type.symbol 
C 
N 
O 
S 
# 
loop_
_atom_site.group_PDB 
_atom_site.id 
_atom_site.type_symbol 
_atom_site.label_atom_id 
_atom_site.label_alt_id 
_atom_site.label_comp_id 
_atom_site.label_asym_id 
_atom_site.label_entity_id 
_atom_site.label_seq_id 
_atom_site.pdbx_PDB_ins_code 
_atom_site.Cartn_x 
_atom_site.Cartn_y 
_atom_site.Cartn_z 
_atom_site.occupancy 
_atom_site.B_iso_or_equiv 
_atom_site.pdbx_formal_charge 
_atom_site.auth_seq_id 
_atom_site.auth_comp_id 
_atom_site.auth_asym_id 
_atom_site.auth_atom_id 
_atom_site.pdbx_PDB_model_num 
ATOM   1   N N   . ASN A 1 5   ? -7.085  -10.824 -19.924 1.00 68.97  ? 5   ASN A N   1 
ATOM   2   C CA  . ASN A 1 5   ? -7.211  -9.523  -20.568 1.00 67.45  ? 5   ASN A CA  1 
ATOM   3   C C   . ASN A 1 5   ? -6.291  -8.450  -19.983 1.00 61.12  ? 5   ASN A C   1 
ATOM   4   O O   . ASN A 1 5   ? -5.970  -7.464  -20.660 1.00 56.60  ? 5   ASN A O   1 
ATOM   5   C CB  . ASN A 1 5   ? -8.665  -9.059  -20.522 1.00 66.96  ? 5   ASN A CB  1 
ATOM   6   C CG  . ASN A 1 5   ? -9.048  -8.529  -19.170 1.00 69.95  ? 5   ASN A CG  1 
ATOM   7   O OD1 . ASN A 1 5   ? -9.288  -7.329  -19.013 1.00 60.84  ? 5   ASN A OD1 1 
ATOM   8   N ND2 . ASN A 1 5   ? -9.059  -9.414  -18.164 1.00 70.68  ? 5   ASN A ND2 1 
ATOM   9   N N   . LEU A 1 6   ? -5.898  -8.640  -18.722 1.00 51.92  ? 6   LEU A N   1 
ATOM   10  C CA  . LEU A 1 6   ? -4.866  -7.813  -18.105 1.00 41.63  ? 6   LEU A CA  1 
ATOM   11  C C   . LEU A 1 6   ? -3.510  -8.201  -18.679 1.00 40.44  ? 6   LEU A C   1 
ATOM   12  O O   . LEU A 1 6   ? -2.511  -7.483  -18.532 1.00 26.56  ? 6   LEU A O   1 
ATOM   13  C CB  . LEU A 1 6   ? -4.831  -8.004  -16.585 1.00 26.65  ? 6   LEU A CB  1 
ATOM   14  C CG  . LEU A 1 6   ? -5.882  -7.316  -15.722 1.00 31.91  ? 6   LEU A CG  1 
ATOM   15  C CD1 . LEU A 1 6   ? -5.648  -7.642  -14.250 1.00 21.77  ? 6   LEU A CD1 1 
ATOM   16  C CD2 . LEU A 1 6   ? -5.895  -5.800  -15.949 1.00 21.77  ? 6   LEU A CD2 1 
ATOM   17  N N   . GLU A 1 7   ? -3.484  -9.358  -19.326 1.00 46.78  ? 7   GLU A N   1 
ATOM   18  C CA  . GLU A 1 7   ? -2.234  -9.938  -19.802 1.00 61.43  ? 7   GLU A CA  1 
ATOM   19  C C   . GLU A 1 7   ? -1.583  -9.110  -20.911 1.00 56.15  ? 7   GLU A C   1 
ATOM   20  O O   . GLU A 1 7   ? -0.416  -9.319  -21.249 1.00 66.95  ? 7   GLU A O   1 
ATOM   21  C CB  . GLU A 1 7   ? -2.481  -11.364 -20.272 1.00 59.36  ? 7   GLU A CB  1 
ATOM   22  C CG  . GLU A 1 7   ? -3.609  -12.037 -19.509 1.00 73.19  ? 7   GLU A CG  1 
ATOM   23  C CD  . GLU A 1 7   ? -3.164  -13.290 -18.763 1.00 76.46  ? 7   GLU A CD  1 
ATOM   24  O OE1 . GLU A 1 7   ? -3.815  -13.646 -17.755 1.00 85.66  ? 7   GLU A OE1 1 
ATOM   25  O OE2 . GLU A 1 7   ? -2.179  -13.928 -19.196 1.00 84.04  ? 7   GLU A OE2 1 
ATOM   26  N N   . THR A 1 8   ? -2.336  -8.160  -21.455 1.00 46.97  ? 8   THR A N   1 
ATOM   27  C CA  . THR A 1 8   ? -1.851  -7.328  -22.548 1.00 37.20  ? 8   THR A CA  1 
ATOM   28  C C   . THR A 1 8   ? -1.146  -6.051  -22.058 1.00 30.10  ? 8   THR A C   1 
ATOM   29  O O   . THR A 1 8   ? -0.822  -5.164  -22.854 1.00 25.63  ? 8   THR A O   1 
ATOM   30  C CB  . THR A 1 8   ? -3.004  -6.969  -23.508 1.00 39.48  ? 8   THR A CB  1 
ATOM   31  O OG1 . THR A 1 8   ? -3.879  -6.028  -22.880 1.00 36.06  ? 8   THR A OG1 1 
ATOM   32  C CG2 . THR A 1 8   ? -3.803  -8.215  -23.862 1.00 34.87  ? 8   THR A CG2 1 
ATOM   33  N N   . TYR A 1 9   ? -0.907  -5.957  -20.753 1.00 21.89  ? 9   TYR A N   1 
ATOM   34  C CA  . TYR A 1 9   ? -0.271  -4.761  -20.189 1.00 14.49  ? 9   TYR A CA  1 
ATOM   35  C C   . TYR A 1 9   ? 1.083   -5.159  -19.621 1.00 23.51  ? 9   TYR A C   1 
ATOM   36  O O   . TYR A 1 9   ? 1.215   -6.228  -19.038 1.00 30.79  ? 9   TYR A O   1 
ATOM   37  C CB  . TYR A 1 9   ? -1.158  -4.146  -19.102 1.00 25.57  ? 9   TYR A CB  1 
ATOM   38  C CG  . TYR A 1 9   ? -2.499  -3.621  -19.609 1.00 21.99  ? 9   TYR A CG  1 
ATOM   39  C CD1 . TYR A 1 9   ? -2.665  -2.266  -19.930 1.00 16.15  ? 9   TYR A CD1 1 
ATOM   40  C CD2 . TYR A 1 9   ? -3.596  -4.478  -19.777 1.00 19.11  ? 9   TYR A CD2 1 
ATOM   41  C CE1 . TYR A 1 9   ? -3.877  -1.774  -20.396 1.00 28.46  ? 9   TYR A CE1 1 
ATOM   42  C CE2 . TYR A 1 9   ? -4.828  -3.988  -20.267 1.00 16.80  ? 9   TYR A CE2 1 
ATOM   43  C CZ  . TYR A 1 9   ? -4.957  -2.632  -20.561 1.00 21.47  ? 9   TYR A CZ  1 
ATOM   44  O OH  . TYR A 1 9   ? -6.160  -2.125  -21.030 1.00 35.49  ? 9   TYR A OH  1 
ATOM   45  N N   . GLU A 1 10  ? 2.087   -4.306  -19.798 1.00 26.28  ? 10  GLU A N   1 
ATOM   46  C CA  . GLU A 1 10  ? 3.463   -4.618  -19.378 1.00 33.21  ? 10  GLU A CA  1 
ATOM   47  C C   . GLU A 1 10  ? 3.610   -4.849  -17.876 1.00 30.41  ? 10  GLU A C   1 
ATOM   48  O O   . GLU A 1 10  ? 4.511   -5.555  -17.437 1.00 44.28  ? 10  GLU A O   1 
ATOM   49  C CB  . GLU A 1 10  ? 4.451   -3.519  -19.807 1.00 35.09  ? 10  GLU A CB  1 
ATOM   50  C CG  . GLU A 1 10  ? 4.168   -2.917  -21.182 1.00 38.14  ? 10  GLU A CG  1 
ATOM   51  C CD  . GLU A 1 10  ? 2.915   -2.015  -21.194 1.00 49.58  ? 10  GLU A CD  1 
ATOM   52  O OE1 . GLU A 1 10  ? 3.022   -0.839  -20.750 1.00 39.92  ? 10  GLU A OE1 1 
ATOM   53  O OE2 . GLU A 1 10  ? 1.828   -2.495  -21.627 1.00 52.05  ? 10  GLU A OE2 1 
ATOM   54  N N   . TRP A 1 11  ? 2.738   -4.228  -17.094 1.00 26.27  ? 11  TRP A N   1 
ATOM   55  C CA  . TRP A 1 11  ? 2.900   -4.192  -15.648 1.00 17.58  ? 11  TRP A CA  1 
ATOM   56  C C   . TRP A 1 11  ? 2.231   -5.374  -14.961 1.00 25.28  ? 11  TRP A C   1 
ATOM   57  O O   . TRP A 1 11  ? 2.440   -5.610  -13.774 1.00 39.55  ? 11  TRP A O   1 
ATOM   58  C CB  . TRP A 1 11  ? 2.395   -2.854  -15.071 1.00 17.22  ? 11  TRP A CB  1 
ATOM   59  C CG  . TRP A 1 11  ? 1.149   -2.261  -15.749 1.00 24.89  ? 11  TRP A CG  1 
ATOM   60  C CD1 . TRP A 1 11  ? 1.107   -1.161  -16.562 1.00 16.24  ? 11  TRP A CD1 1 
ATOM   61  C CD2 . TRP A 1 11  ? -0.217  -2.728  -15.639 1.00 14.29  ? 11  TRP A CD2 1 
ATOM   62  N NE1 . TRP A 1 11  ? -0.197  -0.920  -16.972 1.00 13.80  ? 11  TRP A NE1 1 
ATOM   63  C CE2 . TRP A 1 11  ? -1.021  -1.871  -16.424 1.00 18.52  ? 11  TRP A CE2 1 
ATOM   64  C CE3 . TRP A 1 11  ? -0.833  -3.794  -14.962 1.00 18.30  ? 11  TRP A CE3 1 
ATOM   65  C CZ2 . TRP A 1 11  ? -2.411  -2.043  -16.544 1.00 14.31  ? 11  TRP A CZ2 1 
ATOM   66  C CZ3 . TRP A 1 11  ? -2.208  -3.973  -15.096 1.00 17.25  ? 11  TRP A CZ3 1 
ATOM   67  C CH2 . TRP A 1 11  ? -2.979  -3.102  -15.873 1.00 13.89  ? 11  TRP A CH2 1 
ATOM   68  N N   . TYR A 1 12  ? 1.439   -6.126  -15.721 1.00 21.69  ? 12  TYR A N   1 
ATOM   69  C CA  . TYR A 1 12  ? 0.736   -7.279  -15.174 1.00 22.17  ? 12  TYR A CA  1 
ATOM   70  C C   . TYR A 1 12  ? 1.597   -8.535  -15.070 1.00 13.46  ? 12  TYR A C   1 
ATOM   71  O O   . TYR A 1 12  ? 1.924   -9.173  -16.085 1.00 27.86  ? 12  TYR A O   1 
ATOM   72  C CB  . TYR A 1 12  ? -0.522  -7.589  -15.980 1.00 25.71  ? 12  TYR A CB  1 
ATOM   73  C CG  . TYR A 1 12  ? -1.345  -8.699  -15.355 1.00 23.39  ? 12  TYR A CG  1 
ATOM   74  C CD1 . TYR A 1 12  ? -1.921  -8.543  -14.096 1.00 36.43  ? 12  TYR A CD1 1 
ATOM   75  C CD2 . TYR A 1 12  ? -1.536  -9.902  -16.019 1.00 22.70  ? 12  TYR A CD2 1 
ATOM   76  C CE1 . TYR A 1 12  ? -2.675  -9.555  -13.525 1.00 40.52  ? 12  TYR A CE1 1 
ATOM   77  C CE2 . TYR A 1 12  ? -2.291  -10.912 -15.465 1.00 34.50  ? 12  TYR A CE2 1 
ATOM   78  C CZ  . TYR A 1 12  ? -2.858  -10.741 -14.220 1.00 40.21  ? 12  TYR A CZ  1 
ATOM   79  O OH  . TYR A 1 12  ? -3.600  -11.773 -13.684 1.00 44.49  ? 12  TYR A OH  1 
ATOM   80  N N   . ASN A 1 13  ? 1.932   -8.913  -13.840 1.00 20.28  ? 13  ASN A N   1 
ATOM   81  C CA  . ASN A 1 13  ? 2.789   -10.079 -13.622 1.00 22.79  ? 13  ASN A CA  1 
ATOM   82  C C   . ASN A 1 13  ? 2.089   -11.234 -12.945 1.00 35.54  ? 13  ASN A C   1 
ATOM   83  O O   . ASN A 1 13  ? 2.728   -12.003 -12.234 1.00 41.91  ? 13  ASN A O   1 
ATOM   84  C CB  . ASN A 1 13  ? 4.036   -9.686  -12.825 1.00 23.48  ? 13  ASN A CB  1 
ATOM   85  C CG  . ASN A 1 13  ? 5.026   -8.908  -13.655 1.00 33.95  ? 13  ASN A CG  1 
ATOM   86  O OD1 . ASN A 1 13  ? 4.815   -7.733  -13.976 1.00 16.98  ? 13  ASN A OD1 1 
ATOM   87  N ND2 . ASN A 1 13  ? 6.102   -9.563  -14.031 1.00 9.95   ? 13  ASN A ND2 1 
ATOM   88  N N   . LYS A 1 14  ? 0.774   -11.301 -13.139 1.00 43.39  ? 14  LYS A N   1 
ATOM   89  C CA  . LYS A 1 14  ? -0.049  -12.476 -12.842 1.00 63.43  ? 14  LYS A CA  1 
ATOM   90  C C   . LYS A 1 14  ? 0.340   -13.303 -11.614 1.00 65.41  ? 14  LYS A C   1 
ATOM   91  O O   . LYS A 1 14  ? -0.150  -13.065 -10.505 1.00 69.83  ? 14  LYS A O   1 
ATOM   92  C CB  . LYS A 1 14  ? -0.089  -13.382 -14.076 1.00 68.73  ? 14  LYS A CB  1 
ATOM   93  C CG  . LYS A 1 14  ? -1.134  -14.479 -14.053 1.00 79.87  ? 14  LYS A CG  1 
ATOM   94  C CD  . LYS A 1 14  ? -0.991  -15.350 -15.286 1.00 84.78  ? 14  LYS A CD  1 
ATOM   95  C CE  . LYS A 1 14  ? -0.713  -14.487 -16.508 1.00 94.00  ? 14  LYS A CE  1 
ATOM   96  N NZ  . LYS A 1 14  ? -0.684  -15.234 -17.805 1.00 99.56  ? 14  LYS A NZ  1 
ATOM   97  N N   . SER A 1 15  ? 1.238   -14.262 -11.834 1.00 70.40  ? 15  SER A N   1 
ATOM   98  C CA  . SER A 1 15  ? 1.506   -15.322 -10.867 1.00 77.70  ? 15  SER A CA  1 
ATOM   99  C C   . SER A 1 15  ? 2.630   -15.039 -9.863  1.00 73.87  ? 15  SER A C   1 
ATOM   100 O O   . SER A 1 15  ? 2.588   -15.536 -8.740  1.00 78.47  ? 15  SER A O   1 
ATOM   101 C CB  . SER A 1 15  ? 1.821   -16.624 -11.619 1.00 81.20  ? 15  SER A CB  1 
ATOM   102 O OG  . SER A 1 15  ? 0.858   -17.629 -11.356 1.00 95.99  ? 15  SER A OG  1 
ATOM   103 N N   . ILE A 1 16  ? 3.622   -14.249 -10.268 1.00 59.12  ? 16  ILE A N   1 
ATOM   104 C CA  . ILE A 1 16  ? 4.888   -14.171 -9.534  1.00 56.66  ? 16  ILE A CA  1 
ATOM   105 C C   . ILE A 1 16  ? 4.805   -13.812 -8.043  1.00 52.42  ? 16  ILE A C   1 
ATOM   106 O O   . ILE A 1 16  ? 3.948   -13.047 -7.600  1.00 49.52  ? 16  ILE A O   1 
ATOM   107 C CB  . ILE A 1 16  ? 5.927   -13.262 -10.231 1.00 48.64  ? 16  ILE A CB  1 
ATOM   108 C CG1 . ILE A 1 16  ? 5.748   -11.805 -9.820  1.00 51.52  ? 16  ILE A CG1 1 
ATOM   109 C CG2 . ILE A 1 16  ? 5.892   -13.463 -11.750 1.00 63.11  ? 16  ILE A CG2 1 
ATOM   110 C CD1 . ILE A 1 16  ? 7.007   -10.991 -10.016 1.00 44.12  ? 16  ILE A CD1 1 
ATOM   111 N N   . SER A 1 17  ? 5.727   -14.390 -7.284  1.00 50.56  ? 17  SER A N   1 
ATOM   112 C CA  . SER A 1 17  ? 5.725   -14.277 -5.838  1.00 42.61  ? 17  SER A CA  1 
ATOM   113 C C   . SER A 1 17  ? 6.175   -12.893 -5.381  1.00 41.76  ? 17  SER A C   1 
ATOM   114 O O   . SER A 1 17  ? 6.855   -12.164 -6.116  1.00 28.50  ? 17  SER A O   1 
ATOM   115 C CB  . SER A 1 17  ? 6.629   -15.351 -5.226  1.00 45.60  ? 17  SER A CB  1 
ATOM   116 O OG  . SER A 1 17  ? 7.978   -15.167 -5.631  1.00 41.38  ? 17  SER A OG  1 
ATOM   117 N N   . ARG A 1 18  ? 5.788   -12.542 -4.158  1.00 23.28  ? 18  ARG A N   1 
ATOM   118 C CA  . ARG A 1 18  ? 6.176   -11.275 -3.570  1.00 28.83  ? 18  ARG A CA  1 
ATOM   119 C C   . ARG A 1 18  ? 7.691   -11.095 -3.604  1.00 33.24  ? 18  ARG A C   1 
ATOM   120 O O   . ARG A 1 18  ? 8.195   -10.035 -3.959  1.00 37.01  ? 18  ARG A O   1 
ATOM   121 C CB  . ARG A 1 18  ? 5.676   -11.169 -2.121  1.00 18.58  ? 18  ARG A CB  1 
ATOM   122 C CG  . ARG A 1 18  ? 6.201   -9.926  -1.421  1.00 23.38  ? 18  ARG A CG  1 
ATOM   123 C CD  . ARG A 1 18  ? 5.604   -9.685  -0.058  1.00 25.89  ? 18  ARG A CD  1 
ATOM   124 N NE  . ARG A 1 18  ? 6.478   -8.789  0.677   1.00 26.57  ? 18  ARG A NE  1 
ATOM   125 C CZ  . ARG A 1 18  ? 6.148   -8.147  1.783   1.00 28.31  ? 18  ARG A CZ  1 
ATOM   126 N NH1 . ARG A 1 18  ? 4.934   -8.272  2.299   1.00 35.66  ? 18  ARG A NH1 1 
ATOM   127 N NH2 . ARG A 1 18  ? 7.035   -7.362  2.358   1.00 15.40  ? 18  ARG A NH2 1 
ATOM   128 N N   . ASP A 1 19  ? 8.420   -12.141 -3.248  1.00 42.61  ? 19  ASP A N   1 
ATOM   129 C CA  . ASP A 1 19  ? 9.858   -12.008 -3.123  1.00 51.37  ? 19  ASP A CA  1 
ATOM   130 C C   . ASP A 1 19  ? 10.563  -11.711 -4.452  1.00 50.32  ? 19  ASP A C   1 
ATOM   131 O O   . ASP A 1 19  ? 11.388  -10.801 -4.520  1.00 54.51  ? 19  ASP A O   1 
ATOM   132 C CB  . ASP A 1 19  ? 10.455  -13.228 -2.441  1.00 58.24  ? 19  ASP A CB  1 
ATOM   133 C CG  . ASP A 1 19  ? 11.761  -12.910 -1.760  1.00 66.87  ? 19  ASP A CG  1 
ATOM   134 O OD1 . ASP A 1 19  ? 12.828  -13.209 -2.344  1.00 73.52  ? 19  ASP A OD1 1 
ATOM   135 O OD2 . ASP A 1 19  ? 11.712  -12.340 -0.647  1.00 71.95  ? 19  ASP A OD2 1 
ATOM   136 N N   . LYS A 1 20  ? 10.233  -12.457 -5.505  1.00 43.46  ? 20  LYS A N   1 
ATOM   137 C CA  . LYS A 1 20  ? 10.812  -12.168 -6.824  1.00 46.29  ? 20  LYS A CA  1 
ATOM   138 C C   . LYS A 1 20  ? 10.307  -10.843 -7.429  1.00 46.47  ? 20  LYS A C   1 
ATOM   139 O O   . LYS A 1 20  ? 11.023  -10.186 -8.189  1.00 47.51  ? 20  LYS A O   1 
ATOM   140 C CB  . LYS A 1 20  ? 10.631  -13.342 -7.796  1.00 46.95  ? 20  LYS A CB  1 
ATOM   141 C CG  . LYS A 1 20  ? 9.289   -13.396 -8.515  1.00 57.79  ? 20  LYS A CG  1 
ATOM   142 C CD  . LYS A 1 20  ? 9.229   -14.595 -9.464  1.00 76.14  ? 20  LYS A CD  1 
ATOM   143 C CE  . LYS A 1 20  ? 9.203   -15.919 -8.709  1.00 87.35  ? 20  LYS A CE  1 
ATOM   144 N NZ  . LYS A 1 20  ? 7.907   -16.198 -8.032  1.00 86.60  ? 20  LYS A NZ  1 
ATOM   145 N N   . ALA A 1 21  ? 9.081   -10.456 -7.087  1.00 40.96  ? 21  ALA A N   1 
ATOM   146 C CA  . ALA A 1 21  ? 8.586   -9.128  -7.423  1.00 27.05  ? 21  ALA A CA  1 
ATOM   147 C C   . ALA A 1 21  ? 9.521   -8.074  -6.822  1.00 36.11  ? 21  ALA A C   1 
ATOM   148 O O   . ALA A 1 21  ? 9.921   -7.113  -7.504  1.00 30.40  ? 21  ALA A O   1 
ATOM   149 C CB  . ALA A 1 21  ? 7.170   -8.937  -6.906  1.00 24.54  ? 21  ALA A CB  1 
ATOM   150 N N   . GLU A 1 22  ? 9.867   -8.258  -5.549  1.00 24.31  ? 22  GLU A N   1 
ATOM   151 C CA  . GLU A 1 22  ? 10.759  -7.325  -4.860  1.00 31.42  ? 22  GLU A CA  1 
ATOM   152 C C   . GLU A 1 22  ? 12.147  -7.291  -5.497  1.00 28.02  ? 22  GLU A C   1 
ATOM   153 O O   . GLU A 1 22  ? 12.686  -6.213  -5.726  1.00 34.99  ? 22  GLU A O   1 
ATOM   154 C CB  . GLU A 1 22  ? 10.806  -7.614  -3.347  1.00 39.27  ? 22  GLU A CB  1 
ATOM   155 C CG  . GLU A 1 22  ? 9.585   -7.056  -2.581  1.00 41.52  ? 22  GLU A CG  1 
ATOM   156 C CD  . GLU A 1 22  ? 9.487   -7.490  -1.110  1.00 38.45  ? 22  GLU A CD  1 
ATOM   157 O OE1 . GLU A 1 22  ? 9.827   -8.651  -0.800  1.00 52.07  ? 22  GLU A OE1 1 
ATOM   158 O OE2 . GLU A 1 22  ? 9.040   -6.662  -0.275  1.00 47.82  ? 22  GLU A OE2 1 
ATOM   159 N N   . LYS A 1 23  ? 12.699  -8.464  -5.812  1.00 25.23  ? 23  LYS A N   1 
ATOM   160 C CA  . LYS A 1 23  ? 14.012  -8.559  -6.495  1.00 42.23  ? 23  LYS A CA  1 
ATOM   161 C C   . LYS A 1 23  ? 14.047  -7.850  -7.850  1.00 41.47  ? 23  LYS A C   1 
ATOM   162 O O   . LYS A 1 23  ? 14.923  -7.027  -8.088  1.00 39.43  ? 23  LYS A O   1 
ATOM   163 C CB  . LYS A 1 23  ? 14.463  -10.017 -6.651  1.00 40.17  ? 23  LYS A CB  1 
ATOM   164 C CG  . LYS A 1 23  ? 15.387  -10.532 -5.550  1.00 52.13  ? 23  LYS A CG  1 
ATOM   165 C CD  . LYS A 1 23  ? 14.652  -10.876 -4.260  1.00 64.48  ? 23  LYS A CD  1 
ATOM   166 C CE  . LYS A 1 23  ? 14.930  -9.843  -3.172  1.00 66.29  ? 23  LYS A CE  1 
ATOM   167 N NZ  . LYS A 1 23  ? 13.743  -9.594  -2.293  1.00 71.90  ? 23  LYS A NZ  1 
ATOM   168 N N   . LEU A 1 24  ? 13.095  -8.187  -8.722  1.00 44.28  ? 24  LEU A N   1 
ATOM   169 C CA  . LEU A 1 24  ? 12.875  -7.497  -9.995  1.00 36.46  ? 24  LEU A CA  1 
ATOM   170 C C   . LEU A 1 24  ? 12.770  -5.964  -9.864  1.00 41.92  ? 24  LEU A C   1 
ATOM   171 O O   . LEU A 1 24  ? 13.418  -5.230  -10.605 1.00 47.70  ? 24  LEU A O   1 
ATOM   172 C CB  . LEU A 1 24  ? 11.606  -8.034  -10.656 1.00 31.23  ? 24  LEU A CB  1 
ATOM   173 C CG  . LEU A 1 24  ? 11.648  -9.440  -11.221 1.00 43.42  ? 24  LEU A CG  1 
ATOM   174 C CD1 . LEU A 1 24  ? 10.230  -9.961  -11.588 1.00 24.66  ? 24  LEU A CD1 1 
ATOM   175 C CD2 . LEU A 1 24  ? 12.563  -9.410  -12.423 1.00 45.33  ? 24  LEU A CD2 1 
ATOM   176 N N   . LEU A 1 25  ? 11.960  -5.480  -8.926  1.00 49.29  ? 25  LEU A N   1 
ATOM   177 C CA  . LEU A 1 25  ? 11.804  -4.040  -8.733  1.00 40.80  ? 25  LEU A CA  1 
ATOM   178 C C   . LEU A 1 25  ? 13.064  -3.357  -8.171  1.00 41.15  ? 25  LEU A C   1 
ATOM   179 O O   . LEU A 1 25  ? 13.381  -2.242  -8.571  1.00 52.66  ? 25  LEU A O   1 
ATOM   180 C CB  . LEU A 1 25  ? 10.576  -3.747  -7.855  1.00 41.13  ? 25  LEU A CB  1 
ATOM   181 C CG  . LEU A 1 25  ? 9.220   -4.023  -8.526  1.00 25.08  ? 25  LEU A CG  1 
ATOM   182 C CD1 . LEU A 1 25  ? 8.084   -3.901  -7.526  1.00 36.77  ? 25  LEU A CD1 1 
ATOM   183 C CD2 . LEU A 1 25  ? 8.988   -3.109  -9.756  1.00 29.41  ? 25  LEU A CD2 1 
ATOM   184 N N   . LEU A 1 26  ? 13.781  -4.021  -7.263  1.00 39.42  ? 26  LEU A N   1 
ATOM   185 C CA  . LEU A 1 26  ? 15.013  -3.466  -6.689  1.00 45.61  ? 26  LEU A CA  1 
ATOM   186 C C   . LEU A 1 26  ? 16.090  -3.268  -7.761  1.00 44.66  ? 26  LEU A C   1 
ATOM   187 O O   . LEU A 1 26  ? 16.751  -2.223  -7.812  1.00 46.15  ? 26  LEU A O   1 
ATOM   188 C CB  . LEU A 1 26  ? 15.543  -4.375  -5.580  1.00 44.26  ? 26  LEU A CB  1 
ATOM   189 C CG  . LEU A 1 26  ? 14.878  -4.351  -4.208  1.00 47.66  ? 26  LEU A CG  1 
ATOM   190 C CD1 . LEU A 1 26  ? 15.263  -5.587  -3.390  1.00 49.26  ? 26  LEU A CD1 1 
ATOM   191 C CD2 . LEU A 1 26  ? 15.224  -3.069  -3.459  1.00 40.79  ? 26  LEU A CD2 1 
ATOM   192 N N   . ASP A 1 27  ? 16.232  -4.274  -8.624  1.00 47.77  ? 27  ASP A N   1 
ATOM   193 C CA  . ASP A 1 27  ? 17.247  -4.292  -9.676  1.00 61.84  ? 27  ASP A CA  1 
ATOM   194 C C   . ASP A 1 27  ? 17.136  -3.141  -10.660 1.00 64.68  ? 27  ASP A C   1 
ATOM   195 O O   . ASP A 1 27  ? 18.156  -2.608  -11.097 1.00 71.91  ? 27  ASP A O   1 
ATOM   196 C CB  . ASP A 1 27  ? 17.220  -5.615  -10.444 1.00 72.63  ? 27  ASP A CB  1 
ATOM   197 C CG  . ASP A 1 27  ? 17.617  -6.794  -9.584  1.00 90.37  ? 27  ASP A CG  1 
ATOM   198 O OD1 . ASP A 1 27  ? 18.172  -6.573  -8.483  1.00 96.86  ? 27  ASP A OD1 1 
ATOM   199 O OD2 . ASP A 1 27  ? 17.373  -7.940  -10.023 1.00 100.44 ? 27  ASP A OD2 1 
ATOM   200 N N   . THR A 1 28  ? 15.905  -2.765  -11.003 1.00 66.08  ? 28  THR A N   1 
ATOM   201 C CA  . THR A 1 28  ? 15.656  -1.637  -11.905 1.00 65.92  ? 28  THR A CA  1 
ATOM   202 C C   . THR A 1 28  ? 16.289  -0.371  -11.348 1.00 64.71  ? 28  THR A C   1 
ATOM   203 O O   . THR A 1 28  ? 16.954  0.366   -12.074 1.00 68.62  ? 28  THR A O   1 
ATOM   204 C CB  . THR A 1 28  ? 14.154  -1.379  -12.121 1.00 59.93  ? 28  THR A CB  1 
ATOM   205 O OG1 . THR A 1 28  ? 13.564  -0.954  -10.887 1.00 64.43  ? 28  THR A OG1 1 
ATOM   206 C CG2 . THR A 1 28  ? 13.465  -2.636  -12.620 1.00 70.68  ? 28  THR A CG2 1 
ATOM   207 N N   . GLY A 1 29  ? 16.089  -0.139  -10.053 1.00 64.34  ? 29  GLY A N   1 
ATOM   208 C CA  . GLY A 1 29  ? 16.646  1.019   -9.375  1.00 56.57  ? 29  GLY A CA  1 
ATOM   209 C C   . GLY A 1 29  ? 15.962  2.322   -9.752  1.00 56.84  ? 29  GLY A C   1 
ATOM   210 O O   . GLY A 1 29  ? 16.369  3.402   -9.308  1.00 52.01  ? 29  GLY A O   1 
ATOM   211 N N   . LYS A 1 30  ? 14.915  2.227   -10.571 1.00 55.78  ? 30  LYS A N   1 
ATOM   212 C CA  . LYS A 1 30  ? 14.215  3.415   -11.030 1.00 50.59  ? 30  LYS A CA  1 
ATOM   213 C C   . LYS A 1 30  ? 13.065  3.761   -10.104 1.00 50.49  ? 30  LYS A C   1 
ATOM   214 O O   . LYS A 1 30  ? 12.315  2.892   -9.671  1.00 57.53  ? 30  LYS A O   1 
ATOM   215 C CB  . LYS A 1 30  ? 13.721  3.227   -12.460 1.00 53.15  ? 30  LYS A CB  1 
ATOM   216 C CG  . LYS A 1 30  ? 14.810  2.842   -13.429 1.00 64.39  ? 30  LYS A CG  1 
ATOM   217 C CD  . LYS A 1 30  ? 14.289  2.741   -14.858 1.00 64.93  ? 30  LYS A CD  1 
ATOM   218 C CE  . LYS A 1 30  ? 15.446  2.608   -15.848 1.00 78.83  ? 30  LYS A CE  1 
ATOM   219 N NZ  . LYS A 1 30  ? 14.992  2.377   -17.247 1.00 80.71  ? 30  LYS A NZ  1 
ATOM   220 N N   . GLU A 1 31  ? 12.955  5.045   -9.796  1.00 50.39  ? 31  GLU A N   1 
ATOM   221 C CA  . GLU A 1 31  ? 11.879  5.550   -8.969  1.00 41.67  ? 31  GLU A CA  1 
ATOM   222 C C   . GLU A 1 31  ? 10.524  5.291   -9.649  1.00 45.95  ? 31  GLU A C   1 
ATOM   223 O O   . GLU A 1 31  ? 10.318  5.635   -10.814 1.00 44.82  ? 31  GLU A O   1 
ATOM   224 C CB  . GLU A 1 31  ? 12.099  7.050   -8.701  1.00 46.90  ? 31  GLU A CB  1 
ATOM   225 C CG  . GLU A 1 31  ? 11.140  7.690   -7.692  1.00 38.74  ? 31  GLU A CG  1 
ATOM   226 C CD  . GLU A 1 31  ? 11.324  7.163   -6.277  1.00 54.87  ? 31  GLU A CD  1 
ATOM   227 O OE1 . GLU A 1 31  ? 10.489  7.512   -5.412  1.00 53.24  ? 31  GLU A OE1 1 
ATOM   228 O OE2 . GLU A 1 31  ? 12.294  6.405   -6.029  1.00 55.49  ? 31  GLU A OE2 1 
ATOM   229 N N   . GLY A 1 32  ? 9.613   4.651   -8.921  1.00 37.29  ? 32  GLY A N   1 
ATOM   230 C CA  . GLY A 1 32  ? 8.278   4.403   -9.425  1.00 31.00  ? 32  GLY A CA  1 
ATOM   231 C C   . GLY A 1 32  ? 8.231   3.279   -10.434 1.00 29.71  ? 32  GLY A C   1 
ATOM   232 O O   . GLY A 1 32  ? 7.354   3.262   -11.306 1.00 27.89  ? 32  GLY A O   1 
ATOM   233 N N   . ALA A 1 33  ? 9.187   2.355   -10.333 1.00 25.68  ? 33  ALA A N   1 
ATOM   234 C CA  . ALA A 1 33  ? 9.084   1.096   -11.041 1.00 29.38  ? 33  ALA A CA  1 
ATOM   235 C C   . ALA A 1 33  ? 7.977   0.326   -10.344 1.00 31.10  ? 33  ALA A C   1 
ATOM   236 O O   . ALA A 1 33  ? 7.843   0.374   -9.122  1.00 35.87  ? 33  ALA A O   1 
ATOM   237 C CB  . ALA A 1 33  ? 10.385  0.329   -10.985 1.00 27.17  ? 33  ALA A CB  1 
ATOM   238 N N   . PHE A 1 34  ? 7.163   -0.373  -11.118 1.00 21.03  ? 34  PHE A N   1 
ATOM   239 C CA  . PHE A 1 34  ? 6.037   -1.037  -10.514 1.00 17.51  ? 34  PHE A CA  1 
ATOM   240 C C   . PHE A 1 34  ? 5.540   -2.210  -11.326 1.00 28.05  ? 34  PHE A C   1 
ATOM   241 O O   . PHE A 1 34  ? 5.921   -2.420  -12.471 1.00 29.69  ? 34  PHE A O   1 
ATOM   242 C CB  . PHE A 1 34  ? 4.886   -0.058  -10.298 1.00 18.92  ? 34  PHE A CB  1 
ATOM   243 C CG  . PHE A 1 34  ? 4.123   0.241   -11.549 1.00 19.56  ? 34  PHE A CG  1 
ATOM   244 C CD1 . PHE A 1 34  ? 2.898   -0.383  -11.801 1.00 13.98  ? 34  PHE A CD1 1 
ATOM   245 C CD2 . PHE A 1 34  ? 4.635   1.138   -12.494 1.00 26.32  ? 34  PHE A CD2 1 
ATOM   246 C CE1 . PHE A 1 34  ? 2.197   -0.116  -12.979 1.00 18.29  ? 34  PHE A CE1 1 
ATOM   247 C CE2 . PHE A 1 34  ? 3.934   1.418   -13.680 1.00 28.55  ? 34  PHE A CE2 1 
ATOM   248 C CZ  . PHE A 1 34  ? 2.717   0.801   -13.924 1.00 26.43  ? 34  PHE A CZ  1 
ATOM   249 N N   . MET A 1 35  ? 4.619   -2.938  -10.724 1.00 29.45  ? 35  MET A N   1 
ATOM   250 C CA  . MET A 1 35  ? 4.131   -4.154  -11.303 1.00 26.57  ? 35  MET A CA  1 
ATOM   251 C C   . MET A 1 35  ? 2.802   -4.435  -10.621 1.00 18.42  ? 35  MET A C   1 
ATOM   252 O O   . MET A 1 35  ? 2.624   -4.096  -9.450  1.00 15.89  ? 35  MET A O   1 
ATOM   253 C CB  . MET A 1 35  ? 5.163   -5.235  -11.005 1.00 38.25  ? 35  MET A CB  1 
ATOM   254 C CG  . MET A 1 35  ? 4.619   -6.601  -10.751 1.00 44.19  ? 35  MET A CG  1 
ATOM   255 S SD  . MET A 1 35  ? 5.908   -7.679  -10.115 1.00 47.18  ? 35  MET A SD  1 
ATOM   256 C CE  . MET A 1 35  ? 7.282   -7.370  -11.228 1.00 47.96  ? 35  MET A CE  1 
ATOM   257 N N   . VAL A 1 36  ? 1.848   -5.004  -11.347 1.00 15.70  ? 36  VAL A N   1 
ATOM   258 C CA  . VAL A 1 36  ? 0.623   -5.481  -10.714 1.00 16.40  ? 36  VAL A CA  1 
ATOM   259 C C   . VAL A 1 36  ? 0.660   -7.002  -10.697 1.00 21.06  ? 36  VAL A C   1 
ATOM   260 O O   . VAL A 1 36  ? 0.895   -7.616  -11.722 1.00 20.05  ? 36  VAL A O   1 
ATOM   261 C CB  . VAL A 1 36  ? -0.615  -5.007  -11.470 1.00 16.72  ? 36  VAL A CB  1 
ATOM   262 C CG1 . VAL A 1 36  ? -1.884  -5.722  -10.972 1.00 25.22  ? 36  VAL A CG1 1 
ATOM   263 C CG2 . VAL A 1 36  ? -0.740  -3.482  -11.362 1.00 5.43   ? 36  VAL A CG2 1 
ATOM   264 N N   . ARG A 1 37  ? 0.463   -7.620  -9.539  1.00 22.25  ? 37  ARG A N   1 
ATOM   265 C CA  . ARG A 1 37  ? 0.378   -9.071  -9.500  1.00 30.07  ? 37  ARG A CA  1 
ATOM   266 C C   . ARG A 1 37  ? -0.945  -9.519  -8.898  1.00 28.18  ? 37  ARG A C   1 
ATOM   267 O O   . ARG A 1 37  ? -1.777  -8.678  -8.563  1.00 37.18  ? 37  ARG A O   1 
ATOM   268 C CB  . ARG A 1 37  ? 1.580   -9.676  -8.767  1.00 11.91  ? 37  ARG A CB  1 
ATOM   269 C CG  . ARG A 1 37  ? 2.064   -8.878  -7.589  1.00 31.07  ? 37  ARG A CG  1 
ATOM   270 C CD  . ARG A 1 37  ? 3.346   -9.478  -7.009  1.00 18.92  ? 37  ARG A CD  1 
ATOM   271 N NE  . ARG A 1 37  ? 3.599   -8.926  -5.679  1.00 15.26  ? 37  ARG A NE  1 
ATOM   272 C CZ  . ARG A 1 37  ? 3.096   -9.420  -4.550  1.00 33.53  ? 37  ARG A CZ  1 
ATOM   273 N NH1 . ARG A 1 37  ? 2.305   -10.492 -4.573  1.00 48.66  ? 37  ARG A NH1 1 
ATOM   274 N NH2 . ARG A 1 37  ? 3.388   -8.841  -3.392  1.00 20.48  ? 37  ARG A NH2 1 
ATOM   275 N N   . ASP A 1 38  ? -1.157  -10.831 -8.795  1.00 42.67  ? 38  ASP A N   1 
ATOM   276 C CA  . ASP A 1 38  ? -2.390  -11.365 -8.199  1.00 42.93  ? 38  ASP A CA  1 
ATOM   277 C C   . ASP A 1 38  ? -2.297  -11.502 -6.674  1.00 46.01  ? 38  ASP A C   1 
ATOM   278 O O   . ASP A 1 38  ? -1.212  -11.686 -6.102  1.00 40.63  ? 38  ASP A O   1 
ATOM   279 C CB  . ASP A 1 38  ? -2.774  -12.716 -8.808  1.00 34.34  ? 38  ASP A CB  1 
ATOM   280 C CG  . ASP A 1 38  ? -3.154  -12.616 -10.284 1.00 48.01  ? 38  ASP A CG  1 
ATOM   281 O OD1 . ASP A 1 38  ? -3.711  -11.575 -10.696 1.00 42.78  ? 38  ASP A OD1 1 
ATOM   282 O OD2 . ASP A 1 38  ? -2.895  -13.584 -11.039 1.00 50.56  ? 38  ASP A OD2 1 
ATOM   283 N N   . SER A 1 39  ? -3.453  -11.402 -6.025  1.00 54.25  ? 39  SER A N   1 
ATOM   284 C CA  . SER A 1 39  ? -3.549  -11.527 -4.577  1.00 53.41  ? 39  SER A CA  1 
ATOM   285 C C   . SER A 1 39  ? -4.264  -12.825 -4.212  1.00 56.24  ? 39  SER A C   1 
ATOM   286 O O   . SER A 1 39  ? -4.686  -13.571 -5.101  1.00 45.24  ? 39  SER A O   1 
ATOM   287 C CB  . SER A 1 39  ? -4.290  -10.320 -4.003  1.00 51.06  ? 39  SER A CB  1 
ATOM   288 O OG  . SER A 1 39  ? -4.716  -10.545 -2.671  1.00 59.97  ? 39  SER A OG  1 
ATOM   289 N N   . ARG A 1 40  ? -4.393  -13.083 -2.911  1.00 66.48  ? 40  ARG A N   1 
ATOM   290 C CA  . ARG A 1 40  ? -5.037  -14.292 -2.393  1.00 75.43  ? 40  ARG A CA  1 
ATOM   291 C C   . ARG A 1 40  ? -6.413  -14.505 -2.990  1.00 74.66  ? 40  ARG A C   1 
ATOM   292 O O   . ARG A 1 40  ? -6.674  -15.530 -3.608  1.00 74.89  ? 40  ARG A O   1 
ATOM   293 C CB  . ARG A 1 40  ? -5.192  -14.209 -0.879  1.00 80.43  ? 40  ARG A CB  1 
ATOM   294 C CG  . ARG A 1 40  ? -4.130  -13.383 -0.200  1.00 94.58  ? 40  ARG A CG  1 
ATOM   295 C CD  . ARG A 1 40  ? -2.788  -14.083 -0.199  1.00 99.17  ? 40  ARG A CD  1 
ATOM   296 N NE  . ARG A 1 40  ? -1.827  -13.313 0.575   1.00 109.55 ? 40  ARG A NE  1 
ATOM   297 C CZ  . ARG A 1 40  ? -1.830  -13.238 1.904   1.00 115.83 ? 40  ARG A CZ  1 
ATOM   298 N NH1 . ARG A 1 40  ? -2.735  -13.893 2.621   1.00 119.64 ? 40  ARG A NH1 1 
ATOM   299 N NH2 . ARG A 1 40  ? -0.921  -12.505 2.520   1.00 114.38 ? 40  ARG A NH2 1 
ATOM   300 N N   . THR A 1 41  ? -7.301  -13.539 -2.800  1.00 71.67  ? 41  THR A N   1 
ATOM   301 C CA  . THR A 1 41  ? -8.653  -13.682 -3.313  1.00 73.82  ? 41  THR A CA  1 
ATOM   302 C C   . THR A 1 41  ? -8.749  -13.111 -4.711  1.00 75.11  ? 41  THR A C   1 
ATOM   303 O O   . THR A 1 41  ? -8.140  -12.083 -4.999  1.00 69.04  ? 41  THR A O   1 
ATOM   304 C CB  . THR A 1 41  ? -9.663  -12.970 -2.429  1.00 71.69  ? 41  THR A CB  1 
ATOM   305 O OG1 . THR A 1 41  ? -9.147  -12.889 -1.096  1.00 85.93  ? 41  THR A OG1 1 
ATOM   306 C CG2 . THR A 1 41  ? -10.978 -13.730 -2.422  1.00 74.62  ? 41  THR A CG2 1 
ATOM   307 N N   . PRO A 1 42  ? -9.493  -13.800 -5.593  1.00 81.23  ? 42  PRO A N   1 
ATOM   308 C CA  . PRO A 1 42  ? -9.798  -13.324 -6.949  1.00 83.90  ? 42  PRO A CA  1 
ATOM   309 C C   . PRO A 1 42  ? -10.598 -12.020 -6.932  1.00 84.31  ? 42  PRO A C   1 
ATOM   310 O O   . PRO A 1 42  ? -11.464 -11.837 -6.070  1.00 85.91  ? 42  PRO A O   1 
ATOM   311 C CB  . PRO A 1 42  ? -10.643 -14.460 -7.532  1.00 85.50  ? 42  PRO A CB  1 
ATOM   312 C CG  . PRO A 1 42  ? -10.190 -15.673 -6.795  1.00 83.35  ? 42  PRO A CG  1 
ATOM   313 C CD  . PRO A 1 42  ? -9.908  -15.202 -5.398  1.00 83.39  ? 42  PRO A CD  1 
ATOM   314 N N   . GLY A 1 43  ? -10.309 -11.126 -7.874  1.00 82.07  ? 43  GLY A N   1 
ATOM   315 C CA  . GLY A 1 43  ? -10.901 -9.803  -7.868  1.00 70.90  ? 43  GLY A CA  1 
ATOM   316 C C   . GLY A 1 43  ? -10.011 -8.826  -7.125  1.00 67.23  ? 43  GLY A C   1 
ATOM   317 O O   . GLY A 1 43  ? -10.156 -7.611  -7.240  1.00 73.42  ? 43  GLY A O   1 
ATOM   318 N N   . THR A 1 44  ? -9.070  -9.365  -6.364  1.00 56.69  ? 44  THR A N   1 
ATOM   319 C CA  . THR A 1 44  ? -8.111  -8.545  -5.640  1.00 53.81  ? 44  THR A CA  1 
ATOM   320 C C   . THR A 1 44  ? -6.711  -8.641  -6.260  1.00 40.94  ? 44  THR A C   1 
ATOM   321 O O   . THR A 1 44  ? -6.252  -9.727  -6.617  1.00 43.15  ? 44  THR A O   1 
ATOM   322 C CB  . THR A 1 44  ? -8.068  -8.940  -4.148  1.00 56.88  ? 44  THR A CB  1 
ATOM   323 O OG1 . THR A 1 44  ? -9.316  -8.609  -3.535  1.00 62.24  ? 44  THR A OG1 1 
ATOM   324 C CG2 . THR A 1 44  ? -6.992  -8.188  -3.439  1.00 59.39  ? 44  THR A CG2 1 
ATOM   325 N N   . TYR A 1 45  ? -6.044  -7.498  -6.396  1.00 24.74  ? 45  TYR A N   1 
ATOM   326 C CA  . TYR A 1 45  ? -4.693  -7.468  -6.940  1.00 28.87  ? 45  TYR A CA  1 
ATOM   327 C C   . TYR A 1 45  ? -3.754  -6.757  -6.012  1.00 22.62  ? 45  TYR A C   1 
ATOM   328 O O   . TYR A 1 45  ? -4.176  -6.216  -5.001  1.00 21.89  ? 45  TYR A O   1 
ATOM   329 C CB  . TYR A 1 45  ? -4.681  -6.801  -8.314  1.00 29.65  ? 45  TYR A CB  1 
ATOM   330 C CG  . TYR A 1 45  ? -5.563  -7.543  -9.266  1.00 36.08  ? 45  TYR A CG  1 
ATOM   331 C CD1 . TYR A 1 45  ? -5.066  -8.590  -10.025 1.00 36.98  ? 45  TYR A CD1 1 
ATOM   332 C CD2 . TYR A 1 45  ? -6.922  -7.241  -9.356  1.00 49.28  ? 45  TYR A CD2 1 
ATOM   333 C CE1 . TYR A 1 45  ? -5.893  -9.295  -10.875 1.00 42.16  ? 45  TYR A CE1 1 
ATOM   334 C CE2 . TYR A 1 45  ? -7.756  -7.940  -10.198 1.00 45.28  ? 45  TYR A CE2 1 
ATOM   335 C CZ  . TYR A 1 45  ? -7.242  -8.962  -10.957 1.00 50.88  ? 45  TYR A CZ  1 
ATOM   336 O OH  . TYR A 1 45  ? -8.087  -9.652  -11.798 1.00 59.62  ? 45  TYR A OH  1 
ATOM   337 N N   . THR A 1 46  ? -2.476  -6.741  -6.366  1.00 24.66  ? 46  THR A N   1 
ATOM   338 C CA  . THR A 1 46  ? -1.475  -6.078  -5.538  1.00 19.47  ? 46  THR A CA  1 
ATOM   339 C C   . THR A 1 46  ? -0.537  -5.238  -6.368  1.00 24.65  ? 46  THR A C   1 
ATOM   340 O O   . THR A 1 46  ? 0.116   -5.741  -7.270  1.00 36.63  ? 46  THR A O   1 
ATOM   341 C CB  . THR A 1 46  ? -0.640  -7.097  -4.718  1.00 19.70  ? 46  THR A CB  1 
ATOM   342 O OG1 . THR A 1 46  ? -1.522  -7.879  -3.894  1.00 30.90  ? 46  THR A OG1 1 
ATOM   343 C CG2 . THR A 1 46  ? 0.396   -6.362  -3.826  1.00 29.45  ? 46  THR A CG2 1 
ATOM   344 N N   . VAL A 1 47  ? -0.460  -3.953  -6.068  1.00 18.32  ? 47  VAL A N   1 
ATOM   345 C CA  . VAL A 1 47  ? 0.542   -3.130  -6.713  1.00 20.86  ? 47  VAL A CA  1 
ATOM   346 C C   . VAL A 1 47  ? 1.790   -3.068  -5.856  1.00 27.31  ? 47  VAL A C   1 
ATOM   347 O O   . VAL A 1 47  ? 1.722   -2.906  -4.644  1.00 34.10  ? 47  VAL A O   1 
ATOM   348 C CB  . VAL A 1 47  ? 0.043   -1.711  -6.963  1.00 26.96  ? 47  VAL A CB  1 
ATOM   349 C CG1 . VAL A 1 47  ? 0.929   -1.019  -7.992  1.00 19.39  ? 47  VAL A CG1 1 
ATOM   350 C CG2 . VAL A 1 47  ? -1.355  -1.758  -7.466  1.00 6.44   ? 47  VAL A CG2 1 
ATOM   351 N N   . SER A 1 48  ? 2.933   -3.178  -6.509  1.00 29.99  ? 48  SER A N   1 
ATOM   352 C CA  . SER A 1 48  ? 4.215   -3.140  -5.830  1.00 27.98  ? 48  SER A CA  1 
ATOM   353 C C   . SER A 1 48  ? 5.109   -2.079  -6.467  1.00 28.30  ? 48  SER A C   1 
ATOM   354 O O   . SER A 1 48  ? 5.450   -2.159  -7.655  1.00 32.77  ? 48  SER A O   1 
ATOM   355 C CB  . SER A 1 48  ? 4.865   -4.517  -5.920  1.00 25.57  ? 48  SER A CB  1 
ATOM   356 O OG  . SER A 1 48  ? 3.969   -5.510  -5.452  1.00 28.98  ? 48  SER A OG  1 
ATOM   357 N N   . VAL A 1 49  ? 5.478   -1.078  -5.681  1.00 24.15  ? 49  VAL A N   1 
ATOM   358 C CA  . VAL A 1 49  ? 6.233   0.041   -6.219  1.00 35.50  ? 49  VAL A CA  1 
ATOM   359 C C   . VAL A 1 49  ? 7.586   0.255   -5.550  1.00 33.71  ? 49  VAL A C   1 
ATOM   360 O O   . VAL A 1 49  ? 7.692   0.310   -4.320  1.00 44.27  ? 49  VAL A O   1 
ATOM   361 C CB  . VAL A 1 49  ? 5.433   1.344   -6.137  1.00 35.86  ? 49  VAL A CB  1 
ATOM   362 C CG1 . VAL A 1 49  ? 5.857   2.267   -7.257  1.00 49.06  ? 49  VAL A CG1 1 
ATOM   363 C CG2 . VAL A 1 49  ? 3.950   1.058   -6.251  1.00 52.88  ? 49  VAL A CG2 1 
ATOM   364 N N   . PHE A 1 50  ? 8.617   0.372   -6.382  1.00 30.71  ? 50  PHE A N   1 
ATOM   365 C CA  . PHE A 1 50  ? 9.940   0.800   -5.947  1.00 39.17  ? 50  PHE A CA  1 
ATOM   366 C C   . PHE A 1 50  ? 9.939   2.291   -5.602  1.00 37.44  ? 50  PHE A C   1 
ATOM   367 O O   . PHE A 1 50  ? 9.343   3.097   -6.304  1.00 30.39  ? 50  PHE A O   1 
ATOM   368 C CB  . PHE A 1 50  ? 10.973  0.525   -7.043  1.00 52.59  ? 50  PHE A CB  1 
ATOM   369 C CG  . PHE A 1 50  ? 12.389  0.855   -6.645  1.00 59.26  ? 50  PHE A CG  1 
ATOM   370 C CD1 . PHE A 1 50  ? 13.199  -0.110  -6.062  1.00 65.08  ? 50  PHE A CD1 1 
ATOM   371 C CD2 . PHE A 1 50  ? 12.913  2.127   -6.859  1.00 67.09  ? 50  PHE A CD2 1 
ATOM   372 C CE1 . PHE A 1 50  ? 14.505  0.184   -5.700  1.00 77.88  ? 50  PHE A CE1 1 
ATOM   373 C CE2 . PHE A 1 50  ? 14.214  2.431   -6.497  1.00 71.81  ? 50  PHE A CE2 1 
ATOM   374 C CZ  . PHE A 1 50  ? 15.014  1.457   -5.916  1.00 70.61  ? 50  PHE A CZ  1 
ATOM   375 N N   . THR A 1 51  ? 10.606  2.653   -4.510  1.00 50.25  ? 51  THR A N   1 
ATOM   376 C CA  . THR A 1 51  ? 10.717  4.050   -4.103  1.00 61.07  ? 51  THR A CA  1 
ATOM   377 C C   . THR A 1 51  ? 12.009  4.267   -3.310  1.00 66.20  ? 51  THR A C   1 
ATOM   378 O O   . THR A 1 51  ? 12.464  3.367   -2.603  1.00 65.05  ? 51  THR A O   1 
ATOM   379 C CB  . THR A 1 51  ? 9.483   4.505   -3.265  1.00 60.93  ? 51  THR A CB  1 
ATOM   380 O OG1 . THR A 1 51  ? 9.458   5.937   -3.154  1.00 62.16  ? 51  THR A OG1 1 
ATOM   381 C CG2 . THR A 1 51  ? 9.489   3.869   -1.870  1.00 55.48  ? 51  THR A CG2 1 
ATOM   382 N N   . LYS A 1 52  ? 12.619  5.440   -3.459  1.00 76.64  ? 52  LYS A N   1 
ATOM   383 C CA  . LYS A 1 52  ? 13.664  5.864   -2.531  1.00 82.36  ? 52  LYS A CA  1 
ATOM   384 C C   . LYS A 1 52  ? 13.211  7.119   -1.784  1.00 86.15  ? 52  LYS A C   1 
ATOM   385 O O   . LYS A 1 52  ? 13.740  8.197   -1.997  1.00 93.36  ? 52  LYS A O   1 
ATOM   386 C CB  . LYS A 1 52  ? 15.002  6.087   -3.250  1.00 80.24  ? 52  LYS A CB  1 
ATOM   387 C CG  . LYS A 1 52  ? 14.882  6.702   -4.630  1.00 83.83  ? 52  LYS A CG  1 
ATOM   388 C CD  . LYS A 1 52  ? 16.126  6.465   -5.475  1.00 86.69  ? 52  LYS A CD  1 
ATOM   389 C CE  . LYS A 1 52  ? 15.859  6.775   -6.946  1.00 84.89  ? 52  LYS A CE  1 
ATOM   390 N NZ  . LYS A 1 52  ? 17.105  6.875   -7.762  1.00 82.16  ? 52  LYS A NZ  1 
ATOM   391 N N   . ALA A 1 53  ? 12.205  6.982   -0.925  1.00 88.50  ? 53  ALA A N   1 
ATOM   392 C CA  . ALA A 1 53  ? 11.730  8.112   -0.136  1.00 89.71  ? 53  ALA A CA  1 
ATOM   393 C C   . ALA A 1 53  ? 12.287  7.997   1.273   1.00 93.42  ? 53  ALA A C   1 
ATOM   394 O O   . ALA A 1 53  ? 13.249  8.670   1.635   1.00 89.97  ? 53  ALA A O   1 
ATOM   395 C CB  . ALA A 1 53  ? 10.199  8.158   -0.111  1.00 85.00  ? 53  ALA A CB  1 
ATOM   396 N N   . ILE A 1 54  ? 11.686  7.107   2.050   1.00 102.13 ? 54  ILE A N   1 
ATOM   397 C CA  . ILE A 1 54  ? 12.072  6.895   3.436   1.00 109.43 ? 54  ILE A CA  1 
ATOM   398 C C   . ILE A 1 54  ? 13.459  6.268   3.577   1.00 111.72 ? 54  ILE A C   1 
ATOM   399 O O   . ILE A 1 54  ? 13.591  5.039   3.643   1.00 107.55 ? 54  ILE A O   1 
ATOM   400 C CB  . ILE A 1 54  ? 11.042  5.997   4.162   1.00 110.33 ? 54  ILE A CB  1 
ATOM   401 C CG1 . ILE A 1 54  ? 9.613   6.343   3.715   1.00 110.97 ? 54  ILE A CG1 1 
ATOM   402 C CG2 . ILE A 1 54  ? 11.208  6.091   5.681   1.00 112.07 ? 54  ILE A CG2 1 
ATOM   403 C CD1 . ILE A 1 54  ? 9.071   5.475   2.581   1.00 107.74 ? 54  ILE A CD1 1 
ATOM   404 N N   . ILE A 1 55  ? 14.495  7.103   3.627   1.00 118.47 ? 55  ILE A N   1 
ATOM   405 C CA  . ILE A 1 55  ? 15.815  6.594   3.978   1.00 125.28 ? 55  ILE A CA  1 
ATOM   406 C C   . ILE A 1 55  ? 15.754  6.041   5.389   1.00 126.74 ? 55  ILE A C   1 
ATOM   407 O O   . ILE A 1 55  ? 15.685  6.779   6.373   1.00 125.24 ? 55  ILE A O   1 
ATOM   408 C CB  . ILE A 1 55  ? 16.901  7.676   3.926   1.00 126.95 ? 55  ILE A CB  1 
ATOM   409 C CG1 . ILE A 1 55  ? 16.928  8.328   2.540   1.00 127.66 ? 55  ILE A CG1 1 
ATOM   410 C CG2 . ILE A 1 55  ? 18.269  7.083   4.308   1.00 125.82 ? 55  ILE A CG2 1 
ATOM   411 C CD1 . ILE A 1 55  ? 18.280  8.271   1.857   1.00 128.57 ? 55  ILE A CD1 1 
ATOM   412 N N   . SER A 1 56  ? 15.741  4.722   5.463   1.00 130.23 ? 56  SER A N   1 
ATOM   413 C CA  . SER A 1 56  ? 15.823  4.006   6.714   1.00 132.91 ? 56  SER A CA  1 
ATOM   414 C C   . SER A 1 56  ? 16.673  2.805   6.355   1.00 134.40 ? 56  SER A C   1 
ATOM   415 O O   . SER A 1 56  ? 16.320  1.663   6.655   1.00 136.11 ? 56  SER A O   1 
ATOM   416 C CB  . SER A 1 56  ? 14.429  3.568   7.154   1.00 132.58 ? 56  SER A CB  1 
ATOM   417 O OG  . SER A 1 56  ? 13.661  3.133   6.040   1.00 137.68 ? 56  SER A OG  1 
ATOM   418 N N   . GLU A 1 57  ? 17.805  3.098   5.716   1.00 135.43 ? 57  GLU A N   1 
ATOM   419 C CA  . GLU A 1 57  ? 18.514  2.164   4.840   1.00 133.37 ? 57  GLU A CA  1 
ATOM   420 C C   . GLU A 1 57  ? 17.647  1.884   3.619   1.00 131.93 ? 57  GLU A C   1 
ATOM   421 O O   . GLU A 1 57  ? 16.930  0.884   3.546   1.00 132.25 ? 57  GLU A O   1 
ATOM   422 C CB  . GLU A 1 57  ? 18.955  0.873   5.544   1.00 133.57 ? 57  GLU A CB  1 
ATOM   423 C CG  . GLU A 1 57  ? 20.265  0.988   6.328   1.00 132.48 ? 57  GLU A CG  1 
ATOM   424 C CD  . GLU A 1 57  ? 20.061  1.341   7.796   1.00 133.99 ? 57  GLU A CD  1 
ATOM   425 O OE1 . GLU A 1 57  ? 18.975  1.847   8.152   1.00 130.51 ? 57  GLU A OE1 1 
ATOM   426 O OE2 . GLU A 1 57  ? 20.989  1.101   8.598   1.00 134.29 ? 57  GLU A OE2 1 
ATOM   427 N N   . ASN A 1 58  ? 17.713  2.816   2.677   1.00 128.87 ? 58  ASN A N   1 
ATOM   428 C CA  . ASN A 1 58  ? 17.031  2.712   1.398   1.00 125.32 ? 58  ASN A CA  1 
ATOM   429 C C   . ASN A 1 58  ? 17.275  1.379   0.674   1.00 123.13 ? 58  ASN A C   1 
ATOM   430 O O   . ASN A 1 58  ? 18.210  0.649   1.000   1.00 129.20 ? 58  ASN A O   1 
ATOM   431 C CB  . ASN A 1 58  ? 17.472  3.888   0.506   1.00 123.26 ? 58  ASN A CB  1 
ATOM   432 C CG  . ASN A 1 58  ? 16.418  4.998   0.413   1.00 122.76 ? 58  ASN A CG  1 
ATOM   433 O OD1 . ASN A 1 58  ? 15.290  4.828   0.849   1.00 125.53 ? 58  ASN A OD1 1 
ATOM   434 N ND2 . ASN A 1 58  ? 16.787  6.127   -0.178  1.00 123.09 ? 58  ASN A ND2 1 
ATOM   435 N N   . PRO A 1 59  ? 16.398  1.030   -0.279  1.00 116.09 ? 59  PRO A N   1 
ATOM   436 C CA  . PRO A 1 59  ? 15.094  1.630   -0.551  1.00 102.97 ? 59  PRO A CA  1 
ATOM   437 C C   . PRO A 1 59  ? 13.970  0.714   -0.088  1.00 89.88  ? 59  PRO A C   1 
ATOM   438 O O   . PRO A 1 59  ? 14.204  -0.323  0.530   1.00 88.48  ? 59  PRO A O   1 
ATOM   439 C CB  . PRO A 1 59  ? 15.072  1.704   -2.078  1.00 107.47 ? 59  PRO A CB  1 
ATOM   440 C CG  . PRO A 1 59  ? 16.424  1.175   -2.541  1.00 114.12 ? 59  PRO A CG  1 
ATOM   441 C CD  . PRO A 1 59  ? 16.860  0.282   -1.451  1.00 115.31 ? 59  PRO A CD  1 
ATOM   442 N N   . CYS A 1 60  ? 12.744  1.105   -0.400  1.00 73.77  ? 60  CYS A N   1 
ATOM   443 C CA  . CYS A 1 60  ? 11.588  0.335   0.018   1.00 64.52  ? 60  CYS A CA  1 
ATOM   444 C C   . CYS A 1 60  ? 10.750  -0.089  -1.184  1.00 56.81  ? 60  CYS A C   1 
ATOM   445 O O   . CYS A 1 60  ? 10.686  0.612   -2.188  1.00 51.35  ? 60  CYS A O   1 
ATOM   446 C CB  . CYS A 1 60  ? 10.742  1.155   0.998   1.00 62.25  ? 60  CYS A CB  1 
ATOM   447 S SG  . CYS A 1 60  ? 9.337   0.266   1.727   1.00 70.11  ? 60  CYS A SG  1 
ATOM   448 N N   . ILE A 1 61  ? 10.127  -1.253  -1.090  1.00 53.60  ? 61  ILE A N   1 
ATOM   449 C CA  . ILE A 1 61  ? 9.078   -1.605  -2.022  1.00 41.03  ? 61  ILE A CA  1 
ATOM   450 C C   . ILE A 1 61  ? 7.773   -1.547  -1.257  1.00 44.49  ? 61  ILE A C   1 
ATOM   451 O O   . ILE A 1 61  ? 7.615   -2.219  -0.244  1.00 60.36  ? 61  ILE A O   1 
ATOM   452 C CB  . ILE A 1 61  ? 9.263   -3.018  -2.574  1.00 45.88  ? 61  ILE A CB  1 
ATOM   453 C CG1 . ILE A 1 61  ? 10.654  -3.174  -3.203  1.00 36.83  ? 61  ILE A CG1 1 
ATOM   454 C CG2 . ILE A 1 61  ? 8.149   -3.360  -3.573  1.00 40.81  ? 61  ILE A CG2 1 
ATOM   455 C CD1 . ILE A 1 61  ? 10.851  -2.363  -4.452  1.00 47.88  ? 61  ILE A CD1 1 
ATOM   456 N N   . LYS A 1 62  ? 6.837   -0.735  -1.733  1.00 46.22  ? 62  LYS A N   1 
ATOM   457 C CA  . LYS A 1 62  ? 5.530   -0.667  -1.099  1.00 44.98  ? 62  LYS A CA  1 
ATOM   458 C C   . LYS A 1 62  ? 4.546   -1.562  -1.821  1.00 37.63  ? 62  LYS A C   1 
ATOM   459 O O   . LYS A 1 62  ? 4.568   -1.657  -3.043  1.00 40.75  ? 62  LYS A O   1 
ATOM   460 C CB  . LYS A 1 62  ? 5.010   0.763   -1.094  1.00 54.33  ? 62  LYS A CB  1 
ATOM   461 C CG  . LYS A 1 62  ? 5.865   1.723   -0.288  1.00 72.03  ? 62  LYS A CG  1 
ATOM   462 C CD  . LYS A 1 62  ? 5.664   1.537   1.217   1.00 83.74  ? 62  LYS A CD  1 
ATOM   463 C CE  . LYS A 1 62  ? 4.292   2.033   1.674   1.00 89.62  ? 62  LYS A CE  1 
ATOM   464 N NZ  . LYS A 1 62  ? 4.191   2.162   3.163   1.00 88.58  ? 62  LYS A NZ  1 
ATOM   465 N N   . HIS A 1 63  ? 3.678   -2.207  -1.053  1.00 37.18  ? 63  HIS A N   1 
ATOM   466 C CA  . HIS A 1 63  ? 2.634   -3.058  -1.609  1.00 24.61  ? 63  HIS A CA  1 
ATOM   467 C C   . HIS A 1 63  ? 1.268   -2.490  -1.310  1.00 21.36  ? 63  HIS A C   1 
ATOM   468 O O   . HIS A 1 63  ? 0.982   -2.116  -0.174  1.00 43.40  ? 63  HIS A O   1 
ATOM   469 C CB  . HIS A 1 63  ? 2.726   -4.458  -1.021  1.00 22.01  ? 63  HIS A CB  1 
ATOM   470 C CG  . HIS A 1 63  ? 4.014   -5.150  -1.323  1.00 28.28  ? 63  HIS A CG  1 
ATOM   471 N ND1 . HIS A 1 63  ? 4.332   -5.610  -2.581  1.00 35.57  ? 63  HIS A ND1 1 
ATOM   472 C CD2 . HIS A 1 63  ? 5.066   -5.457  -0.531  1.00 20.70  ? 63  HIS A CD2 1 
ATOM   473 C CE1 . HIS A 1 63  ? 5.521   -6.182  -2.550  1.00 25.64  ? 63  HIS A CE1 1 
ATOM   474 N NE2 . HIS A 1 63  ? 5.990   -6.105  -1.314  1.00 33.05  ? 63  HIS A NE2 1 
ATOM   475 N N   . TYR A 1 64  ? 0.413   -2.424  -2.318  1.00 26.85  ? 64  TYR A N   1 
ATOM   476 C CA  . TYR A 1 64  ? -0.933  -1.923  -2.087  1.00 21.13  ? 64  TYR A CA  1 
ATOM   477 C C   . TYR A 1 64  ? -1.959  -2.929  -2.531  1.00 18.73  ? 64  TYR A C   1 
ATOM   478 O O   . TYR A 1 64  ? -1.720  -3.695  -3.447  1.00 29.72  ? 64  TYR A O   1 
ATOM   479 C CB  . TYR A 1 64  ? -1.152  -0.597  -2.812  1.00 11.64  ? 64  TYR A CB  1 
ATOM   480 C CG  . TYR A 1 64  ? -0.202  0.473   -2.344  1.00 31.57  ? 64  TYR A CG  1 
ATOM   481 C CD1 . TYR A 1 64  ? 1.038   0.655   -2.955  1.00 26.40  ? 64  TYR A CD1 1 
ATOM   482 C CD2 . TYR A 1 64  ? -0.536  1.291   -1.268  1.00 32.04  ? 64  TYR A CD2 1 
ATOM   483 C CE1 . TYR A 1 64  ? 1.905   1.638   -2.515  1.00 38.29  ? 64  TYR A CE1 1 
ATOM   484 C CE2 . TYR A 1 64  ? 0.326   2.273   -0.818  1.00 25.20  ? 64  TYR A CE2 1 
ATOM   485 C CZ  . TYR A 1 64  ? 1.540   2.448   -1.444  1.00 19.45  ? 64  TYR A CZ  1 
ATOM   486 O OH  . TYR A 1 64  ? 2.386   3.436   -0.997  1.00 37.64  ? 64  TYR A OH  1 
ATOM   487 N N   . HIS A 1 65  ? -3.108  -2.934  -1.873  1.00 18.48  ? 65  HIS A N   1 
ATOM   488 C CA  . HIS A 1 65  ? -4.197  -3.784  -2.322  1.00 25.33  ? 65  HIS A CA  1 
ATOM   489 C C   . HIS A 1 65  ? -5.010  -3.015  -3.333  1.00 20.03  ? 65  HIS A C   1 
ATOM   490 O O   . HIS A 1 65  ? -5.178  -1.812  -3.201  1.00 31.96  ? 65  HIS A O   1 
ATOM   491 C CB  . HIS A 1 65  ? -5.123  -4.099  -1.156  1.00 34.57  ? 65  HIS A CB  1 
ATOM   492 C CG  . HIS A 1 65  ? -5.371  -5.553  -0.953  1.00 43.38  ? 65  HIS A CG  1 
ATOM   493 N ND1 . HIS A 1 65  ? -4.401  -6.510  -1.165  1.00 40.19  ? 65  HIS A ND1 1 
ATOM   494 C CD2 . HIS A 1 65  ? -6.467  -6.214  -0.520  1.00 55.70  ? 65  HIS A CD2 1 
ATOM   495 C CE1 . HIS A 1 65  ? -4.893  -7.699  -0.880  1.00 53.98  ? 65  HIS A CE1 1 
ATOM   496 N NE2 . HIS A 1 65  ? -6.144  -7.549  -0.483  1.00 62.20  ? 65  HIS A NE2 1 
ATOM   497 N N   . ILE A 1 66  ? -5.524  -3.724  -4.324  1.00 18.58  ? 66  ILE A N   1 
ATOM   498 C CA  . ILE A 1 66  ? -6.577  -3.214  -5.189  1.00 24.38  ? 66  ILE A CA  1 
ATOM   499 C C   . ILE A 1 66  ? -7.812  -4.088  -4.948  1.00 44.57  ? 66  ILE A C   1 
ATOM   500 O O   . ILE A 1 66  ? -7.890  -5.213  -5.438  1.00 47.18  ? 66  ILE A O   1 
ATOM   501 C CB  . ILE A 1 66  ? -6.179  -3.307  -6.674  1.00 29.85  ? 66  ILE A CB  1 
ATOM   502 C CG1 . ILE A 1 66  ? -4.977  -2.404  -6.976  1.00 22.30  ? 66  ILE A CG1 1 
ATOM   503 C CG2 . ILE A 1 66  ? -7.362  -2.972  -7.602  1.00 2.50   ? 66  ILE A CG2 1 
ATOM   504 C CD1 . ILE A 1 66  ? -4.515  -2.475  -8.464  1.00 12.54  ? 66  ILE A CD1 1 
ATOM   505 N N   . LYS A 1 67  ? -8.757  -3.582  -4.161  1.00 40.70  ? 67  LYS A N   1 
ATOM   506 C CA  . LYS A 1 67  ? -10.005 -4.283  -3.915  1.00 33.57  ? 67  LYS A CA  1 
ATOM   507 C C   . LYS A 1 67  ? -11.015 -3.966  -5.012  1.00 35.59  ? 67  LYS A C   1 
ATOM   508 O O   . LYS A 1 67  ? -10.910 -2.961  -5.706  1.00 33.28  ? 67  LYS A O   1 
ATOM   509 C CB  . LYS A 1 67  ? -10.625 -3.824  -2.601  1.00 39.42  ? 67  LYS A CB  1 
ATOM   510 C CG  . LYS A 1 67  ? -9.779  -3.935  -1.355  1.00 27.95  ? 67  LYS A CG  1 
ATOM   511 C CD  . LYS A 1 67  ? -10.570 -3.314  -0.187  1.00 27.70  ? 67  LYS A CD  1 
ATOM   512 C CE  . LYS A 1 67  ? -10.124 -3.849  1.177   1.00 50.35  ? 67  LYS A CE  1 
ATOM   513 N NZ  . LYS A 1 67  ? -11.169 -3.635  2.230   1.00 47.36  ? 67  LYS A NZ  1 
ATOM   514 N N   . GLU A 1 68  ? -12.023 -4.811  -5.147  1.00 41.30  ? 68  GLU A N   1 
ATOM   515 C CA  . GLU A 1 68  ? -13.154 -4.460  -5.987  1.00 48.74  ? 68  GLU A CA  1 
ATOM   516 C C   . GLU A 1 68  ? -14.415 -4.242  -5.150  1.00 38.36  ? 68  GLU A C   1 
ATOM   517 O O   . GLU A 1 68  ? -14.483 -4.617  -3.978  1.00 38.69  ? 68  GLU A O   1 
ATOM   518 C CB  . GLU A 1 68  ? -13.386 -5.508  -7.080  1.00 51.23  ? 68  GLU A CB  1 
ATOM   519 C CG  . GLU A 1 68  ? -13.492 -6.935  -6.571  1.00 73.55  ? 68  GLU A CG  1 
ATOM   520 C CD  . GLU A 1 68  ? -13.939 -7.916  -7.648  1.00 70.75  ? 68  GLU A CD  1 
ATOM   521 O OE1 . GLU A 1 68  ? -14.712 -8.838  -7.317  1.00 79.44  ? 68  GLU A OE1 1 
ATOM   522 O OE2 . GLU A 1 68  ? -13.518 -7.771  -8.818  1.00 82.12  ? 68  GLU A OE2 1 
ATOM   523 N N   . THR A 1 69  ? -15.405 -3.611  -5.760  1.00 43.36  ? 69  THR A N   1 
ATOM   524 C CA  . THR A 1 69  ? -16.660 -3.312  -5.093  1.00 49.89  ? 69  THR A CA  1 
ATOM   525 C C   . THR A 1 69  ? -17.668 -4.434  -5.334  1.00 56.74  ? 69  THR A C   1 
ATOM   526 O O   . THR A 1 69  ? -17.368 -5.402  -6.029  1.00 51.56  ? 69  THR A O   1 
ATOM   527 C CB  . THR A 1 69  ? -17.233 -2.011  -5.651  1.00 49.82  ? 69  THR A CB  1 
ATOM   528 O OG1 . THR A 1 69  ? -17.418 -2.150  -7.066  1.00 44.76  ? 69  THR A OG1 1 
ATOM   529 C CG2 . THR A 1 69  ? -16.271 -0.869  -5.394  1.00 33.33  ? 69  THR A CG2 1 
ATOM   530 N N   . ASN A 1 70  ? -18.861 -4.308  -4.761  1.00 67.28  ? 70  ASN A N   1 
ATOM   531 C CA  . ASN A 1 70  ? -19.961 -5.207  -5.105  1.00 70.43  ? 70  ASN A CA  1 
ATOM   532 C C   . ASN A 1 70  ? -20.977 -4.462  -5.969  1.00 68.97  ? 70  ASN A C   1 
ATOM   533 O O   . ASN A 1 70  ? -22.132 -4.278  -5.585  1.00 65.25  ? 70  ASN A O   1 
ATOM   534 C CB  . ASN A 1 70  ? -20.612 -5.783  -3.848  1.00 68.51  ? 70  ASN A CB  1 
ATOM   535 C CG  . ASN A 1 70  ? -19.588 -6.212  -2.804  1.00 77.78  ? 70  ASN A CG  1 
ATOM   536 O OD1 . ASN A 1 70  ? -19.142 -7.364  -2.789  1.00 77.38  ? 70  ASN A OD1 1 
ATOM   537 N ND2 . ASN A 1 70  ? -19.203 -5.279  -1.927  1.00 76.52  ? 70  ASN A ND2 1 
ATOM   538 N N   . ASP A 1 71  ? -20.521 -4.027  -7.139  1.00 75.01  ? 71  ASP A N   1 
ATOM   539 C CA  . ASP A 1 71  ? -21.307 -3.174  -8.018  1.00 86.89  ? 71  ASP A CA  1 
ATOM   540 C C   . ASP A 1 71  ? -21.833 -3.910  -9.231  1.00 88.75  ? 71  ASP A C   1 
ATOM   541 O O   . ASP A 1 71  ? -21.586 -5.101  -9.417  1.00 86.16  ? 71  ASP A O   1 
ATOM   542 C CB  . ASP A 1 71  ? -20.458 -2.005  -8.520  1.00 88.60  ? 71  ASP A CB  1 
ATOM   543 C CG  . ASP A 1 71  ? -20.402 -0.857  -7.539  1.00 96.91  ? 71  ASP A CG  1 
ATOM   544 O OD1 . ASP A 1 71  ? -19.306 -0.285  -7.371  1.00 100.28 ? 71  ASP A OD1 1 
ATOM   545 O OD2 . ASP A 1 71  ? -21.448 -0.518  -6.941  1.00 103.39 ? 71  ASP A OD2 1 
ATOM   546 N N   . SER A 1 72  ? -22.571 -3.170  -10.049 1.00 92.51  ? 72  SER A N   1 
ATOM   547 C CA  . SER A 1 72  ? -22.878 -3.575  -11.409 1.00 96.88  ? 72  SER A CA  1 
ATOM   548 C C   . SER A 1 72  ? -22.365 -2.466  -12.331 1.00 98.24  ? 72  SER A C   1 
ATOM   549 O O   . SER A 1 72  ? -22.791 -1.317  -12.214 1.00 101.05 ? 72  SER A O   1 
ATOM   550 C CB  . SER A 1 72  ? -24.382 -3.788  -11.584 1.00 98.41  ? 72  SER A CB  1 
ATOM   551 O OG  . SER A 1 72  ? -24.863 -4.757  -10.664 1.00 102.07 ? 72  SER A OG  1 
ATOM   552 N N   . PRO A 1 73  ? -21.412 -2.794  -13.221 1.00 99.61  ? 73  PRO A N   1 
ATOM   553 C CA  . PRO A 1 73  ? -20.818 -4.129  -13.335 1.00 101.01 ? 73  PRO A CA  1 
ATOM   554 C C   . PRO A 1 73  ? -19.808 -4.437  -12.216 1.00 98.92  ? 73  PRO A C   1 
ATOM   555 O O   . PRO A 1 73  ? -19.910 -5.513  -11.619 1.00 101.85 ? 73  PRO A O   1 
ATOM   556 C CB  . PRO A 1 73  ? -20.130 -4.088  -14.704 1.00 101.40 ? 73  PRO A CB  1 
ATOM   557 C CG  . PRO A 1 73  ? -19.799 -2.653  -14.909 1.00 99.69  ? 73  PRO A CG  1 
ATOM   558 C CD  . PRO A 1 73  ? -20.905 -1.873  -14.255 1.00 99.96  ? 73  PRO A CD  1 
ATOM   559 N N   . LYS A 1 74  ? -18.889 -3.513  -11.926 1.00 90.05  ? 74  LYS A N   1 
ATOM   560 C CA  . LYS A 1 74  ? -17.830 -3.736  -10.939 1.00 76.20  ? 74  LYS A CA  1 
ATOM   561 C C   . LYS A 1 74  ? -16.893 -2.551  -10.949 1.00 70.39  ? 74  LYS A C   1 
ATOM   562 O O   . LYS A 1 74  ? -16.552 -2.046  -12.019 1.00 77.82  ? 74  LYS A O   1 
ATOM   563 C CB  . LYS A 1 74  ? -17.008 -4.976  -11.302 1.00 79.62  ? 74  LYS A CB  1 
ATOM   564 C CG  . LYS A 1 74  ? -16.559 -5.807  -10.117 1.00 78.44  ? 74  LYS A CG  1 
ATOM   565 C CD  . LYS A 1 74  ? -17.737 -6.103  -9.203  1.00 83.73  ? 74  LYS A CD  1 
ATOM   566 C CE  . LYS A 1 74  ? -17.636 -7.490  -8.580  1.00 87.54  ? 74  LYS A CE  1 
ATOM   567 N NZ  . LYS A 1 74  ? -18.739 -7.736  -7.601  1.00 92.22  ? 74  LYS A NZ  1 
ATOM   568 N N   . ARG A 1 75  ? -16.460 -2.110  -9.771  1.00 56.87  ? 75  ARG A N   1 
ATOM   569 C CA  . ARG A 1 75  ? -15.453 -1.052  -9.707  1.00 44.13  ? 75  ARG A CA  1 
ATOM   570 C C   . ARG A 1 75  ? -14.249 -1.402  -8.838  1.00 37.17  ? 75  ARG A C   1 
ATOM   571 O O   . ARG A 1 75  ? -14.279 -2.368  -8.084  1.00 46.08  ? 75  ARG A O   1 
ATOM   572 C CB  . ARG A 1 75  ? -16.080 0.278   -9.306  1.00 35.28  ? 75  ARG A CB  1 
ATOM   573 C CG  . ARG A 1 75  ? -16.845 0.898   -10.446 1.00 52.28  ? 75  ARG A CG  1 
ATOM   574 C CD  . ARG A 1 75  ? -17.780 1.993   -10.001 1.00 59.04  ? 75  ARG A CD  1 
ATOM   575 N NE  . ARG A 1 75  ? -18.707 2.295   -11.084 1.00 70.32  ? 75  ARG A NE  1 
ATOM   576 C CZ  . ARG A 1 75  ? -19.724 3.141   -10.991 1.00 76.09  ? 75  ARG A CZ  1 
ATOM   577 N NH1 . ARG A 1 75  ? -19.959 3.780   -9.852  1.00 81.14  ? 75  ARG A NH1 1 
ATOM   578 N NH2 . ARG A 1 75  ? -20.507 3.342   -12.042 1.00 74.45  ? 75  ARG A NH2 1 
ATOM   579 N N   . TYR A 1 76  ? -13.180 -0.626  -8.967  1.00 25.61  ? 76  TYR A N   1 
ATOM   580 C CA  . TYR A 1 76  ? -11.912 -1.008  -8.355  1.00 32.86  ? 76  TYR A CA  1 
ATOM   581 C C   . TYR A 1 76  ? -11.297 0.170   -7.662  1.00 22.00  ? 76  TYR A C   1 
ATOM   582 O O   . TYR A 1 76  ? -11.386 1.309   -8.133  1.00 21.58  ? 76  TYR A O   1 
ATOM   583 C CB  . TYR A 1 76  ? -10.932 -1.554  -9.402  1.00 38.02  ? 76  TYR A CB  1 
ATOM   584 C CG  . TYR A 1 76  ? -11.563 -2.592  -10.299 1.00 47.18  ? 76  TYR A CG  1 
ATOM   585 C CD1 . TYR A 1 76  ? -12.220 -2.211  -11.472 1.00 34.05  ? 76  TYR A CD1 1 
ATOM   586 C CD2 . TYR A 1 76  ? -11.531 -3.950  -9.966  1.00 36.15  ? 76  TYR A CD2 1 
ATOM   587 C CE1 . TYR A 1 76  ? -12.816 -3.144  -12.299 1.00 44.51  ? 76  TYR A CE1 1 
ATOM   588 C CE2 . TYR A 1 76  ? -12.128 -4.899  -10.791 1.00 41.29  ? 76  TYR A CE2 1 
ATOM   589 C CZ  . TYR A 1 76  ? -12.772 -4.486  -11.956 1.00 46.75  ? 76  TYR A CZ  1 
ATOM   590 O OH  . TYR A 1 76  ? -13.375 -5.401  -12.793 1.00 55.93  ? 76  TYR A OH  1 
ATOM   591 N N   . TYR A 1 77  ? -10.669 -0.105  -6.530  1.00 14.13  ? 77  TYR A N   1 
ATOM   592 C CA  . TYR A 1 77  ? -10.039 0.955   -5.780  1.00 23.79  ? 77  TYR A CA  1 
ATOM   593 C C   . TYR A 1 77  ? -8.835  0.462   -4.982  1.00 23.27  ? 77  TYR A C   1 
ATOM   594 O O   . TYR A 1 77  ? -8.709  -0.703  -4.644  1.00 30.06  ? 77  TYR A O   1 
ATOM   595 C CB  . TYR A 1 77  ? -11.064 1.671   -4.882  1.00 14.82  ? 77  TYR A CB  1 
ATOM   596 C CG  . TYR A 1 77  ? -11.649 0.802   -3.794  1.00 30.81  ? 77  TYR A CG  1 
ATOM   597 C CD1 . TYR A 1 77  ? -12.674 -0.094  -4.076  1.00 19.70  ? 77  TYR A CD1 1 
ATOM   598 C CD2 . TYR A 1 77  ? -11.184 0.875   -2.494  1.00 16.07  ? 77  TYR A CD2 1 
ATOM   599 C CE1 . TYR A 1 77  ? -13.215 -0.901  -3.106  1.00 26.78  ? 77  TYR A CE1 1 
ATOM   600 C CE2 . TYR A 1 77  ? -11.725 0.069   -1.505  1.00 42.60  ? 77  TYR A CE2 1 
ATOM   601 C CZ  . TYR A 1 77  ? -12.750 -0.820  -1.821  1.00 35.84  ? 77  TYR A CZ  1 
ATOM   602 O OH  . TYR A 1 77  ? -13.320 -1.632  -0.854  1.00 28.52  ? 77  TYR A OH  1 
ATOM   603 N N   . VAL A 1 78  ? -7.947  1.395   -4.704  1.00 18.06  ? 78  VAL A N   1 
ATOM   604 C CA  . VAL A 1 78  ? -6.762  1.151   -3.918  1.00 4.20   ? 78  VAL A CA  1 
ATOM   605 C C   . VAL A 1 78  ? -7.111  1.318   -2.459  1.00 17.40  ? 78  VAL A C   1 
ATOM   606 O O   . VAL A 1 78  ? -7.689  2.337   -2.076  1.00 14.13  ? 78  VAL A O   1 
ATOM   607 C CB  . VAL A 1 78  ? -5.687  2.217   -4.284  1.00 14.03  ? 78  VAL A CB  1 
ATOM   608 C CG1 . VAL A 1 78  ? -4.638  2.334   -3.189  1.00 4.98   ? 78  VAL A CG1 1 
ATOM   609 C CG2 . VAL A 1 78  ? -5.067  1.859   -5.595  1.00 2.00   ? 78  VAL A CG2 1 
ATOM   610 N N   . ALA A 1 79  ? -6.738  0.330   -1.645  1.00 10.38  ? 79  ALA A N   1 
ATOM   611 C CA  . ALA A 1 79  ? -7.065  0.324   -0.223  1.00 27.76  ? 79  ALA A CA  1 
ATOM   612 C C   . ALA A 1 79  ? -5.992  -0.452  0.518   1.00 33.04  ? 79  ALA A C   1 
ATOM   613 O O   . ALA A 1 79  ? -5.164  -1.113  -0.103  1.00 41.86  ? 79  ALA A O   1 
ATOM   614 C CB  . ALA A 1 79  ? -8.429  -0.321  -0.004  1.00 35.84  ? 79  ALA A CB  1 
ATOM   615 N N   . GLU A 1 80  ? -5.988  -0.358  1.844   1.00 30.91  ? 80  GLU A N   1 
ATOM   616 C CA  . GLU A 1 80  ? -5.130  -1.228  2.644   1.00 29.63  ? 80  GLU A CA  1 
ATOM   617 C C   . GLU A 1 80  ? -5.688  -2.638  2.705   1.00 28.37  ? 80  GLU A C   1 
ATOM   618 O O   . GLU A 1 80  ? -6.890  -2.866  2.510   1.00 46.26  ? 80  GLU A O   1 
ATOM   619 C CB  . GLU A 1 80  ? -4.979  -0.707  4.069   1.00 39.62  ? 80  GLU A CB  1 
ATOM   620 C CG  . GLU A 1 80  ? -3.668  -0.011  4.331   1.00 39.30  ? 80  GLU A CG  1 
ATOM   621 C CD  . GLU A 1 80  ? -3.549  0.482   5.767   1.00 37.20  ? 80  GLU A CD  1 
ATOM   622 O OE1 . GLU A 1 80  ? -4.226  -0.088  6.675   1.00 32.61  ? 80  GLU A OE1 1 
ATOM   623 O OE2 . GLU A 1 80  ? -2.783  1.454   5.976   1.00 40.54  ? 80  GLU A OE2 1 
ATOM   624 N N   . LYS A 1 81  ? -4.789  -3.564  3.025   1.00 37.02  ? 81  LYS A N   1 
ATOM   625 C CA  . LYS A 1 81  ? -5.089  -4.984  3.150   1.00 38.08  ? 81  LYS A CA  1 
ATOM   626 C C   . LYS A 1 81  ? -6.001  -5.284  4.341   1.00 35.20  ? 81  LYS A C   1 
ATOM   627 O O   . LYS A 1 81  ? -6.566  -6.370  4.416   1.00 41.88  ? 81  LYS A O   1 
ATOM   628 C CB  . LYS A 1 81  ? -3.776  -5.758  3.298   1.00 42.97  ? 81  LYS A CB  1 
ATOM   629 C CG  . LYS A 1 81  ? -2.518  -4.888  3.082   1.00 51.15  ? 81  LYS A CG  1 
ATOM   630 C CD  . LYS A 1 81  ? -1.336  -5.276  4.014   1.00 67.39  ? 81  LYS A CD  1 
ATOM   631 C CE  . LYS A 1 81  ? -0.935  -6.757  3.939   1.00 70.92  ? 81  LYS A CE  1 
ATOM   632 N NZ  . LYS A 1 81  ? 0.240   -7.125  4.796   1.00 82.64  ? 81  LYS A NZ  1 
ATOM   633 N N   . TYR A 1 82  ? -6.158  -4.304  5.242   1.00 35.68  ? 82  TYR A N   1 
ATOM   634 C CA  . TYR A 1 82  ? -6.876  -4.493  6.518   1.00 25.57  ? 82  TYR A CA  1 
ATOM   635 C C   . TYR A 1 82  ? -8.141  -3.643  6.755   1.00 26.93  ? 82  TYR A C   1 
ATOM   636 O O   . TYR A 1 82  ? -8.235  -2.496  6.303   1.00 25.87  ? 82  TYR A O   1 
ATOM   637 C CB  . TYR A 1 82  ? -5.918  -4.262  7.688   1.00 32.85  ? 82  TYR A CB  1 
ATOM   638 C CG  . TYR A 1 82  ? -4.768  -5.213  7.684   1.00 36.12  ? 82  TYR A CG  1 
ATOM   639 C CD1 . TYR A 1 82  ? -3.509  -4.803  7.297   1.00 34.05  ? 82  TYR A CD1 1 
ATOM   640 C CD2 . TYR A 1 82  ? -4.947  -6.537  8.052   1.00 34.98  ? 82  TYR A CD2 1 
ATOM   641 C CE1 . TYR A 1 82  ? -2.449  -5.692  7.293   1.00 46.77  ? 82  TYR A CE1 1 
ATOM   642 C CE2 . TYR A 1 82  ? -3.898  -7.438  8.054   1.00 42.96  ? 82  TYR A CE2 1 
ATOM   643 C CZ  . TYR A 1 82  ? -2.645  -7.013  7.674   1.00 43.08  ? 82  TYR A CZ  1 
ATOM   644 O OH  . TYR A 1 82  ? -1.584  -7.908  7.675   1.00 43.66  ? 82  TYR A OH  1 
ATOM   645 N N   . VAL A 1 83  ? -9.104  -4.230  7.467   1.00 25.80  ? 83  VAL A N   1 
ATOM   646 C CA  . VAL A 1 83  ? -10.244 -3.486  7.988   1.00 25.55  ? 83  VAL A CA  1 
ATOM   647 C C   . VAL A 1 83  ? -10.149 -3.533  9.516   1.00 17.95  ? 83  VAL A C   1 
ATOM   648 O O   . VAL A 1 83  ? -9.495  -4.427  10.069  1.00 25.91  ? 83  VAL A O   1 
ATOM   649 C CB  . VAL A 1 83  ? -11.628 -4.043  7.491   1.00 29.65  ? 83  VAL A CB  1 
ATOM   650 C CG1 . VAL A 1 83  ? -11.656 -4.157  5.977   1.00 36.81  ? 83  VAL A CG1 1 
ATOM   651 C CG2 . VAL A 1 83  ? -11.954 -5.394  8.147   1.00 16.98  ? 83  VAL A CG2 1 
ATOM   652 N N   . PHE A 1 84  ? -10.774 -2.563  10.191  1.00 19.04  ? 84  PHE A N   1 
ATOM   653 C CA  . PHE A 1 84  ? -10.728 -2.474  11.650  1.00 25.24  ? 84  PHE A CA  1 
ATOM   654 C C   . PHE A 1 84  ? -12.123 -2.375  12.282  1.00 31.40  ? 84  PHE A C   1 
ATOM   655 O O   . PHE A 1 84  ? -13.042 -1.827  11.681  1.00 31.55  ? 84  PHE A O   1 
ATOM   656 C CB  . PHE A 1 84  ? -9.848  -1.289  12.071  1.00 26.08  ? 84  PHE A CB  1 
ATOM   657 C CG  . PHE A 1 84  ? -8.384  -1.472  11.739  1.00 37.53  ? 84  PHE A CG  1 
ATOM   658 C CD1 . PHE A 1 84  ? -7.526  -2.070  12.647  1.00 27.15  ? 84  PHE A CD1 1 
ATOM   659 C CD2 . PHE A 1 84  ? -7.877  -1.074  10.504  1.00 23.99  ? 84  PHE A CD2 1 
ATOM   660 C CE1 . PHE A 1 84  ? -6.196  -2.242  12.348  1.00 34.33  ? 84  PHE A CE1 1 
ATOM   661 C CE2 . PHE A 1 84  ? -6.541  -1.257  10.189  1.00 30.16  ? 84  PHE A CE2 1 
ATOM   662 C CZ  . PHE A 1 84  ? -5.701  -1.842  11.113  1.00 31.92  ? 84  PHE A CZ  1 
ATOM   663 N N   . ASP A 1 85  ? -12.263 -2.918  13.493  1.00 26.54  ? 85  ASP A N   1 
ATOM   664 C CA  . ASP A 1 85  ? -13.505 -2.848  14.281  1.00 39.75  ? 85  ASP A CA  1 
ATOM   665 C C   . ASP A 1 85  ? -13.809 -1.420  14.723  1.00 41.38  ? 85  ASP A C   1 
ATOM   666 O O   . ASP A 1 85  ? -14.945 -1.095  15.073  1.00 53.69  ? 85  ASP A O   1 
ATOM   667 C CB  . ASP A 1 85  ? -13.446 -3.747  15.543  1.00 29.46  ? 85  ASP A CB  1 
ATOM   668 C CG  . ASP A 1 85  ? -13.198 -5.235  15.219  1.00 31.87  ? 85  ASP A CG  1 
ATOM   669 O OD1 . ASP A 1 85  ? -13.596 -5.669  14.119  1.00 51.41  ? 85  ASP A OD1 1 
ATOM   670 O OD2 . ASP A 1 85  ? -12.605 -5.972  16.055  1.00 35.81  ? 85  ASP A OD2 1 
ATOM   671 N N   . SER A 1 86  ? -12.791 -0.567  14.696  1.00 36.11  ? 86  SER A N   1 
ATOM   672 C CA  . SER A 1 86  ? -12.893 0.748   15.296  1.00 28.32  ? 86  SER A CA  1 
ATOM   673 C C   . SER A 1 86  ? -11.913 1.699   14.636  1.00 27.92  ? 86  SER A C   1 
ATOM   674 O O   . SER A 1 86  ? -10.792 1.316   14.294  1.00 32.42  ? 86  SER A O   1 
ATOM   675 C CB  . SER A 1 86  ? -12.529 0.606   16.763  1.00 25.99  ? 86  SER A CB  1 
ATOM   676 O OG  . SER A 1 86  ? -12.810 1.771   17.485  1.00 45.58  ? 86  SER A OG  1 
ATOM   677 N N   . ILE A 1 87  ? -12.320 2.948   14.468  1.00 22.00  ? 87  ILE A N   1 
ATOM   678 C CA  . ILE A 1 87  ? -11.386 4.006   14.056  1.00 20.60  ? 87  ILE A CA  1 
ATOM   679 C C   . ILE A 1 87  ? -10.199 4.231   15.026  1.00 29.97  ? 87  ILE A C   1 
ATOM   680 O O   . ILE A 1 87  ? -9.055  4.386   14.585  1.00 34.91  ? 87  ILE A O   1 
ATOM   681 C CB  . ILE A 1 87  ? -12.142 5.316   13.762  1.00 18.71  ? 87  ILE A CB  1 
ATOM   682 C CG1 . ILE A 1 87  ? -13.043 5.100   12.543  1.00 18.25  ? 87  ILE A CG1 1 
ATOM   683 C CG2 . ILE A 1 87  ? -11.172 6.507   13.547  1.00 9.40   ? 87  ILE A CG2 1 
ATOM   684 C CD1 . ILE A 1 87  ? -14.349 5.784   12.651  1.00 17.05  ? 87  ILE A CD1 1 
ATOM   685 N N   . PRO A 1 88  ? -10.461 4.236   16.349  1.00 30.38  ? 88  PRO A N   1 
ATOM   686 C CA  . PRO A 1 88  ? -9.332  4.306   17.291  1.00 27.44  ? 88  PRO A CA  1 
ATOM   687 C C   . PRO A 1 88  ? -8.316  3.172   17.136  1.00 30.29  ? 88  PRO A C   1 
ATOM   688 O O   . PRO A 1 88  ? -7.110  3.419   17.182  1.00 35.06  ? 88  PRO A O   1 
ATOM   689 C CB  . PRO A 1 88  ? -10.027 4.218   18.653  1.00 16.27  ? 88  PRO A CB  1 
ATOM   690 C CG  . PRO A 1 88  ? -11.352 4.907   18.420  1.00 20.44  ? 88  PRO A CG  1 
ATOM   691 C CD  . PRO A 1 88  ? -11.752 4.475   17.027  1.00 26.85  ? 88  PRO A CD  1 
ATOM   692 N N   . LEU A 1 89  ? -8.807  1.949   16.949  1.00 28.92  ? 89  LEU A N   1 
ATOM   693 C CA  . LEU A 1 89  ? -7.928  0.809   16.695  1.00 24.35  ? 89  LEU A CA  1 
ATOM   694 C C   . LEU A 1 89  ? -7.211  0.916   15.353  1.00 25.27  ? 89  LEU A C   1 
ATOM   695 O O   . LEU A 1 89  ? -6.081  0.457   15.219  1.00 23.40  ? 89  LEU A O   1 
ATOM   696 C CB  . LEU A 1 89  ? -8.700  -0.511  16.757  1.00 16.93  ? 89  LEU A CB  1 
ATOM   697 C CG  . LEU A 1 89  ? -9.206  -0.863  18.151  1.00 29.80  ? 89  LEU A CG  1 
ATOM   698 C CD1 . LEU A 1 89  ? -10.178 -2.020  18.077  1.00 31.12  ? 89  LEU A CD1 1 
ATOM   699 C CD2 . LEU A 1 89  ? -8.039  -1.173  19.081  1.00 9.18   ? 89  LEU A CD2 1 
ATOM   700 N N   . LEU A 1 90  ? -7.873  1.509   14.360  1.00 18.08  ? 90  LEU A N   1 
ATOM   701 C CA  . LEU A 1 90  ? -7.247  1.723   13.056  1.00 24.25  ? 90  LEU A CA  1 
ATOM   702 C C   . LEU A 1 90  ? -6.116  2.768   13.178  1.00 21.55  ? 90  LEU A C   1 
ATOM   703 O O   . LEU A 1 90  ? -5.047  2.624   12.581  1.00 26.01  ? 90  LEU A O   1 
ATOM   704 C CB  . LEU A 1 90  ? -8.309  2.114   12.013  1.00 19.64  ? 90  LEU A CB  1 
ATOM   705 C CG  . LEU A 1 90  ? -7.893  2.610   10.625  1.00 18.86  ? 90  LEU A CG  1 
ATOM   706 C CD1 . LEU A 1 90  ? -8.943  2.258   9.569   1.00 20.98  ? 90  LEU A CD1 1 
ATOM   707 C CD2 . LEU A 1 90  ? -7.701  4.093   10.665  1.00 20.36  ? 90  LEU A CD2 1 
ATOM   708 N N   . ILE A 1 91  ? -6.381  3.814   13.957  1.00 27.54  ? 91  ILE A N   1 
ATOM   709 C CA  . ILE A 1 91  ? -5.391  4.824   14.308  1.00 29.19  ? 91  ILE A CA  1 
ATOM   710 C C   . ILE A 1 91  ? -4.255  4.215   15.127  1.00 30.18  ? 91  ILE A C   1 
ATOM   711 O O   . ILE A 1 91  ? -3.079  4.410   14.808  1.00 28.79  ? 91  ILE A O   1 
ATOM   712 C CB  . ILE A 1 91  ? -6.038  5.969   15.122  1.00 17.70  ? 91  ILE A CB  1 
ATOM   713 C CG1 . ILE A 1 91  ? -7.069  6.712   14.267  1.00 22.70  ? 91  ILE A CG1 1 
ATOM   714 C CG2 . ILE A 1 91  ? -4.979  6.959   15.622  1.00 18.02  ? 91  ILE A CG2 1 
ATOM   715 C CD1 . ILE A 1 91  ? -6.492  7.354   13.014  1.00 17.94  ? 91  ILE A CD1 1 
ATOM   716 N N   . GLN A 1 92  ? -4.624  3.472   16.170  1.00 31.16  ? 92  GLN A N   1 
ATOM   717 C CA  . GLN A 1 92  ? -3.663  2.815   17.050  1.00 36.57  ? 92  GLN A CA  1 
ATOM   718 C C   . GLN A 1 92  ? -2.644  2.047   16.231  1.00 31.98  ? 92  GLN A C   1 
ATOM   719 O O   . GLN A 1 92  ? -1.432  2.272   16.358  1.00 36.13  ? 92  GLN A O   1 
ATOM   720 C CB  . GLN A 1 92  ? -4.381  1.858   17.995  1.00 38.03  ? 92  GLN A CB  1 
ATOM   721 C CG  . GLN A 1 92  ? -3.580  1.482   19.238  1.00 56.25  ? 92  GLN A CG  1 
ATOM   722 C CD  . GLN A 1 92  ? -4.388  0.640   20.234  1.00 56.16  ? 92  GLN A CD  1 
ATOM   723 O OE1 . GLN A 1 92  ? -4.668  -0.532  19.982  1.00 56.65  ? 92  GLN A OE1 1 
ATOM   724 N NE2 . GLN A 1 92  ? -4.768  1.244   21.368  1.00 70.91  ? 92  GLN A NE2 1 
ATOM   725 N N   . TYR A 1 93  ? -3.155  1.159   15.377  1.00 17.86  ? 93  TYR A N   1 
ATOM   726 C CA  . TYR A 1 93  ? -2.351  0.397   14.426  1.00 17.83  ? 93  TYR A CA  1 
ATOM   727 C C   . TYR A 1 93  ? -1.319  1.260   13.678  1.00 32.93  ? 93  TYR A C   1 
ATOM   728 O O   . TYR A 1 93  ? -0.157  0.878   13.533  1.00 30.82  ? 93  TYR A O   1 
ATOM   729 C CB  . TYR A 1 93  ? -3.273  -0.334  13.422  1.00 24.59  ? 93  TYR A CB  1 
ATOM   730 C CG  . TYR A 1 93  ? -2.533  -1.146  12.371  1.00 33.43  ? 93  TYR A CG  1 
ATOM   731 C CD1 . TYR A 1 93  ? -2.151  -0.569  11.149  1.00 45.19  ? 93  TYR A CD1 1 
ATOM   732 C CD2 . TYR A 1 93  ? -2.199  -2.483  12.597  1.00 38.85  ? 93  TYR A CD2 1 
ATOM   733 C CE1 . TYR A 1 93  ? -1.450  -1.301  10.181  1.00 27.74  ? 93  TYR A CE1 1 
ATOM   734 C CE2 . TYR A 1 93  ? -1.499  -3.224  11.635  1.00 27.23  ? 93  TYR A CE2 1 
ATOM   735 C CZ  . TYR A 1 93  ? -1.133  -2.625  10.432  1.00 35.90  ? 93  TYR A CZ  1 
ATOM   736 O OH  . TYR A 1 93  ? -0.451  -3.351  9.474   1.00 31.86  ? 93  TYR A OH  1 
ATOM   737 N N   . HIS A 1 94  ? -1.748  2.423   13.199  1.00 26.84  ? 94  HIS A N   1 
ATOM   738 C CA  . HIS A 1 94  ? -0.907  3.199   12.291  1.00 33.71  ? 94  HIS A CA  1 
ATOM   739 C C   . HIS A 1 94  ? 0.100   4.072   13.004  1.00 27.77  ? 94  HIS A C   1 
ATOM   740 O O   . HIS A 1 94  ? 0.905   4.751   12.375  1.00 25.25  ? 94  HIS A O   1 
ATOM   741 C CB  . HIS A 1 94  ? -1.759  4.014   11.328  1.00 30.94  ? 94  HIS A CB  1 
ATOM   742 C CG  . HIS A 1 94  ? -2.447  3.173   10.300  1.00 39.78  ? 94  HIS A CG  1 
ATOM   743 N ND1 . HIS A 1 94  ? -3.650  2.540   10.537  1.00 39.11  ? 94  HIS A ND1 1 
ATOM   744 C CD2 . HIS A 1 94  ? -2.085  2.833   9.040   1.00 36.64  ? 94  HIS A CD2 1 
ATOM   745 C CE1 . HIS A 1 94  ? -4.013  1.870   9.459   1.00 32.18  ? 94  HIS A CE1 1 
ATOM   746 N NE2 . HIS A 1 94  ? -3.081  2.031   8.538   1.00 29.70  ? 94  HIS A NE2 1 
ATOM   747 N N   . GLN A 1 95  ? 0.053   4.033   14.325  1.00 35.49  ? 95  GLN A N   1 
ATOM   748 C CA  . GLN A 1 95  ? 1.070   4.685   15.125  1.00 39.12  ? 95  GLN A CA  1 
ATOM   749 C C   . GLN A 1 95  ? 2.375   3.900   15.070  1.00 33.68  ? 95  GLN A C   1 
ATOM   750 O O   . GLN A 1 95  ? 3.452   4.475   15.012  1.00 46.55  ? 95  GLN A O   1 
ATOM   751 C CB  . GLN A 1 95  ? 0.551   4.885   16.552  1.00 42.85  ? 95  GLN A CB  1 
ATOM   752 C CG  . GLN A 1 95  ? -0.787  5.629   16.543  1.00 44.75  ? 95  GLN A CG  1 
ATOM   753 C CD  . GLN A 1 95  ? -1.165  6.205   17.879  1.00 53.98  ? 95  GLN A CD  1 
ATOM   754 O OE1 . GLN A 1 95  ? -0.838  5.638   18.921  1.00 67.75  ? 95  GLN A OE1 1 
ATOM   755 N NE2 . GLN A 1 95  ? -1.859  7.344   17.863  1.00 55.39  ? 95  GLN A NE2 1 
ATOM   756 N N   . TYR A 1 96  ? 2.251   2.582   15.017  1.00 36.31  ? 96  TYR A N   1 
ATOM   757 C CA  . TYR A 1 96  ? 3.389   1.675   15.049  1.00 39.25  ? 96  TYR A CA  1 
ATOM   758 C C   . TYR A 1 96  ? 3.742   1.069   13.690  1.00 41.84  ? 96  TYR A C   1 
ATOM   759 O O   . TYR A 1 96  ? 4.865   0.594   13.495  1.00 45.07  ? 96  TYR A O   1 
ATOM   760 C CB  . TYR A 1 96  ? 3.114   0.553   16.047  1.00 50.01  ? 96  TYR A CB  1 
ATOM   761 C CG  . TYR A 1 96  ? 2.912   1.058   17.454  1.00 59.04  ? 96  TYR A CG  1 
ATOM   762 C CD1 . TYR A 1 96  ? 3.914   1.790   18.092  1.00 58.76  ? 96  TYR A CD1 1 
ATOM   763 C CD2 . TYR A 1 96  ? 1.726   0.813   18.148  1.00 49.38  ? 96  TYR A CD2 1 
ATOM   764 C CE1 . TYR A 1 96  ? 3.750   2.256   19.376  1.00 60.09  ? 96  TYR A CE1 1 
ATOM   765 C CE2 . TYR A 1 96  ? 1.551   1.275   19.443  1.00 64.48  ? 96  TYR A CE2 1 
ATOM   766 C CZ  . TYR A 1 96  ? 2.570   1.995   20.051  1.00 64.33  ? 96  TYR A CZ  1 
ATOM   767 O OH  . TYR A 1 96  ? 2.418   2.471   21.338  1.00 71.32  ? 96  TYR A OH  1 
ATOM   768 N N   . ASN A 1 97  ? 2.780   1.072   12.766  1.00 46.91  ? 97  ASN A N   1 
ATOM   769 C CA  . ASN A 1 97  ? 2.982   0.500   11.440  1.00 40.51  ? 97  ASN A CA  1 
ATOM   770 C C   . ASN A 1 97  ? 2.576   1.481   10.348  1.00 38.57  ? 97  ASN A C   1 
ATOM   771 O O   . ASN A 1 97  ? 1.463   2.013   10.362  1.00 45.87  ? 97  ASN A O   1 
ATOM   772 C CB  . ASN A 1 97  ? 2.190   -0.803  11.295  1.00 43.98  ? 97  ASN A CB  1 
ATOM   773 C CG  . ASN A 1 97  ? 2.260   -1.670  12.539  1.00 66.68  ? 97  ASN A CG  1 
ATOM   774 O OD1 . ASN A 1 97  ? 3.334   -1.875  13.109  1.00 75.93  ? 97  ASN A OD1 1 
ATOM   775 N ND2 . ASN A 1 97  ? 1.108   -2.171  12.979  1.00 61.26  ? 97  ASN A ND2 1 
ATOM   776 N N   . GLY A 1 98  ? 3.489   1.723   9.412   1.00 41.07  ? 98  GLY A N   1 
ATOM   777 C CA  . GLY A 1 98  ? 3.216   2.648   8.330   1.00 49.08  ? 98  GLY A CA  1 
ATOM   778 C C   . GLY A 1 98  ? 1.954   2.289   7.561   1.00 52.34  ? 98  GLY A C   1 
ATOM   779 O O   . GLY A 1 98  ? 1.142   3.165   7.228   1.00 50.73  ? 98  GLY A O   1 
ATOM   780 N N   . GLY A 1 99  ? 1.790   0.994   7.298   1.00 50.39  ? 99  GLY A N   1 
ATOM   781 C CA  . GLY A 1 99  ? 0.657   0.498   6.541   1.00 52.34  ? 99  GLY A CA  1 
ATOM   782 C C   . GLY A 1 99  ? 0.698   1.029   5.125   1.00 45.98  ? 99  GLY A C   1 
ATOM   783 O O   . GLY A 1 99  ? 1.766   1.085   4.506   1.00 55.28  ? 99  GLY A O   1 
ATOM   784 N N   . GLY A 1 100 ? -0.462  1.430   4.613   1.00 35.97  ? 100 GLY A N   1 
ATOM   785 C CA  . GLY A 1 100 ? -0.532  2.068   3.314   1.00 44.70  ? 100 GLY A CA  1 
ATOM   786 C C   . GLY A 1 100 ? -0.167  3.546   3.333   1.00 48.81  ? 100 GLY A C   1 
ATOM   787 O O   . GLY A 1 100 ? -0.293  4.218   2.312   1.00 50.18  ? 100 GLY A O   1 
ATOM   788 N N   . LEU A 1 101 ? 0.293   4.048   4.484   1.00 46.66  ? 101 LEU A N   1 
ATOM   789 C CA  . LEU A 1 101 ? 0.607   5.474   4.657   1.00 43.29  ? 101 LEU A CA  1 
ATOM   790 C C   . LEU A 1 101 ? 2.099   5.798   4.500   1.00 40.39  ? 101 LEU A C   1 
ATOM   791 O O   . LEU A 1 101 ? 2.949   4.951   4.762   1.00 47.17  ? 101 LEU A O   1 
ATOM   792 C CB  . LEU A 1 101 ? 0.144   5.941   6.027   1.00 30.08  ? 101 LEU A CB  1 
ATOM   793 C CG  . LEU A 1 101 ? -1.261  5.505   6.409   1.00 38.08  ? 101 LEU A CG  1 
ATOM   794 C CD1 . LEU A 1 101 ? -1.584  6.103   7.763   1.00 34.88  ? 101 LEU A CD1 1 
ATOM   795 C CD2 . LEU A 1 101 ? -2.287  5.904   5.350   1.00 40.70  ? 101 LEU A CD2 1 
ATOM   796 N N   . VAL A 1 102 ? 2.416   7.030   4.099   1.00 44.33  ? 102 VAL A N   1 
ATOM   797 C CA  . VAL A 1 102 ? 3.817   7.437   3.890   1.00 50.63  ? 102 VAL A CA  1 
ATOM   798 C C   . VAL A 1 102 ? 4.697   7.475   5.154   1.00 53.98  ? 102 VAL A C   1 
ATOM   799 O O   . VAL A 1 102 ? 5.918   7.332   5.057   1.00 64.39  ? 102 VAL A O   1 
ATOM   800 C CB  . VAL A 1 102 ? 3.931   8.815   3.154   1.00 53.17  ? 102 VAL A CB  1 
ATOM   801 C CG1 . VAL A 1 102 ? 3.657   9.982   4.107   1.00 40.93  ? 102 VAL A CG1 1 
ATOM   802 C CG2 . VAL A 1 102 ? 5.306   8.970   2.518   1.00 54.75  ? 102 VAL A CG2 1 
ATOM   803 N N   . THR A 1 103 ? 4.100   7.660   6.330   1.00 44.61  ? 103 THR A N   1 
ATOM   804 C CA  . THR A 1 103 ? 4.923   7.955   7.492   1.00 55.24  ? 103 THR A CA  1 
ATOM   805 C C   . THR A 1 103 ? 4.490   7.393   8.843   1.00 62.26  ? 103 THR A C   1 
ATOM   806 O O   . THR A 1 103 ? 5.309   7.373   9.773   1.00 72.84  ? 103 THR A O   1 
ATOM   807 C CB  . THR A 1 103 ? 5.110   9.470   7.663   1.00 51.09  ? 103 THR A CB  1 
ATOM   808 O OG1 . THR A 1 103 ? 6.068   9.719   8.699   1.00 41.86  ? 103 THR A OG1 1 
ATOM   809 C CG2 . THR A 1 103 ? 3.797   10.117  8.037   1.00 56.42  ? 103 THR A CG2 1 
ATOM   810 N N   . ARG A 1 104 ? 3.233   6.966   8.971   1.00 43.69  ? 104 ARG A N   1 
ATOM   811 C CA  . ARG A 1 104 ? 2.724   6.483   10.265  1.00 38.69  ? 104 ARG A CA  1 
ATOM   812 C C   . ARG A 1 104 ? 2.595   7.580   11.342  1.00 33.71  ? 104 ARG A C   1 
ATOM   813 O O   . ARG A 1 104 ? 3.403   8.506   11.437  1.00 33.72  ? 104 ARG A O   1 
ATOM   814 C CB  . ARG A 1 104 ? 3.521   5.277   10.785  1.00 41.01  ? 104 ARG A CB  1 
ATOM   815 C CG  . ARG A 1 104 ? 4.306   5.513   12.077  1.00 35.72  ? 104 ARG A CG  1 
ATOM   816 C CD  . ARG A 1 104 ? 5.195   4.310   12.365  1.00 42.97  ? 104 ARG A CD  1 
ATOM   817 N NE  . ARG A 1 104 ? 5.557   4.208   13.774  1.00 61.04  ? 104 ARG A NE  1 
ATOM   818 C CZ  . ARG A 1 104 ? 6.708   4.637   14.285  1.00 69.24  ? 104 ARG A CZ  1 
ATOM   819 N NH1 . ARG A 1 104 ? 7.618   5.203   13.500  1.00 61.72  ? 104 ARG A NH1 1 
ATOM   820 N NH2 . ARG A 1 104 ? 6.947   4.500   15.585  1.00 67.95  ? 104 ARG A NH2 1 
ATOM   821 N N   . LEU A 1 105 ? 1.551   7.431   12.155  1.00 16.72  ? 105 LEU A N   1 
ATOM   822 C CA  . LEU A 1 105 ? 0.953   8.504   12.963  1.00 25.57  ? 105 LEU A CA  1 
ATOM   823 C C   . LEU A 1 105 ? 1.605   8.741   14.339  1.00 32.11  ? 105 LEU A C   1 
ATOM   824 O O   . LEU A 1 105 ? 1.165   8.204   15.365  1.00 44.21  ? 105 LEU A O   1 
ATOM   825 C CB  . LEU A 1 105 ? -0.543  8.211   13.120  1.00 32.91  ? 105 LEU A CB  1 
ATOM   826 C CG  . LEU A 1 105 ? -1.269  7.737   11.854  1.00 31.97  ? 105 LEU A CG  1 
ATOM   827 C CD1 . LEU A 1 105 ? -2.755  7.457   12.151  1.00 30.45  ? 105 LEU A CD1 1 
ATOM   828 C CD2 . LEU A 1 105 ? -1.115  8.745   10.713  1.00 25.91  ? 105 LEU A CD2 1 
ATOM   829 N N   . ARG A 1 106 ? 2.627   9.589   14.352  1.00 48.28  ? 106 ARG A N   1 
ATOM   830 C CA  . ARG A 1 106 ? 3.477   9.760   15.527  1.00 50.73  ? 106 ARG A CA  1 
ATOM   831 C C   . ARG A 1 106 ? 2.954   10.789  16.546  1.00 44.91  ? 106 ARG A C   1 
ATOM   832 O O   . ARG A 1 106 ? 3.215   10.672  17.749  1.00 56.88  ? 106 ARG A O   1 
ATOM   833 C CB  . ARG A 1 106 ? 4.908   10.111  15.079  1.00 61.38  ? 106 ARG A CB  1 
ATOM   834 C CG  . ARG A 1 106 ? 5.284   9.498   13.727  1.00 69.45  ? 106 ARG A CG  1 
ATOM   835 C CD  . ARG A 1 106 ? 6.591   8.729   13.760  1.00 77.13  ? 106 ARG A CD  1 
ATOM   836 N NE  . ARG A 1 106 ? 6.714   7.913   14.966  1.00 82.05  ? 106 ARG A NE  1 
ATOM   837 C CZ  . ARG A 1 106 ? 7.697   8.045   15.851  1.00 84.40  ? 106 ARG A CZ  1 
ATOM   838 N NH1 . ARG A 1 106 ? 8.647   8.953   15.652  1.00 85.52  ? 106 ARG A NH1 1 
ATOM   839 N NH2 . ARG A 1 106 ? 7.739   7.269   16.929  1.00 76.59  ? 106 ARG A NH2 1 
ATOM   840 N N   . TYR A 1 107 ? 2.198   11.781  16.074  1.00 43.90  ? 107 TYR A N   1 
ATOM   841 C CA  . TYR A 1 107 ? 1.900   12.959  16.891  1.00 40.68  ? 107 TYR A CA  1 
ATOM   842 C C   . TYR A 1 107 ? 0.519   13.601  16.613  1.00 23.77  ? 107 TYR A C   1 
ATOM   843 O O   . TYR A 1 107 ? 0.353   14.296  15.598  1.00 23.13  ? 107 TYR A O   1 
ATOM   844 C CB  . TYR A 1 107 ? 3.022   13.978  16.662  1.00 37.45  ? 107 TYR A CB  1 
ATOM   845 C CG  . TYR A 1 107 ? 2.993   15.156  17.587  1.00 53.93  ? 107 TYR A CG  1 
ATOM   846 C CD1 . TYR A 1 107 ? 3.182   14.988  18.950  1.00 67.51  ? 107 TYR A CD1 1 
ATOM   847 C CD2 . TYR A 1 107 ? 2.799   16.449  17.096  1.00 60.53  ? 107 TYR A CD2 1 
ATOM   848 C CE1 . TYR A 1 107 ? 3.166   16.066  19.811  1.00 68.32  ? 107 TYR A CE1 1 
ATOM   849 C CE2 . TYR A 1 107 ? 2.780   17.540  17.949  1.00 63.08  ? 107 TYR A CE2 1 
ATOM   850 C CZ  . TYR A 1 107 ? 2.966   17.340  19.311  1.00 61.18  ? 107 TYR A CZ  1 
ATOM   851 O OH  . TYR A 1 107 ? 2.951   18.412  20.184  1.00 68.52  ? 107 TYR A OH  1 
ATOM   852 N N   . PRO A 1 108 ? -0.469  13.384  17.510  1.00 30.19  ? 108 PRO A N   1 
ATOM   853 C CA  . PRO A 1 108 ? -1.785  14.016  17.299  1.00 39.12  ? 108 PRO A CA  1 
ATOM   854 C C   . PRO A 1 108 ? -1.725  15.517  17.510  1.00 44.34  ? 108 PRO A C   1 
ATOM   855 O O   . PRO A 1 108 ? -1.019  15.996  18.406  1.00 54.46  ? 108 PRO A O   1 
ATOM   856 C CB  . PRO A 1 108 ? -2.684  13.393  18.382  1.00 23.93  ? 108 PRO A CB  1 
ATOM   857 C CG  . PRO A 1 108 ? -1.960  12.176  18.840  1.00 41.98  ? 108 PRO A CG  1 
ATOM   858 C CD  . PRO A 1 108 ? -0.486  12.450  18.649  1.00 32.49  ? 108 PRO A CD  1 
ATOM   859 N N   . VAL A 1 109 ? -2.452  16.257  16.678  1.00 37.21  ? 109 VAL A N   1 
ATOM   860 C CA  . VAL A 1 109 ? -2.592  17.680  16.912  1.00 25.73  ? 109 VAL A CA  1 
ATOM   861 C C   . VAL A 1 109 ? -4.077  18.039  17.091  1.00 26.68  ? 109 VAL A C   1 
ATOM   862 O O   . VAL A 1 109 ? -4.939  17.559  16.334  1.00 25.93  ? 109 VAL A O   1 
ATOM   863 C CB  . VAL A 1 109 ? -1.841  18.562  15.840  1.00 29.09  ? 109 VAL A CB  1 
ATOM   864 C CG1 . VAL A 1 109 ? -0.577  17.858  15.319  1.00 16.09  ? 109 VAL A CG1 1 
ATOM   865 C CG2 . VAL A 1 109 ? -2.720  18.910  14.702  1.00 24.47  ? 109 VAL A CG2 1 
ATOM   866 N N   . CYS A 1 110 ? -4.367  18.820  18.143  1.00 36.73  ? 110 CYS A N   1 
ATOM   867 C CA  . CYS A 1 110 ? -5.711  19.360  18.381  1.00 38.30  ? 110 CYS A CA  1 
ATOM   868 C C   . CYS A 1 110 ? -5.707  20.819  17.996  1.00 36.68  ? 110 CYS A C   1 
ATOM   869 O O   . CYS A 1 110 ? -4.898  21.598  18.497  1.00 49.71  ? 110 CYS A O   1 
ATOM   870 C CB  . CYS A 1 110 ? -6.189  19.200  19.836  1.00 42.34  ? 110 CYS A CB  1 
ATOM   871 S SG  . CYS A 1 110 ? -8.025  19.181  20.018  1.00 46.42  ? 110 CYS A SG  1 
ATOM   872 N N   . GLY A 1 111 ? -6.615  21.176  17.093  1.00 38.29  ? 111 GLY A N   1 
ATOM   873 C CA  . GLY A 1 111 ? -6.710  22.526  16.571  1.00 35.30  ? 111 GLY A CA  1 
ATOM   874 C C   . GLY A 1 111 ? -7.709  23.442  17.262  1.00 29.81  ? 111 GLY A C   1 
ATOM   875 O O   . GLY A 1 111 ? -8.003  24.515  16.735  1.00 37.45  ? 111 GLY A O   1 
ATOM   876 N N   . SER A 1 112 ? -8.238  23.025  18.414  1.00 30.74  ? 112 SER A N   1 
ATOM   877 C CA  . SER A 1 112 ? -9.022  23.916  19.263  1.00 25.87  ? 112 SER A CA  1 
ATOM   878 C C   . SER A 1 112 ? -8.141  25.110  19.571  1.00 37.48  ? 112 SER A C   1 
ATOM   879 O O   . SER A 1 112 ? -6.958  24.944  19.886  1.00 47.97  ? 112 SER A O   1 
ATOM   880 C CB  . SER A 1 112 ? -9.468  23.222  20.565  1.00 32.05  ? 112 SER A CB  1 
ATOM   881 O OG  . SER A 1 112 ? -10.657 22.445  20.370  1.00 32.16  ? 112 SER A OG  1 
ATOM   882 N N   . PRO A 1 113 ? -8.697  26.324  19.435  1.00 46.05  ? 113 PRO A N   1 
ATOM   883 C CA  . PRO A 1 113 ? -7.832  27.504  19.565  1.00 41.96  ? 113 PRO A CA  1 
ATOM   884 C C   . PRO A 1 113 ? -7.239  27.648  20.971  1.00 38.43  ? 113 PRO A C   1 
ATOM   885 O O   . PRO A 1 113 ? -7.900  27.379  21.975  1.00 42.70  ? 113 PRO A O   1 
ATOM   886 C CB  . PRO A 1 113 ? -8.766  28.675  19.214  1.00 47.95  ? 113 PRO A CB  1 
ATOM   887 C CG  . PRO A 1 113 ? -10.142 28.151  19.365  1.00 27.68  ? 113 PRO A CG  1 
ATOM   888 C CD  . PRO A 1 113 ? -10.084 26.677  19.081  1.00 44.26  ? 113 PRO A CD  1 
ATOM   889 N N   . GLY A 1 114 ? -5.971  28.032  21.028  1.00 36.29  ? 114 GLY A N   1 
ATOM   890 C CA  . GLY A 1 114 ? -5.308  28.277  22.295  1.00 19.69  ? 114 GLY A CA  1 
ATOM   891 C C   . GLY A 1 114 ? -5.024  27.043  23.138  1.00 37.59  ? 114 GLY A C   1 
ATOM   892 O O   . GLY A 1 114 ? -4.665  27.192  24.311  1.00 19.02  ? 114 GLY A O   1 
ATOM   893 N N   . ILE A 1 115 ? -5.170  25.845  22.555  1.00 23.94  ? 115 ILE A N   1 
ATOM   894 C CA  . ILE A 1 115 ? -5.000  24.584  23.283  1.00 24.99  ? 115 ILE A CA  1 
ATOM   895 C C   . ILE A 1 115 ? -3.579  24.061  23.164  1.00 31.01  ? 115 ILE A C   1 
ATOM   896 O O   . ILE A 1 115 ? -2.919  24.230  22.129  1.00 38.26  ? 115 ILE A O   1 
ATOM   897 C CB  . ILE A 1 115 ? -6.008  23.481  22.822  1.00 19.64  ? 115 ILE A CB  1 
ATOM   898 C CG1 . ILE A 1 115 ? -6.452  22.618  24.010  1.00 15.28  ? 115 ILE A CG1 1 
ATOM   899 C CG2 . ILE A 1 115 ? -5.421  22.594  21.718  1.00 5.13   ? 115 ILE A CG2 1 
ATOM   900 C CD1 . ILE A 1 115 ? -7.596  21.655  23.660  1.00 19.06  ? 115 ILE A CD1 1 
ATOM   901 N N   . HIS A 1 116 ? -3.101  23.445  24.239  1.00 41.04  ? 116 HIS A N   1 
ATOM   902 C CA  . HIS A 1 116 ? -1.757  22.890  24.260  1.00 43.52  ? 116 HIS A CA  1 
ATOM   903 C C   . HIS A 1 116 ? -1.742  21.609  25.078  1.00 43.99  ? 116 HIS A C   1 
ATOM   904 O O   . HIS A 1 116 ? -2.670  21.328  25.835  1.00 31.23  ? 116 HIS A O   1 
ATOM   905 C CB  . HIS A 1 116 ? -0.730  23.891  24.816  1.00 47.20  ? 116 HIS A CB  1 
ATOM   906 C CG  . HIS A 1 116 ? -0.639  25.167  24.038  1.00 52.67  ? 116 HIS A CG  1 
ATOM   907 N ND1 . HIS A 1 116 ? 0.051   25.267  22.849  1.00 54.93  ? 116 HIS A ND1 1 
ATOM   908 C CD2 . HIS A 1 116 ? -1.155  26.397  24.278  1.00 54.95  ? 116 HIS A CD2 1 
ATOM   909 C CE1 . HIS A 1 116 ? -0.044  26.502  22.388  1.00 58.53  ? 116 HIS A CE1 1 
ATOM   910 N NE2 . HIS A 1 116 ? -0.769  27.208  23.237  1.00 59.97  ? 116 HIS A NE2 1 
ATOM   911 N N   . ARG A 1 117 ? -0.670  20.849  24.928  1.00 48.04  ? 117 ARG A N   1 
ATOM   912 C CA  . ARG A 1 117 ? -0.592  19.524  25.488  1.00 62.05  ? 117 ARG A CA  1 
ATOM   913 C C   . ARG A 1 117 ? -0.045  19.519  26.915  1.00 72.69  ? 117 ARG A C   1 
ATOM   914 O O   . ARG A 1 117 ? 0.664   20.445  27.338  1.00 71.05  ? 117 ARG A O   1 
ATOM   915 C CB  . ARG A 1 117 ? 0.281   18.660  24.586  1.00 64.11  ? 117 ARG A CB  1 
ATOM   916 C CG  . ARG A 1 117 ? -0.056  17.182  24.590  1.00 89.20  ? 117 ARG A CG  1 
ATOM   917 C CD  . ARG A 1 117 ? 1.108   16.376  24.025  1.00 100.46 ? 117 ARG A CD  1 
ATOM   918 N NE  . ARG A 1 117 ? 0.829   15.805  22.711  1.00 106.93 ? 117 ARG A NE  1 
ATOM   919 C CZ  . ARG A 1 117 ? 1.204   14.584  22.345  1.00 108.53 ? 117 ARG A CZ  1 
ATOM   920 N NH1 . ARG A 1 117 ? 1.867   13.815  23.199  1.00 107.92 ? 117 ARG A NH1 1 
ATOM   921 N NH2 . ARG A 1 117 ? 0.917   14.129  21.134  1.00 106.87 ? 117 ARG A NH2 1 
ATOM   922 N N   . ASP A 1 118 ? -0.419  18.465  27.645  1.00 88.12  ? 118 ASP A N   1 
ATOM   923 C CA  . ASP A 1 118 ? 0.147   18.105  28.949  1.00 93.77  ? 118 ASP A CA  1 
ATOM   924 C C   . ASP A 1 118 ? 0.026   19.189  30.023  1.00 95.47  ? 118 ASP A C   1 
ATOM   925 O O   . ASP A 1 118 ? 0.991   19.514  30.717  1.00 92.02  ? 118 ASP A O   1 
ATOM   926 C CB  . ASP A 1 118 ? 1.596   17.621  28.794  1.00 99.67  ? 118 ASP A CB  1 
ATOM   927 C CG  . ASP A 1 118 ? 1.709   16.369  27.919  1.00 106.41 ? 118 ASP A CG  1 
ATOM   928 O OD1 . ASP A 1 118 ? 0.709   15.622  27.802  1.00 110.41 ? 118 ASP A OD1 1 
ATOM   929 O OD2 . ASP A 1 118 ? 2.795   16.131  27.345  1.00 109.63 ? 118 ASP A OD2 1 
ATOM   930 O OXT . ASP A 1 118 ? -1.050  19.754  30.229  1.00 96.19  ? 118 ASP A OXT 1 
HETATM 931 C C1  . CIT B 2 .   ? 2.538   -13.399 -1.627  1.00 110.29 ? 335 CIT A C1  1 
HETATM 932 O O1  . CIT B 2 .   ? 3.599   -13.388 -2.291  1.00 109.99 ? 335 CIT A O1  1 
HETATM 933 O O2  . CIT B 2 .   ? 2.289   -14.398 -0.916  1.00 107.09 ? 335 CIT A O2  1 
HETATM 934 C C2  . CIT B 2 .   ? 1.554   -12.249 -1.684  1.00 109.49 ? 335 CIT A C2  1 
HETATM 935 C C3  . CIT B 2 .   ? 1.522   -11.491 -0.357  1.00 110.87 ? 335 CIT A C3  1 
HETATM 936 O O7  . CIT B 2 .   ? 0.524   -12.124 0.475   1.00 110.43 ? 335 CIT A O7  1 
HETATM 937 C C4  . CIT B 2 .   ? 2.900   -11.531 0.309   1.00 109.48 ? 335 CIT A C4  1 
HETATM 938 C C5  . CIT B 2 .   ? 3.000   -11.012 1.735   1.00 112.76 ? 335 CIT A C5  1 
HETATM 939 O O3  . CIT B 2 .   ? 3.024   -9.784  1.982   1.00 114.26 ? 335 CIT A O3  1 
HETATM 940 O O4  . CIT B 2 .   ? 3.111   -11.802 2.698   1.00 110.80 ? 335 CIT A O4  1 
HETATM 941 C C6  . CIT B 2 .   ? 1.098   -10.060 -0.662  1.00 110.53 ? 335 CIT A C6  1 
HETATM 942 O O5  . CIT B 2 .   ? -0.074  -9.830  -1.043  1.00 114.28 ? 335 CIT A O5  1 
HETATM 943 O O6  . CIT B 2 .   ? 1.904   -9.106  -0.552  1.00 111.00 ? 335 CIT A O6  1 
HETATM 944 O O   . HOH C 3 .   ? 13.204  -12.497 1.339   1.00 18.99  ? 119 HOH A O   1 
HETATM 945 O O   . HOH C 3 .   ? -0.454  -4.025  -25.559 1.00 30.90  ? 120 HOH A O   1 
HETATM 946 O O   . HOH C 3 .   ? 7.408   5.418   8.677   1.00 36.64  ? 121 HOH A O   1 
HETATM 947 O O   . HOH C 3 .   ? 1.544   -9.947  -19.126 1.00 31.79  ? 122 HOH A O   1 
HETATM 948 O O   . HOH C 3 .   ? 5.334   -17.773 -8.321  1.00 50.57  ? 123 HOH A O   1 
HETATM 949 O O   . HOH C 3 .   ? -6.101  0.565   -21.355 1.00 50.57  ? 124 HOH A O   1 
HETATM 950 O O   . HOH C 3 .   ? -5.082  25.071  18.134  1.00 50.57  ? 125 HOH A O   1 
HETATM 951 O O   . HOH C 3 .   ? -2.954  26.569  19.603  1.00 50.57  ? 126 HOH A O   1 
HETATM 952 O O   . HOH C 3 .   ? -0.350  -2.411  6.657   1.00 50.57  ? 127 HOH A O   1 
HETATM 953 O O   . HOH C 3 .   ? 15.678  -0.943  3.489   1.00 50.57  ? 128 HOH A O   1 
HETATM 954 O O   . HOH C 3 .   ? 10.055  -16.336 -4.646  1.00 50.57  ? 129 HOH A O   1 
HETATM 955 O O   . HOH C 3 .   ? -3.386  28.528  19.312  1.00 50.57  ? 130 HOH A O   1 
HETATM 956 O O   . HOH C 3 .   ? 6.623   -3.485  2.168   1.00 50.57  ? 131 HOH A O   1 
HETATM 957 O O   . HOH C 3 .   ? 12.815  -14.886 -4.682  1.00 50.57  ? 132 HOH A O   1 
HETATM 958 O O   . HOH C 3 .   ? 14.220  9.774   3.231   1.00 50.57  ? 133 HOH A O   1 
HETATM 959 O O   . HOH C 3 .   ? -5.047  -2.032  16.340  1.00 50.57  ? 134 HOH A O   1 
HETATM 960 O O   . HOH C 3 .   ? -7.770  -6.016  -21.624 1.00 50.57  ? 135 HOH A O   1 
# 
